data_3MXZ
# 
_entry.id   3MXZ 
# 
_audit_conform.dict_name       mmcif_pdbx.dic 
_audit_conform.dict_version    5.380 
_audit_conform.dict_location   http://mmcif.pdb.org/dictionaries/ascii/mmcif_pdbx.dic 
# 
loop_
_database_2.database_id 
_database_2.database_code 
_database_2.pdbx_database_accession 
_database_2.pdbx_DOI 
PDB   3MXZ         pdb_00003mxz 10.2210/pdb3mxz/pdb 
RCSB  RCSB059134   ?            ?                   
WWPDB D_1000059134 ?            ?                   
# 
_pdbx_database_status.entry_id                        3MXZ 
_pdbx_database_status.status_code                     REL 
_pdbx_database_status.deposit_site                    RCSB 
_pdbx_database_status.process_site                    PDBJ 
_pdbx_database_status.recvd_initial_deposition_date   2010-05-08 
_pdbx_database_status.status_code_sf                  REL 
_pdbx_database_status.status_code_mr                  ? 
_pdbx_database_status.SG_entry                        ? 
_pdbx_database_status.pdb_format_compatible           Y 
_pdbx_database_status.status_code_cs                  ? 
_pdbx_database_status.methods_development_category    ? 
_pdbx_database_status.status_code_nmr_data            ? 
# 
loop_
_audit_author.name 
_audit_author.pdbx_ordinal 
'Lu, L.'   1 
'Nan, J.'  2 
'Mi, W.'   3 
'Su, X.D.' 4 
'Li, Y.'   5 
# 
loop_
_citation.id 
_citation.title 
_citation.journal_abbrev 
_citation.journal_volume 
_citation.page_first 
_citation.page_last 
_citation.year 
_citation.journal_id_ASTM 
_citation.country 
_citation.journal_id_ISSN 
_citation.journal_id_CSD 
_citation.book_publisher 
_citation.pdbx_database_id_PubMed 
_citation.pdbx_database_id_DOI 
primary 'Crystal structure of tubulin folding cofactor A from Arabidopsis thaliana and its beta-tubulin binding characterization' 
'Febs Lett.'               584 3533 3539 2010 FEBLAL NE 0014-5793 0165 ? 20638386 10.1016/j.febslet.2010.07.017 
1       'Crystallization and preliminary X-ray analysis of tubulin-folding cofactor A from Arabidopsis thaliana'                  
'Acta Crystallogr.,Sect.F' 66  954  956  2010 ?      DK 1744-3091 ?    ? 20693679 10.1107/S1744309110023900     
# 
loop_
_citation_author.citation_id 
_citation_author.name 
_citation_author.ordinal 
_citation_author.identifier_ORCID 
primary 'Lu, L.'    1  ? 
primary 'Nan, J.'   2  ? 
primary 'Mi, W.'    3  ? 
primary 'Li, L.F.'  4  ? 
primary 'Wei, C.H.' 5  ? 
primary 'Su, X.D.'  6  ? 
primary 'Li, Y.'    7  ? 
1       'Lu, L.'    8  ? 
1       'Nan, J.'   9  ? 
1       'Mi, W.'    10 ? 
1       'Wei, C.H.' 11 ? 
1       'Li, L.F.'  12 ? 
1       'Li, Y.'    13 ? 
# 
_cell.entry_id           3MXZ 
_cell.length_a           54.974 
_cell.length_b           54.974 
_cell.length_c           67.419 
_cell.angle_alpha        90.00 
_cell.angle_beta         90.00 
_cell.angle_gamma        90.00 
_cell.Z_PDB              8 
_cell.pdbx_unique_axis   ? 
_cell.length_a_esd       ? 
_cell.length_b_esd       ? 
_cell.length_c_esd       ? 
_cell.angle_alpha_esd    ? 
_cell.angle_beta_esd     ? 
_cell.angle_gamma_esd    ? 
# 
_symmetry.entry_id                         3MXZ 
_symmetry.space_group_name_H-M             'I 41' 
_symmetry.pdbx_full_space_group_name_H-M   ? 
_symmetry.cell_setting                     ? 
_symmetry.Int_Tables_number                80 
_symmetry.space_group_name_Hall            ? 
# 
loop_
_entity.id 
_entity.type 
_entity.src_method 
_entity.pdbx_description 
_entity.formula_weight 
_entity.pdbx_number_of_molecules 
_entity.pdbx_ec 
_entity.pdbx_mutation 
_entity.pdbx_fragment 
_entity.details 
1 polymer     man 'Tubulin-specific chaperone A' 13128.794 1   ? ? ? ? 
2 non-polymer syn 'NITRATE ION'                  62.005    2   ? ? ? ? 
3 water       nat water                          18.015    188 ? ? ? ? 
# 
_entity_poly.entity_id                      1 
_entity_poly.type                           'polypeptide(L)' 
_entity_poly.nstd_linkage                   no 
_entity_poly.nstd_monomer                   no 
_entity_poly.pdbx_seq_one_letter_code       
;GSHMATIRNLKIKTSTCKRIVKELHSYEKEVEREAAKTADMKDKGADPYDLKQQENVLGESRMMIPDCHKRLESALADLK
STLAELEETDEKEGPEIEDAKKTVADVEKQFPTEDA
;
_entity_poly.pdbx_seq_one_letter_code_can   
;GSHMATIRNLKIKTSTCKRIVKELHSYEKEVEREAAKTADMKDKGADPYDLKQQENVLGESRMMIPDCHKRLESALADLK
STLAELEETDEKEGPEIEDAKKTVADVEKQFPTEDA
;
_entity_poly.pdbx_strand_id                 A 
_entity_poly.pdbx_target_identifier         ? 
# 
loop_
_entity_poly_seq.entity_id 
_entity_poly_seq.num 
_entity_poly_seq.mon_id 
_entity_poly_seq.hetero 
1 1   GLY n 
1 2   SER n 
1 3   HIS n 
1 4   MET n 
1 5   ALA n 
1 6   THR n 
1 7   ILE n 
1 8   ARG n 
1 9   ASN n 
1 10  LEU n 
1 11  LYS n 
1 12  ILE n 
1 13  LYS n 
1 14  THR n 
1 15  SER n 
1 16  THR n 
1 17  CYS n 
1 18  LYS n 
1 19  ARG n 
1 20  ILE n 
1 21  VAL n 
1 22  LYS n 
1 23  GLU n 
1 24  LEU n 
1 25  HIS n 
1 26  SER n 
1 27  TYR n 
1 28  GLU n 
1 29  LYS n 
1 30  GLU n 
1 31  VAL n 
1 32  GLU n 
1 33  ARG n 
1 34  GLU n 
1 35  ALA n 
1 36  ALA n 
1 37  LYS n 
1 38  THR n 
1 39  ALA n 
1 40  ASP n 
1 41  MET n 
1 42  LYS n 
1 43  ASP n 
1 44  LYS n 
1 45  GLY n 
1 46  ALA n 
1 47  ASP n 
1 48  PRO n 
1 49  TYR n 
1 50  ASP n 
1 51  LEU n 
1 52  LYS n 
1 53  GLN n 
1 54  GLN n 
1 55  GLU n 
1 56  ASN n 
1 57  VAL n 
1 58  LEU n 
1 59  GLY n 
1 60  GLU n 
1 61  SER n 
1 62  ARG n 
1 63  MET n 
1 64  MET n 
1 65  ILE n 
1 66  PRO n 
1 67  ASP n 
1 68  CYS n 
1 69  HIS n 
1 70  LYS n 
1 71  ARG n 
1 72  LEU n 
1 73  GLU n 
1 74  SER n 
1 75  ALA n 
1 76  LEU n 
1 77  ALA n 
1 78  ASP n 
1 79  LEU n 
1 80  LYS n 
1 81  SER n 
1 82  THR n 
1 83  LEU n 
1 84  ALA n 
1 85  GLU n 
1 86  LEU n 
1 87  GLU n 
1 88  GLU n 
1 89  THR n 
1 90  ASP n 
1 91  GLU n 
1 92  LYS n 
1 93  GLU n 
1 94  GLY n 
1 95  PRO n 
1 96  GLU n 
1 97  ILE n 
1 98  GLU n 
1 99  ASP n 
1 100 ALA n 
1 101 LYS n 
1 102 LYS n 
1 103 THR n 
1 104 VAL n 
1 105 ALA n 
1 106 ASP n 
1 107 VAL n 
1 108 GLU n 
1 109 LYS n 
1 110 GLN n 
1 111 PHE n 
1 112 PRO n 
1 113 THR n 
1 114 GLU n 
1 115 ASP n 
1 116 ALA n 
# 
_entity_src_gen.entity_id                          1 
_entity_src_gen.pdbx_src_id                        1 
_entity_src_gen.pdbx_alt_source_flag               sample 
_entity_src_gen.pdbx_seq_type                      ? 
_entity_src_gen.pdbx_beg_seq_num                   ? 
_entity_src_gen.pdbx_end_seq_num                   ? 
_entity_src_gen.gene_src_common_name               'Mouse-ear cress' 
_entity_src_gen.gene_src_genus                     ? 
_entity_src_gen.pdbx_gene_src_gene                 KIS 
_entity_src_gen.gene_src_species                   ? 
_entity_src_gen.gene_src_strain                    ? 
_entity_src_gen.gene_src_tissue                    ? 
_entity_src_gen.gene_src_tissue_fraction           ? 
_entity_src_gen.gene_src_details                   ? 
_entity_src_gen.pdbx_gene_src_fragment             ? 
_entity_src_gen.pdbx_gene_src_scientific_name      'Arabidopsis thaliana' 
_entity_src_gen.pdbx_gene_src_ncbi_taxonomy_id     3702 
_entity_src_gen.pdbx_gene_src_variant              ? 
_entity_src_gen.pdbx_gene_src_cell_line            ? 
_entity_src_gen.pdbx_gene_src_atcc                 ? 
_entity_src_gen.pdbx_gene_src_organ                ? 
_entity_src_gen.pdbx_gene_src_organelle            ? 
_entity_src_gen.pdbx_gene_src_cell                 ? 
_entity_src_gen.pdbx_gene_src_cellular_location    ? 
_entity_src_gen.host_org_common_name               ? 
_entity_src_gen.pdbx_host_org_scientific_name      'Escherichia coli' 
_entity_src_gen.pdbx_host_org_ncbi_taxonomy_id     562 
_entity_src_gen.host_org_genus                     ? 
_entity_src_gen.pdbx_host_org_gene                 ? 
_entity_src_gen.pdbx_host_org_organ                ? 
_entity_src_gen.host_org_species                   ? 
_entity_src_gen.pdbx_host_org_tissue               ? 
_entity_src_gen.pdbx_host_org_tissue_fraction      ? 
_entity_src_gen.pdbx_host_org_strain               Rosetta 
_entity_src_gen.pdbx_host_org_variant              ? 
_entity_src_gen.pdbx_host_org_cell_line            ? 
_entity_src_gen.pdbx_host_org_atcc                 ? 
_entity_src_gen.pdbx_host_org_culture_collection   ? 
_entity_src_gen.pdbx_host_org_cell                 ? 
_entity_src_gen.pdbx_host_org_organelle            ? 
_entity_src_gen.pdbx_host_org_cellular_location    ? 
_entity_src_gen.pdbx_host_org_vector_type          plasmid 
_entity_src_gen.pdbx_host_org_vector               ? 
_entity_src_gen.host_org_details                   ? 
_entity_src_gen.expression_system_id               ? 
_entity_src_gen.plasmid_name                       pET28a 
_entity_src_gen.plasmid_details                    ? 
_entity_src_gen.pdbx_description                   ? 
# 
_struct_ref.id                         1 
_struct_ref.db_name                    UNP 
_struct_ref.db_code                    TBCA_ARATH 
_struct_ref.pdbx_db_accession          O04350 
_struct_ref.entity_id                  1 
_struct_ref.pdbx_seq_one_letter_code   
;MATIRNLKIKTSTCKRIVKELHSYEKEVEREAAKTADMKDKGADPYDLKQQENVLGESRMMIPDCHKRLESALADLKSTL
AELEETDEKEGPEIEDAKKTVADVEKQFPTEDA
;
_struct_ref.pdbx_align_begin           1 
_struct_ref.pdbx_db_isoform            ? 
# 
_struct_ref_seq.align_id                      1 
_struct_ref_seq.ref_id                        1 
_struct_ref_seq.pdbx_PDB_id_code              3MXZ 
_struct_ref_seq.pdbx_strand_id                A 
_struct_ref_seq.seq_align_beg                 4 
_struct_ref_seq.pdbx_seq_align_beg_ins_code   ? 
_struct_ref_seq.seq_align_end                 116 
_struct_ref_seq.pdbx_seq_align_end_ins_code   ? 
_struct_ref_seq.pdbx_db_accession             O04350 
_struct_ref_seq.db_align_beg                  1 
_struct_ref_seq.pdbx_db_align_beg_ins_code    ? 
_struct_ref_seq.db_align_end                  113 
_struct_ref_seq.pdbx_db_align_end_ins_code    ? 
_struct_ref_seq.pdbx_auth_seq_align_beg       1 
_struct_ref_seq.pdbx_auth_seq_align_end       113 
# 
loop_
_struct_ref_seq_dif.align_id 
_struct_ref_seq_dif.pdbx_pdb_id_code 
_struct_ref_seq_dif.mon_id 
_struct_ref_seq_dif.pdbx_pdb_strand_id 
_struct_ref_seq_dif.seq_num 
_struct_ref_seq_dif.pdbx_pdb_ins_code 
_struct_ref_seq_dif.pdbx_seq_db_name 
_struct_ref_seq_dif.pdbx_seq_db_accession_code 
_struct_ref_seq_dif.db_mon_id 
_struct_ref_seq_dif.pdbx_seq_db_seq_num 
_struct_ref_seq_dif.details 
_struct_ref_seq_dif.pdbx_auth_seq_num 
_struct_ref_seq_dif.pdbx_ordinal 
1 3MXZ GLY A 1 ? UNP O04350 ? ? 'expression tag' -2 1 
1 3MXZ SER A 2 ? UNP O04350 ? ? 'expression tag' -1 2 
1 3MXZ HIS A 3 ? UNP O04350 ? ? 'expression tag' 0  3 
# 
loop_
_chem_comp.id 
_chem_comp.type 
_chem_comp.mon_nstd_flag 
_chem_comp.name 
_chem_comp.pdbx_synonyms 
_chem_comp.formula 
_chem_comp.formula_weight 
ALA 'L-peptide linking' y ALANINE         ? 'C3 H7 N O2'     89.093  
ARG 'L-peptide linking' y ARGININE        ? 'C6 H15 N4 O2 1' 175.209 
ASN 'L-peptide linking' y ASPARAGINE      ? 'C4 H8 N2 O3'    132.118 
ASP 'L-peptide linking' y 'ASPARTIC ACID' ? 'C4 H7 N O4'     133.103 
CYS 'L-peptide linking' y CYSTEINE        ? 'C3 H7 N O2 S'   121.158 
GLN 'L-peptide linking' y GLUTAMINE       ? 'C5 H10 N2 O3'   146.144 
GLU 'L-peptide linking' y 'GLUTAMIC ACID' ? 'C5 H9 N O4'     147.129 
GLY 'peptide linking'   y GLYCINE         ? 'C2 H5 N O2'     75.067  
HIS 'L-peptide linking' y HISTIDINE       ? 'C6 H10 N3 O2 1' 156.162 
HOH non-polymer         . WATER           ? 'H2 O'           18.015  
ILE 'L-peptide linking' y ISOLEUCINE      ? 'C6 H13 N O2'    131.173 
LEU 'L-peptide linking' y LEUCINE         ? 'C6 H13 N O2'    131.173 
LYS 'L-peptide linking' y LYSINE          ? 'C6 H15 N2 O2 1' 147.195 
MET 'L-peptide linking' y METHIONINE      ? 'C5 H11 N O2 S'  149.211 
NO3 non-polymer         . 'NITRATE ION'   ? 'N O3 -1'        62.005  
PHE 'L-peptide linking' y PHENYLALANINE   ? 'C9 H11 N O2'    165.189 
PRO 'L-peptide linking' y PROLINE         ? 'C5 H9 N O2'     115.130 
SER 'L-peptide linking' y SERINE          ? 'C3 H7 N O3'     105.093 
THR 'L-peptide linking' y THREONINE       ? 'C4 H9 N O3'     119.119 
TYR 'L-peptide linking' y TYROSINE        ? 'C9 H11 N O3'    181.189 
VAL 'L-peptide linking' y VALINE          ? 'C5 H11 N O2'    117.146 
# 
_exptl.crystals_number   1 
_exptl.entry_id          3MXZ 
_exptl.method            'X-RAY DIFFRACTION' 
# 
_exptl_crystal.id                    1 
_exptl_crystal.pdbx_mosaicity        0.245 
_exptl_crystal.pdbx_mosaicity_esd    ? 
_exptl_crystal.density_Matthews      1.94 
_exptl_crystal.density_diffrn        ? 
_exptl_crystal.density_meas          ? 
_exptl_crystal.density_meas_temp     ? 
_exptl_crystal.density_percent_sol   36.59 
_exptl_crystal.size_max              ? 
_exptl_crystal.size_mid              ? 
_exptl_crystal.size_min              ? 
_exptl_crystal.size_rad              ? 
_exptl_crystal.description           ? 
_exptl_crystal.F_000                 ? 
_exptl_crystal.preparation           ? 
# 
_exptl_crystal_grow.crystal_id      1 
_exptl_crystal_grow.method          'VAPOR DIFFUSION, SITTING DROP' 
_exptl_crystal_grow.pH              4.6 
_exptl_crystal_grow.temp            289 
_exptl_crystal_grow.pdbx_details    
'35% PEG3350, 0.4M Sodium Nitrate, 0.1M Sodium Acetate, pH 4.6, vapor diffusion, sitting drop, temperature 289K' 
_exptl_crystal_grow.temp_details    ? 
_exptl_crystal_grow.pdbx_pH_range   . 
# 
_diffrn.id                     1 
_diffrn.ambient_temp           100 
_diffrn.ambient_temp_details   ? 
_diffrn.crystal_id             1 
# 
_diffrn_detector.diffrn_id              1 
_diffrn_detector.detector               CCD 
_diffrn_detector.type                   'MAR CCD 165 mm' 
_diffrn_detector.pdbx_collection_date   2007-10-13 
_diffrn_detector.details                ? 
# 
_diffrn_radiation.diffrn_id                        1 
_diffrn_radiation.pdbx_diffrn_protocol             'SINGLE WAVELENGTH' 
_diffrn_radiation.monochromator                    ? 
_diffrn_radiation.wavelength_id                    1 
_diffrn_radiation.pdbx_monochromatic_or_laue_m_l   M 
_diffrn_radiation.pdbx_scattering_type             x-ray 
# 
_diffrn_radiation_wavelength.id           1 
_diffrn_radiation_wavelength.wavelength   0.80150 
_diffrn_radiation_wavelength.wt           1.0 
# 
_diffrn_source.diffrn_id                   1 
_diffrn_source.source                      SYNCHROTRON 
_diffrn_source.type                        'EMBL/DESY, HAMBURG BEAMLINE BW7A' 
_diffrn_source.pdbx_wavelength_list        0.80150 
_diffrn_source.pdbx_wavelength             ? 
_diffrn_source.pdbx_synchrotron_site       'EMBL/DESY, HAMBURG' 
_diffrn_source.pdbx_synchrotron_beamline   BW7A 
# 
_reflns.entry_id                     3MXZ 
_reflns.d_resolution_high            1.599 
_reflns.d_resolution_low             20.000 
_reflns.number_obs                   13258 
_reflns.pdbx_Rmerge_I_obs            ? 
_reflns.pdbx_netI_over_sigmaI        ? 
_reflns.pdbx_chi_squared             ? 
_reflns.pdbx_redundancy              ? 
_reflns.percent_possible_obs         99.800 
_reflns.observed_criterion_sigma_F   ? 
_reflns.observed_criterion_sigma_I   ? 
_reflns.number_all                   ? 
_reflns.pdbx_Rsym_value              ? 
_reflns.B_iso_Wilson_estimate        16.000 
_reflns.R_free_details               ? 
_reflns.limit_h_max                  ? 
_reflns.limit_h_min                  ? 
_reflns.limit_k_max                  ? 
_reflns.limit_k_min                  ? 
_reflns.limit_l_max                  ? 
_reflns.limit_l_min                  ? 
_reflns.observed_criterion_F_max     ? 
_reflns.observed_criterion_F_min     ? 
_reflns.pdbx_scaling_rejects         ? 
_reflns.pdbx_diffrn_id               1 
_reflns.pdbx_ordinal                 1 
# 
_reflns_shell.d_res_high             1.60 
_reflns_shell.d_res_low              1.66 
_reflns_shell.number_measured_obs    ? 
_reflns_shell.number_measured_all    ? 
_reflns_shell.number_unique_obs      ? 
_reflns_shell.Rmerge_I_obs           0.330 
_reflns_shell.meanI_over_sigI_obs    4.24 
_reflns_shell.pdbx_Rsym_value        ? 
_reflns_shell.pdbx_chi_squared       0.787 
_reflns_shell.pdbx_redundancy        5.50 
_reflns_shell.percent_possible_obs   ? 
_reflns_shell.number_unique_all      1305 
_reflns_shell.percent_possible_all   98.50 
_reflns_shell.pdbx_diffrn_id         ? 
_reflns_shell.pdbx_ordinal           1 
# 
_refine.entry_id                                 3MXZ 
_refine.ls_d_res_high                            1.599 
_refine.ls_d_res_low                             17.683 
_refine.pdbx_ls_sigma_F                          1.34 
_refine.pdbx_data_cutoff_high_absF               ? 
_refine.pdbx_data_cutoff_low_absF                ? 
_refine.ls_percent_reflns_obs                    99.800 
_refine.ls_number_reflns_obs                     13246 
_refine.ls_number_reflns_all                     ? 
_refine.pdbx_ls_cross_valid_method               ? 
_refine.pdbx_R_Free_selection_details            ? 
_refine.details                                  ? 
_refine.ls_R_factor_all                          ? 
_refine.ls_R_factor_obs                          0.177 
_refine.ls_R_factor_R_work                       0.176 
_refine.ls_wR_factor_R_work                      ? 
_refine.ls_R_factor_R_free                       0.208 
_refine.ls_wR_factor_R_free                      ? 
_refine.ls_percent_reflns_R_free                 4.930 
_refine.ls_number_reflns_R_free                  653 
_refine.ls_R_factor_R_free_error                 ? 
_refine.B_iso_mean                               23.147 
_refine.solvent_model_param_bsol                 71.513 
_refine.solvent_model_param_ksol                 0.403 
_refine.pdbx_isotropic_thermal_model             ? 
_refine.aniso_B[1][1]                            -0.554 
_refine.aniso_B[2][2]                            -0.554 
_refine.aniso_B[3][3]                            1.026 
_refine.aniso_B[1][2]                            -0.000 
_refine.aniso_B[1][3]                            0.000 
_refine.aniso_B[2][3]                            -0.000 
_refine.correlation_coeff_Fo_to_Fc               ? 
_refine.correlation_coeff_Fo_to_Fc_free          ? 
_refine.overall_SU_R_Cruickshank_DPI             ? 
_refine.overall_SU_R_free                        ? 
_refine.pdbx_overall_ESU_R_Free                  ? 
_refine.overall_SU_ML                            0.230 
_refine.overall_SU_B                             ? 
_refine.solvent_model_details                    'FLAT BULK SOLVENT MODEL' 
_refine.pdbx_solvent_vdw_probe_radii             1.110 
_refine.pdbx_solvent_ion_probe_radii             ? 
_refine.pdbx_solvent_shrinkage_radii             0.900 
_refine.ls_number_parameters                     ? 
_refine.ls_number_restraints                     ? 
_refine.pdbx_starting_model                      'PDB ENTRY 1QSD' 
_refine.pdbx_method_to_determine_struct          'MOLECULAR REPLACEMENT' 
_refine.pdbx_stereochemistry_target_values       ML 
_refine.pdbx_stereochem_target_val_spec_case     ? 
_refine.overall_FOM_work_R_set                   0.862 
_refine.B_iso_max                                102.71 
_refine.B_iso_min                                2.93 
_refine.pdbx_overall_phase_error                 20.950 
_refine.occupancy_max                            1.00 
_refine.occupancy_min                            0.50 
_refine.pdbx_ls_sigma_I                          ? 
_refine.ls_redundancy_reflns_obs                 ? 
_refine.ls_R_factor_R_free_error_details         ? 
_refine.pdbx_data_cutoff_high_rms_absF           ? 
_refine.overall_FOM_free_R_set                   ? 
_refine.pdbx_refine_id                           'X-RAY DIFFRACTION' 
_refine.pdbx_overall_ESU_R                       ? 
_refine.pdbx_diffrn_id                           1 
_refine.pdbx_TLS_residual_ADP_flag               ? 
_refine.pdbx_overall_SU_R_free_Cruickshank_DPI   ? 
_refine.pdbx_overall_SU_R_Blow_DPI               ? 
_refine.pdbx_overall_SU_R_free_Blow_DPI          ? 
# 
_refine_hist.pdbx_refine_id                   'X-RAY DIFFRACTION' 
_refine_hist.cycle_id                         LAST 
_refine_hist.pdbx_number_atoms_protein        810 
_refine_hist.pdbx_number_atoms_nucleic_acid   0 
_refine_hist.pdbx_number_atoms_ligand         8 
_refine_hist.number_atoms_solvent             188 
_refine_hist.number_atoms_total               1006 
_refine_hist.d_res_high                       1.599 
_refine_hist.d_res_low                        17.683 
# 
loop_
_refine_ls_restr.pdbx_refine_id 
_refine_ls_restr.type 
_refine_ls_restr.number 
_refine_ls_restr.dev_ideal 
_refine_ls_restr.dev_ideal_target 
_refine_ls_restr.weight 
_refine_ls_restr.pdbx_restraint_function 
'X-RAY DIFFRACTION' f_bond_d           832  0.007  ? ? ? 
'X-RAY DIFFRACTION' f_angle_d          1096 1.064  ? ? ? 
'X-RAY DIFFRACTION' f_chiral_restr     128  0.059  ? ? ? 
'X-RAY DIFFRACTION' f_plane_restr      143  0.004  ? ? ? 
'X-RAY DIFFRACTION' f_dihedral_angle_d 319  12.663 ? ? ? 
# 
loop_
_refine_ls_shell.d_res_high 
_refine_ls_shell.d_res_low 
_refine_ls_shell.pdbx_total_number_of_bins_used 
_refine_ls_shell.percent_reflns_obs 
_refine_ls_shell.number_reflns_R_work 
_refine_ls_shell.R_factor_all 
_refine_ls_shell.R_factor_R_work 
_refine_ls_shell.R_factor_R_free 
_refine_ls_shell.percent_reflns_R_free 
_refine_ls_shell.number_reflns_R_free 
_refine_ls_shell.R_factor_R_free_error 
_refine_ls_shell.number_reflns_all 
_refine_ls_shell.number_reflns_obs 
_refine_ls_shell.pdbx_refine_id 
_refine_ls_shell.redundancy_reflns_obs 
1.599 1.723  5 99.000  2509 . 0.208 0.277 . 128 . 2637 . 'X-RAY DIFFRACTION' . 
1.723 1.896  5 100.000 2527 . 0.192 0.231 . 125 . 2652 . 'X-RAY DIFFRACTION' . 
1.896 2.170  5 100.000 2484 . 0.156 0.220 . 136 . 2620 . 'X-RAY DIFFRACTION' . 
2.170 2.732  5 100.000 2516 . 0.161 0.173 . 136 . 2652 . 'X-RAY DIFFRACTION' . 
2.732 17.684 5 100.000 2557 . 0.175 0.204 . 128 . 2685 . 'X-RAY DIFFRACTION' . 
# 
_struct.entry_id                  3MXZ 
_struct.title                     'Crystal Structure of tubulin folding cofactor A from Arabidopsis thaliana' 
_struct.pdbx_model_details        ? 
_struct.pdbx_CASP_flag            ? 
_struct.pdbx_model_type_details   ? 
# 
_struct_keywords.entry_id        3MXZ 
_struct_keywords.text            'helix bundle, Chaperone' 
_struct_keywords.pdbx_keywords   CHAPERONE 
# 
loop_
_struct_asym.id 
_struct_asym.pdbx_blank_PDB_chainid_flag 
_struct_asym.pdbx_modified 
_struct_asym.entity_id 
_struct_asym.details 
A N N 1 ? 
B N N 2 ? 
C N N 2 ? 
D N N 3 ? 
# 
_struct_biol.id        1 
_struct_biol.details   ? 
# 
loop_
_struct_conf.conf_type_id 
_struct_conf.id 
_struct_conf.pdbx_PDB_helix_id 
_struct_conf.beg_label_comp_id 
_struct_conf.beg_label_asym_id 
_struct_conf.beg_label_seq_id 
_struct_conf.pdbx_beg_PDB_ins_code 
_struct_conf.end_label_comp_id 
_struct_conf.end_label_asym_id 
_struct_conf.end_label_seq_id 
_struct_conf.pdbx_end_PDB_ins_code 
_struct_conf.beg_auth_comp_id 
_struct_conf.beg_auth_asym_id 
_struct_conf.beg_auth_seq_id 
_struct_conf.end_auth_comp_id 
_struct_conf.end_auth_asym_id 
_struct_conf.end_auth_seq_id 
_struct_conf.pdbx_PDB_helix_class 
_struct_conf.details 
_struct_conf.pdbx_PDB_helix_length 
HELX_P HELX_P1 1 HIS A 3  ? LYS A 44  ? HIS A 0  LYS A 41  1 ? 42 
HELX_P HELX_P2 2 ASP A 47 ? GLU A 88  ? ASP A 44 GLU A 85  1 ? 42 
HELX_P HELX_P3 3 GLY A 94 ? LYS A 109 ? GLY A 91 LYS A 106 1 ? 16 
# 
_struct_conf_type.id          HELX_P 
_struct_conf_type.criteria    ? 
_struct_conf_type.reference   ? 
# 
loop_
_struct_site.id 
_struct_site.pdbx_evidence_code 
_struct_site.pdbx_auth_asym_id 
_struct_site.pdbx_auth_comp_id 
_struct_site.pdbx_auth_seq_id 
_struct_site.pdbx_auth_ins_code 
_struct_site.pdbx_num_residues 
_struct_site.details 
AC1 Software A NO3 501 ? 7 'BINDING SITE FOR RESIDUE NO3 A 501' 
AC2 Software A NO3 506 ? 8 'BINDING SITE FOR RESIDUE NO3 A 506' 
# 
loop_
_struct_site_gen.id 
_struct_site_gen.site_id 
_struct_site_gen.pdbx_num_res 
_struct_site_gen.label_comp_id 
_struct_site_gen.label_asym_id 
_struct_site_gen.label_seq_id 
_struct_site_gen.pdbx_auth_ins_code 
_struct_site_gen.auth_comp_id 
_struct_site_gen.auth_asym_id 
_struct_site_gen.auth_seq_id 
_struct_site_gen.label_atom_id 
_struct_site_gen.label_alt_id 
_struct_site_gen.symmetry 
_struct_site_gen.details 
1  AC1 7 ILE A 7  ? ILE A 4   . ? 4_464 ? 
2  AC1 7 LYS A 52 ? LYS A 49  . ? 1_555 ? 
3  AC1 7 ASN A 56 ? ASN A 53  . ? 1_555 ? 
4  AC1 7 GLY A 94 ? GLY A 91  . ? 4_464 ? 
5  AC1 7 PRO A 95 ? PRO A 92  . ? 4_464 ? 
6  AC1 7 GLU A 96 ? GLU A 93  . ? 4_464 ? 
7  AC1 7 ILE A 97 ? ILE A 94  . ? 4_464 ? 
8  AC2 8 ILE A 20 ? ILE A 17  . ? 6_665 ? 
9  AC2 8 ILE A 20 ? ILE A 17  . ? 1_555 ? 
10 AC2 8 ARG A 71 ? ARG A 68  . ? 1_555 ? 
11 AC2 8 ARG A 71 ? ARG A 68  . ? 6_665 ? 
12 AC2 8 HOH D .  ? HOH A 194 . ? 1_555 ? 
13 AC2 8 HOH D .  ? HOH A 194 . ? 6_665 ? 
14 AC2 8 HOH D .  ? HOH A 232 . ? 1_555 ? 
15 AC2 8 HOH D .  ? HOH A 232 . ? 6_665 ? 
# 
_atom_sites.entry_id                    3MXZ 
_atom_sites.fract_transf_matrix[1][1]   -0.01736045 
_atom_sites.fract_transf_matrix[1][2]   -0.00183653 
_atom_sites.fract_transf_matrix[1][3]   0.00511059 
_atom_sites.fract_transf_matrix[2][1]   0.00526059 
_atom_sites.fract_transf_matrix[2][2]   -0.00143804 
_atom_sites.fract_transf_matrix[2][3]   0.01735322 
_atom_sites.fract_transf_matrix[3][1]   -0.00109924 
_atom_sites.fract_transf_matrix[3][2]   0.01471054 
_atom_sites.fract_transf_matrix[3][3]   0.00155228 
_atom_sites.fract_transf_vector[1]      0.546871 
_atom_sites.fract_transf_vector[2]      0.338539 
_atom_sites.fract_transf_vector[3]      0.220683 
# 
loop_
_atom_type.symbol 
C 
N 
O 
S 
# 
loop_
_atom_site.group_PDB 
_atom_site.id 
_atom_site.type_symbol 
_atom_site.label_atom_id 
_atom_site.label_alt_id 
_atom_site.label_comp_id 
_atom_site.label_asym_id 
_atom_site.label_entity_id 
_atom_site.label_seq_id 
_atom_site.pdbx_PDB_ins_code 
_atom_site.Cartn_x 
_atom_site.Cartn_y 
_atom_site.Cartn_z 
_atom_site.occupancy 
_atom_site.B_iso_or_equiv 
_atom_site.pdbx_formal_charge 
_atom_site.auth_seq_id 
_atom_site.auth_comp_id 
_atom_site.auth_asym_id 
_atom_site.auth_atom_id 
_atom_site.pdbx_PDB_model_num 
ATOM   1    N N   . HIS A 1 3   ? -11.716 -2.910  24.882  1.00 35.43  ? 0   HIS A N   1 
ATOM   2    C CA  . HIS A 1 3   ? -11.236 -2.059  25.963  1.00 30.80  ? 0   HIS A CA  1 
ATOM   3    C C   . HIS A 1 3   ? -10.395 -0.896  25.439  1.00 21.72  ? 0   HIS A C   1 
ATOM   4    O O   . HIS A 1 3   ? -10.025 -0.855  24.275  1.00 20.27  ? 0   HIS A O   1 
ATOM   5    N N   . MET A 1 4   ? -10.090 0.048   26.319  1.00 28.18  ? 1   MET A N   1 
ATOM   6    C CA  . MET A 1 4   ? -9.337  1.238   25.934  1.00 30.89  ? 1   MET A CA  1 
ATOM   7    C C   . MET A 1 4   ? -7.979  0.925   25.280  1.00 25.68  ? 1   MET A C   1 
ATOM   8    O O   . MET A 1 4   ? -7.613  1.546   24.285  1.00 25.19  ? 1   MET A O   1 
ATOM   9    C CB  . MET A 1 4   ? -9.168  2.162   27.143  1.00 39.34  ? 1   MET A CB  1 
ATOM   10   C CG  . MET A 1 4   ? -8.258  3.343   26.909  1.00 52.82  ? 1   MET A CG  1 
ATOM   11   S SD  . MET A 1 4   ? -9.049  4.831   26.278  1.00 102.71 ? 1   MET A SD  1 
ATOM   12   C CE  . MET A 1 4   ? -7.654  5.637   25.481  1.00 24.16  ? 1   MET A CE  1 
ATOM   13   N N   . ALA A 1 5   ? -7.245  -0.041  25.827  1.00 22.95  ? 2   ALA A N   1 
ATOM   14   C CA  . ALA A 1 5   ? -5.930  -0.397  25.288  1.00 24.09  ? 2   ALA A CA  1 
ATOM   15   C C   . ALA A 1 5   ? -6.055  -0.969  23.890  1.00 21.42  ? 2   ALA A C   1 
ATOM   16   O O   . ALA A 1 5   ? -5.193  -0.760  23.030  1.00 21.52  ? 2   ALA A O   1 
ATOM   17   C CB  . ALA A 1 5   ? -5.238  -1.400  26.184  1.00 23.42  ? 2   ALA A CB  1 
ATOM   18   N N   . THR A 1 6   ? -7.125  -1.724  23.687  1.00 19.76  ? 3   THR A N   1 
ATOM   19   C CA  . THR A 1 6   ? -7.380  -2.314  22.393  1.00 16.66  ? 3   THR A CA  1 
ATOM   20   C C   . THR A 1 6   ? -7.597  -1.205  21.372  1.00 17.43  ? 3   THR A C   1 
ATOM   21   O O   . THR A 1 6   ? -7.148  -1.319  20.237  1.00 14.54  ? 3   THR A O   1 
ATOM   22   C CB  . THR A 1 6   ? -8.588  -3.257  22.425  1.00 21.76  ? 3   THR A CB  1 
ATOM   23   O OG1 . THR A 1 6   ? -8.422  -4.203  23.486  1.00 25.74  ? 3   THR A OG1 1 
ATOM   24   C CG2 . THR A 1 6   ? -8.720  -4.004  21.105  1.00 18.21  ? 3   THR A CG2 1 
ATOM   25   N N   . ILE A 1 7   ? -8.281  -0.133  21.774  1.00 21.30  ? 4   ILE A N   1 
ATOM   26   C CA  . ILE A 1 7   ? -8.465  1.009   20.873  1.00 18.64  ? 4   ILE A CA  1 
ATOM   27   C C   . ILE A 1 7   ? -7.135  1.704   20.576  1.00 19.01  ? 4   ILE A C   1 
ATOM   28   O O   . ILE A 1 7   ? -6.858  2.079   19.438  1.00 15.21  ? 4   ILE A O   1 
ATOM   29   C CB  . ILE A 1 7   ? -9.482  2.024   21.428  1.00 24.44  ? 4   ILE A CB  1 
ATOM   30   C CG1 . ILE A 1 7   ? -10.858 1.378   21.499  1.00 20.59  ? 4   ILE A CG1 1 
ATOM   31   C CG2 . ILE A 1 7   ? -9.543  3.265   20.535  1.00 21.49  ? 4   ILE A CG2 1 
ATOM   32   C CD1 . ILE A 1 7   ? -11.787 2.056   22.457  1.00 40.46  ? 4   ILE A CD1 1 
ATOM   33   N N   . ARG A 1 8   ? -6.290  1.861   21.587  1.00 18.41  ? 5   ARG A N   1 
ATOM   34   C CA  . ARG A 1 8   ? -4.977  2.426   21.318  1.00 21.33  ? 5   ARG A CA  1 
ATOM   35   C C   . ARG A 1 8   ? -4.165  1.547   20.354  1.00 17.19  ? 5   ARG A C   1 
ATOM   36   O O   . ARG A 1 8   ? -3.470  2.061   19.479  1.00 20.83  ? 5   ARG A O   1 
ATOM   37   C CB  . ARG A 1 8   ? -4.224  2.705   22.612  1.00 26.53  ? 5   ARG A CB  1 
ATOM   38   C CG  . ARG A 1 8   ? -4.888  3.802   23.431  1.00 23.06  ? 5   ARG A CG  1 
ATOM   39   C CD  . ARG A 1 8   ? -4.064  4.183   24.625  1.00 27.37  ? 5   ARG A CD  1 
ATOM   40   N NE  . ARG A 1 8   ? -3.993  3.082   25.578  1.00 33.78  ? 5   ARG A NE  1 
ATOM   41   C CZ  . ARG A 1 8   ? -4.786  2.964   26.634  1.00 30.15  ? 5   ARG A CZ  1 
ATOM   42   N NH1 . ARG A 1 8   ? -4.661  1.928   27.448  1.00 35.20  ? 5   ARG A NH1 1 
ATOM   43   N NH2 . ARG A 1 8   ? -5.700  3.891   26.884  1.00 30.05  ? 5   ARG A NH2 1 
ATOM   44   N N   . ASN A 1 9   ? -4.267  0.232   20.515  1.00 15.87  ? 6   ASN A N   1 
ATOM   45   C CA  . ASN A 1 9   ? -3.675  -0.711  19.566  1.00 16.20  ? 6   ASN A CA  1 
ATOM   46   C C   . ASN A 1 9   ? -4.284  -0.516  18.191  1.00 17.90  ? 6   ASN A C   1 
ATOM   47   O O   . ASN A 1 9   ? -3.581  -0.490  17.181  1.00 14.57  ? 6   ASN A O   1 
ATOM   48   C CB  . ASN A 1 9   ? -3.922  -2.149  20.012  1.00 20.21  ? 6   ASN A CB  1 
ATOM   49   C CG  . ASN A 1 9   ? -2.917  -2.618  21.034  1.00 38.35  ? 6   ASN A CG  1 
ATOM   50   O OD1 . ASN A 1 9   ? -3.140  -3.606  21.733  1.00 42.03  ? 6   ASN A OD1 1 
ATOM   51   N ND2 . ASN A 1 9   ? -1.796  -1.912  21.125  1.00 37.54  ? 6   ASN A ND2 1 
ATOM   52   N N   . LEU A 1 10  ? -5.602  -0.389  18.162  1.00 12.74  ? 7   LEU A N   1 
ATOM   53   C CA  . LEU A 1 10  ? -6.315  -0.178  16.912  1.00 8.91   ? 7   LEU A CA  1 
ATOM   54   C C   . LEU A 1 10  ? -5.758  1.043   16.196  1.00 9.65   ? 7   LEU A C   1 
ATOM   55   O O   . LEU A 1 10  ? -5.548  1.015   14.986  1.00 14.24  ? 7   LEU A O   1 
ATOM   56   C CB  . LEU A 1 10  ? -7.802  0.018   17.184  1.00 11.31  ? 7   LEU A CB  1 
ATOM   57   C CG  . LEU A 1 10  ? -8.679  0.132   15.936  1.00 13.31  ? 7   LEU A CG  1 
ATOM   58   C CD1 . LEU A 1 10  ? -8.888  -1.211  15.266  1.00 14.96  ? 7   LEU A CD1 1 
ATOM   59   C CD2 . LEU A 1 10  ? -10.008 0.736   16.333  1.00 13.93  ? 7   LEU A CD2 1 
ATOM   60   N N   . LYS A 1 11  ? -5.513  2.112   16.940  1.00 11.16  ? 8   LYS A N   1 
ATOM   61   C CA  . LYS A 1 11  ? -5.005  3.332   16.330  1.00 12.44  ? 8   LYS A CA  1 
ATOM   62   C C   . LYS A 1 11  ? -3.673  3.086   15.634  1.00 13.85  ? 8   LYS A C   1 
ATOM   63   O O   . LYS A 1 11  ? -3.440  3.583   14.533  1.00 12.47  ? 8   LYS A O   1 
ATOM   64   C CB  . LYS A 1 11  ? -4.855  4.428   17.373  1.00 15.11  ? 8   LYS A CB  1 
ATOM   65   C CG  . LYS A 1 11  ? -6.173  4.981   17.818  1.00 18.06  ? 8   LYS A CG  1 
ATOM   66   C CD  . LYS A 1 11  ? -5.998  5.981   18.940  1.00 22.32  ? 8   LYS A CD  1 
ATOM   67   C CE  . LYS A 1 11  ? -5.242  7.201   18.487  1.00 33.55  ? 8   LYS A CE  1 
ATOM   68   N NZ  . LYS A 1 11  ? -5.154  8.187   19.601  1.00 38.76  ? 8   LYS A NZ  1 
ATOM   69   N N   . ILE A 1 12  ? -2.800  2.327   16.282  1.00 11.04  ? 9   ILE A N   1 
ATOM   70   C CA  . ILE A 1 12  ? -1.487  2.047   15.707  1.00 12.29  ? 9   ILE A CA  1 
ATOM   71   C C   . ILE A 1 12  ? -1.665  1.212   14.462  1.00 11.07  ? 9   ILE A C   1 
ATOM   72   O O   . ILE A 1 12  ? -1.026  1.461   13.440  1.00 13.15  ? 9   ILE A O   1 
ATOM   73   C CB  . ILE A 1 12  ? -0.576  1.322   16.692  1.00 11.71  ? 9   ILE A CB  1 
ATOM   74   C CG1 . ILE A 1 12  ? -0.326  2.206   17.916  1.00 16.48  ? 9   ILE A CG1 1 
ATOM   75   C CG2 . ILE A 1 12  ? 0.762   0.995   16.041  1.00 12.29  ? 9   ILE A CG2 1 
ATOM   76   C CD1 . ILE A 1 12  ? 0.310   1.470   19.072  1.00 17.07  ? 9   ILE A CD1 1 
ATOM   77   N N   . LYS A 1 13  ? -2.551  0.227   14.547  1.00 10.75  ? 10  LYS A N   1 
ATOM   78   C CA  . LYS A 1 13  ? -2.738  -0.664  13.416  1.00 10.22  ? 10  LYS A CA  1 
ATOM   79   C C   . LYS A 1 13  ? -3.381  0.057   12.247  1.00 10.28  ? 10  LYS A C   1 
ATOM   80   O O   . LYS A 1 13  ? -3.083  -0.219  11.097  1.00 10.13  ? 10  LYS A O   1 
ATOM   81   C CB  . LYS A 1 13  ? -3.500  -1.906  13.853  1.00 16.56  ? 10  LYS A CB  1 
ATOM   82   C CG  . LYS A 1 13  ? -2.602  -2.769  14.752  1.00 19.55  ? 10  LYS A CG  1 
ATOM   83   C CD  . LYS A 1 13  ? -3.336  -3.929  15.366  1.00 26.17  ? 10  LYS A CD  1 
ATOM   84   C CE  . LYS A 1 13  ? -2.454  -4.598  16.418  1.00 20.86  ? 10  LYS A CE  1 
ATOM   85   N NZ  . LYS A 1 13  ? -1.041  -4.806  15.951  1.00 20.55  ? 10  LYS A NZ  1 
ATOM   86   N N   . THR A 1 14  ? -4.258  1.004   12.534  1.00 11.23  ? 11  THR A N   1 
ATOM   87   C CA  . THR A 1 14  ? -4.822  1.820   11.474  1.00 8.01   ? 11  THR A CA  1 
ATOM   88   C C   . THR A 1 14  ? -3.734  2.650   10.818  1.00 10.53  ? 11  THR A C   1 
ATOM   89   O O   . THR A 1 14  ? -3.658  2.736   9.598   1.00 11.95  ? 11  THR A O   1 
ATOM   90   C CB  . THR A 1 14  ? -5.896  2.738   12.056  1.00 11.04  ? 11  THR A CB  1 
ATOM   91   O OG1 . THR A 1 14  ? -6.989  1.932   12.504  1.00 12.09  ? 11  THR A OG1 1 
ATOM   92   C CG2 . THR A 1 14  ? -6.401  3.726   11.028  1.00 11.89  ? 11  THR A CG2 1 
ATOM   93   N N   . SER A 1 15  ? -2.905  3.284   11.635  1.00 9.75   ? 12  SER A N   1 
ATOM   94   C CA  . SER A 1 15  ? -1.810  4.089   11.082  1.00 7.87   ? 12  SER A CA  1 
ATOM   95   C C   . SER A 1 15  ? -0.857  3.260   10.221  1.00 11.74  ? 12  SER A C   1 
ATOM   96   O O   . SER A 1 15  ? -0.409  3.718   9.172   1.00 13.46  ? 12  SER A O   1 
ATOM   97   C CB  . SER A 1 15  ? -1.060  4.843   12.189  1.00 18.82  ? 12  SER A CB  1 
ATOM   98   O OG  . SER A 1 15  ? -0.134  4.010   12.863  1.00 31.06  ? 12  SER A OG  1 
ATOM   99   N N   . THR A 1 16  ? -0.555  2.044   10.665  1.00 10.51  ? 13  THR A N   1 
ATOM   100  C CA  . THR A 1 16  ? 0.272   1.129   9.892   1.00 9.03   ? 13  THR A CA  1 
ATOM   101  C C   . THR A 1 16  ? -0.333  0.893   8.523   1.00 11.49  ? 13  THR A C   1 
ATOM   102  O O   . THR A 1 16  ? 0.356   1.019   7.509   1.00 10.08  ? 13  THR A O   1 
ATOM   103  C CB  . THR A 1 16  ? 0.470   -0.188  10.637  1.00 10.96  ? 13  THR A CB  1 
ATOM   104  O OG1 . THR A 1 16  ? 1.184   0.100   11.835  1.00 12.75  ? 13  THR A OG1 1 
ATOM   105  C CG2 . THR A 1 16  ? 1.275   -1.203  9.808   1.00 9.21   ? 13  THR A CG2 1 
ATOM   106  N N   . CYS A 1 17  ? -1.625  0.583   8.482   1.00 10.28  ? 14  CYS A N   1 
ATOM   107  C CA  . CYS A 1 17  ? -2.275  0.378   7.186   1.00 8.08   ? 14  CYS A CA  1 
ATOM   108  C C   . CYS A 1 17  ? -2.173  1.629   6.329   1.00 8.88   ? 14  CYS A C   1 
ATOM   109  O O   . CYS A 1 17  ? -1.813  1.552   5.157   1.00 11.35  ? 14  CYS A O   1 
ATOM   110  C CB  . CYS A 1 17  ? -3.737  -0.017  7.355   1.00 10.19  ? 14  CYS A CB  1 
ATOM   111  S SG  . CYS A 1 17  ? -3.936  -1.700  7.899   1.00 14.06  ? 14  CYS A SG  1 
ATOM   112  N N   . LYS A 1 18  ? -2.496  2.787   6.904   1.00 10.47  ? 15  LYS A N   1 
ATOM   113  C CA  . LYS A 1 18  ? -2.457  4.027   6.124   1.00 10.50  ? 15  LYS A CA  1 
ATOM   114  C C   . LYS A 1 18  ? -1.069  4.272   5.576   1.00 11.09  ? 15  LYS A C   1 
ATOM   115  O O   . LYS A 1 18  ? -0.908  4.730   4.442   1.00 13.88  ? 15  LYS A O   1 
ATOM   116  C CB  . LYS A 1 18  ? -2.868  5.225   6.975   1.00 12.94  ? 15  LYS A CB  1 
ATOM   117  C CG  . LYS A 1 18  ? -4.320  5.221   7.382   1.00 12.53  ? 15  LYS A CG  1 
ATOM   118  C CD  . LYS A 1 18  ? -4.594  6.453   8.226   1.00 14.91  ? 15  LYS A CD  1 
ATOM   119  C CE  . LYS A 1 18  ? -6.038  6.531   8.626   1.00 17.38  ? 15  LYS A CE  1 
ATOM   120  N NZ  . LYS A 1 18  ? -6.227  7.675   9.557   1.00 20.45  ? 15  LYS A NZ  1 
ATOM   121  N N   . ARG A 1 19  ? -0.056  3.982   6.388   1.00 10.04  ? 16  ARG A N   1 
ATOM   122  C CA  . ARG A 1 19  ? 1.303   4.215   5.921   1.00 11.45  ? 16  ARG A CA  1 
ATOM   123  C C   . ARG A 1 19  ? 1.677   3.290   4.780   1.00 11.30  ? 16  ARG A C   1 
ATOM   124  O O   . ARG A 1 19  ? 2.321   3.705   3.826   0.50 2.93   ? 16  ARG A O   1 
ATOM   125  C CB  . ARG A 1 19  ? 2.362   3.997   6.978   1.00 16.19  ? 16  ARG A CB  1 
ATOM   126  C CG  . ARG A 1 19  ? 3.684   3.962   6.197   0.50 15.01  ? 16  ARG A CG  1 
ATOM   127  C CD  . ARG A 1 19  ? 4.928   3.605   6.932   0.50 25.24  ? 16  ARG A CD  1 
ATOM   128  N NE  . ARG A 1 19  ? 4.864   2.262   7.499   0.50 26.54  ? 16  ARG A NE  1 
ATOM   129  N N   . ILE A 1 20  ? 1.316   2.024   4.907   1.00 11.84  ? 17  ILE A N   1 
ATOM   130  C CA  . ILE A 1 20  ? 1.676   1.075   3.864   1.00 10.36  ? 17  ILE A CA  1 
ATOM   131  C C   . ILE A 1 20  ? 0.934   1.415   2.588   1.00 12.24  ? 17  ILE A C   1 
ATOM   132  O O   . ILE A 1 20  ? 1.457   1.243   1.498   1.00 11.68  ? 17  ILE A O   1 
ATOM   133  C CB  . ILE A 1 20  ? 1.426   -0.365  4.288   1.00 9.68   ? 17  ILE A CB  1 
ATOM   134  C CG1 . ILE A 1 20  ? 2.286   -0.687  5.512   1.00 8.87   ? 17  ILE A CG1 1 
ATOM   135  C CG2 . ILE A 1 20  ? 1.763   -1.304  3.156   1.00 9.80   ? 17  ILE A CG2 1 
ATOM   136  C CD1 . ILE A 1 20  ? 1.946   -1.996  6.141   1.00 13.16  ? 17  ILE A CD1 1 
ATOM   137  N N   . VAL A 1 21  ? -0.283  1.922   2.714   1.00 9.70   ? 18  VAL A N   1 
ATOM   138  C CA  . VAL A 1 21  ? -0.980  2.384   1.521   1.00 10.33  ? 18  VAL A CA  1 
ATOM   139  C C   . VAL A 1 21  ? -0.203  3.520   0.870   1.00 12.41  ? 18  VAL A C   1 
ATOM   140  O O   . VAL A 1 21  ? -0.081  3.586   -0.362  1.00 12.00  ? 18  VAL A O   1 
ATOM   141  C CB  . VAL A 1 21  ? -2.402  2.835   1.838   1.00 12.16  ? 18  VAL A CB  1 
ATOM   142  C CG1 . VAL A 1 21  ? -3.024  3.493   0.616   1.00 13.70  ? 18  VAL A CG1 1 
ATOM   143  C CG2 . VAL A 1 21  ? -3.234  1.641   2.245   1.00 13.10  ? 18  VAL A CG2 1 
ATOM   144  N N   . LYS A 1 22  ? 0.321   4.423   1.692   1.00 11.72  ? 19  LYS A N   1 
ATOM   145  C CA  . LYS A 1 22  ? 1.103   5.530   1.152   1.00 13.02  ? 19  LYS A CA  1 
ATOM   146  C C   . LYS A 1 22  ? 2.355   4.991   0.472   1.00 11.78  ? 19  LYS A C   1 
ATOM   147  O O   . LYS A 1 22  ? 2.698   5.406   -0.627  1.00 13.04  ? 19  LYS A O   1 
ATOM   148  C CB  . LYS A 1 22  ? 1.469   6.528   2.251   1.00 16.20  ? 19  LYS A CB  1 
ATOM   149  C CG  . LYS A 1 22  ? 0.314   7.448   2.645   1.00 19.10  ? 19  LYS A CG  1 
ATOM   150  C CD  . LYS A 1 22  ? 0.790   8.505   3.634   1.00 23.01  ? 19  LYS A CD  1 
ATOM   151  C CE  . LYS A 1 22  ? -0.361  9.375   4.100   1.00 30.19  ? 19  LYS A CE  1 
ATOM   152  N NZ  . LYS A 1 22  ? 0.074   10.350  5.139   1.00 44.62  ? 19  LYS A NZ  1 
ATOM   153  N N   . GLU A 1 23  ? 3.029   4.046   1.112   1.00 10.72  ? 20  GLU A N   1 
ATOM   154  C CA  . GLU A 1 23  ? 4.213   3.435   0.506   1.00 9.30   ? 20  GLU A CA  1 
ATOM   155  C C   . GLU A 1 23  ? 3.842   2.756   -0.801  1.00 10.62  ? 20  GLU A C   1 
ATOM   156  O O   . GLU A 1 23  ? 4.535   2.883   -1.807  1.00 12.77  ? 20  GLU A O   1 
ATOM   157  C CB  . GLU A 1 23  ? 4.824   2.419   1.462   1.00 11.95  ? 20  GLU A CB  1 
ATOM   158  C CG  . GLU A 1 23  ? 5.386   3.032   2.724   1.00 11.56  ? 20  GLU A CG  1 
ATOM   159  C CD  . GLU A 1 23  ? 5.642   1.997   3.807   1.00 17.01  ? 20  GLU A CD  1 
ATOM   160  O OE1 . GLU A 1 23  ? 5.329   0.809   3.590   1.00 22.32  ? 20  GLU A OE1 1 
ATOM   161  O OE2 . GLU A 1 23  ? 6.147   2.382   4.876   1.00 23.54  ? 20  GLU A OE2 1 
ATOM   162  N N   . LEU A 1 24  ? 2.739   2.025   -0.790  1.00 9.76   ? 21  LEU A N   1 
ATOM   163  C CA  . LEU A 1 24  ? 2.298   1.347   -1.992  1.00 12.31  ? 21  LEU A CA  1 
ATOM   164  C C   . LEU A 1 24  ? 2.094   2.367   -3.099  1.00 13.66  ? 21  LEU A C   1 
ATOM   165  O O   . LEU A 1 24  ? 2.561   2.185   -4.212  1.00 13.73  ? 21  LEU A O   1 
ATOM   166  C CB  . LEU A 1 24  ? 0.995   0.606   -1.728  1.00 11.71  ? 21  LEU A CB  1 
ATOM   167  C CG  . LEU A 1 24  ? 0.351   0.024   -2.977  1.00 14.58  ? 21  LEU A CG  1 
ATOM   168  C CD1 . LEU A 1 24  ? 1.274   -1.023  -3.572  1.00 15.96  ? 21  LEU A CD1 1 
ATOM   169  C CD2 . LEU A 1 24  ? -0.991  -0.566  -2.619  1.00 12.69  ? 21  LEU A CD2 1 
ATOM   170  N N   . HIS A 1 25  ? 1.385   3.448   -2.800  1.00 11.56  ? 22  HIS A N   1 
ATOM   171  C CA  . HIS A 1 25  ? 1.187   4.479   -3.818  1.00 11.57  ? 22  HIS A CA  1 
ATOM   172  C C   . HIS A 1 25  ? 2.488   5.081   -4.324  1.00 14.42  ? 22  HIS A C   1 
ATOM   173  O O   . HIS A 1 25  ? 2.613   5.414   -5.508  1.00 15.51  ? 22  HIS A O   1 
ATOM   174  C CB  . HIS A 1 25  ? 0.228   5.540   -3.312  1.00 16.01  ? 22  HIS A CB  1 
ATOM   175  C CG  . HIS A 1 25  ? -1.146  5.011   -3.097  1.00 16.04  ? 22  HIS A CG  1 
ATOM   176  N ND1 . HIS A 1 25  ? -2.069  5.621   -2.274  1.00 19.72  ? 22  HIS A ND1 1 
ATOM   177  C CD2 . HIS A 1 25  ? -1.756  3.907   -3.591  1.00 20.08  ? 22  HIS A CD2 1 
ATOM   178  C CE1 . HIS A 1 25  ? -3.187  4.920   -2.278  1.00 19.22  ? 22  HIS A CE1 1 
ATOM   179  N NE2 . HIS A 1 25  ? -3.027  3.876   -3.069  1.00 19.20  ? 22  HIS A NE2 1 
ATOM   180  N N   . SER A 1 26  ? 3.463   5.230   -3.436  1.00 11.64  ? 23  SER A N   1 
ATOM   181  C CA  . SER A 1 26  ? 4.746   5.761   -3.854  1.00 14.37  ? 23  SER A CA  1 
ATOM   182  C C   . SER A 1 26  ? 5.424   4.799   -4.809  1.00 12.24  ? 23  SER A C   1 
ATOM   183  O O   . SER A 1 26  ? 5.995   5.227   -5.815  1.00 14.58  ? 23  SER A O   1 
ATOM   184  C CB  . SER A 1 26  ? 5.641   6.031   -2.651  1.00 17.67  ? 23  SER A CB  1 
ATOM   185  O OG  . SER A 1 26  ? 5.132   7.127   -1.914  1.00 17.49  ? 23  SER A OG  1 
ATOM   186  N N   . TYR A 1 27  ? 5.382   3.508   -4.486  1.00 14.04  ? 24  TYR A N   1 
ATOM   187  C CA  . TYR A 1 27  ? 5.970   2.507   -5.372  1.00 10.58  ? 24  TYR A CA  1 
ATOM   188  C C   . TYR A 1 27  ? 5.233   2.531   -6.692  1.00 12.56  ? 24  TYR A C   1 
ATOM   189  O O   . TYR A 1 27  ? 5.846   2.423   -7.757  1.00 12.41  ? 24  TYR A O   1 
ATOM   190  C CB  . TYR A 1 27  ? 5.867   1.110   -4.768  1.00 8.59   ? 24  TYR A CB  1 
ATOM   191  C CG  . TYR A 1 27  ? 6.852   0.856   -3.657  1.00 10.03  ? 24  TYR A CG  1 
ATOM   192  C CD1 . TYR A 1 27  ? 8.210   1.053   -3.854  1.00 10.94  ? 24  TYR A CD1 1 
ATOM   193  C CD2 . TYR A 1 27  ? 6.429   0.396   -2.424  1.00 12.68  ? 24  TYR A CD2 1 
ATOM   194  C CE1 . TYR A 1 27  ? 9.116   0.819   -2.845  1.00 16.01  ? 24  TYR A CE1 1 
ATOM   195  C CE2 . TYR A 1 27  ? 7.326   0.156   -1.415  1.00 12.47  ? 24  TYR A CE2 1 
ATOM   196  C CZ  . TYR A 1 27  ? 8.667   0.361   -1.631  1.00 13.11  ? 24  TYR A CZ  1 
ATOM   197  O OH  . TYR A 1 27  ? 9.556   0.115   -0.616  1.00 15.36  ? 24  TYR A OH  1 
ATOM   198  N N   . GLU A 1 28  ? 3.909   2.660   -6.631  1.00 11.52  ? 25  GLU A N   1 
ATOM   199  C CA  . GLU A 1 28  ? 3.115   2.659   -7.862  1.00 12.67  ? 25  GLU A CA  1 
ATOM   200  C C   . GLU A 1 28  ? 3.425   3.851   -8.745  1.00 14.65  ? 25  GLU A C   1 
ATOM   201  O O   . GLU A 1 28  ? 3.478   3.728   -9.968  1.00 14.54  ? 25  GLU A O   1 
ATOM   202  C CB  . GLU A 1 28  ? 1.623   2.593   -7.552  1.00 13.11  ? 25  GLU A CB  1 
ATOM   203  C CG  . GLU A 1 28  ? 1.200   1.232   -7.008  1.00 14.62  ? 25  GLU A CG  1 
ATOM   204  C CD  . GLU A 1 28  ? -0.259  1.184   -6.590  1.00 22.65  ? 25  GLU A CD  1 
ATOM   205  O OE1 . GLU A 1 28  ? -0.785  2.209   -6.118  1.00 20.39  ? 25  GLU A OE1 1 
ATOM   206  O OE2 . GLU A 1 28  ? -0.871  0.110   -6.720  1.00 25.31  ? 25  GLU A OE2 1 
ATOM   207  N N   . LYS A 1 29  ? 3.622   5.007   -8.124  1.00 16.39  ? 26  LYS A N   1 
ATOM   208  C CA  . LYS A 1 29  ? 3.932   6.210   -8.876  1.00 12.36  ? 26  LYS A CA  1 
ATOM   209  C C   . LYS A 1 29  ? 5.308   6.057   -9.517  1.00 12.48  ? 26  LYS A C   1 
ATOM   210  O O   . LYS A 1 29  ? 5.522   6.497   -10.639 1.00 14.04  ? 26  LYS A O   1 
ATOM   211  C CB  . LYS A 1 29  ? 3.894   7.432   -7.965  1.00 15.66  ? 26  LYS A CB  1 
ATOM   212  C CG  . LYS A 1 29  ? 3.950   8.736   -8.718  1.00 18.56  ? 26  LYS A CG  1 
ATOM   213  C CD  . LYS A 1 29  ? 2.884   8.789   -9.799  1.00 26.07  ? 26  LYS A CD  1 
ATOM   214  C CE  . LYS A 1 29  ? 3.283   9.743   -10.894 1.00 36.90  ? 26  LYS A CE  1 
ATOM   215  N NZ  . LYS A 1 29  ? 2.223   9.848   -11.926 1.00 31.27  ? 26  LYS A NZ  1 
ATOM   216  N N   . GLU A 1 30  ? 6.238   5.410   -8.820  1.00 13.43  ? 27  GLU A N   1 
ATOM   217  C CA  . GLU A 1 30  ? 7.548   5.176   -9.406  1.00 11.81  ? 27  GLU A CA  1 
ATOM   218  C C   . GLU A 1 30  ? 7.402   4.277   -10.629 1.00 13.16  ? 27  GLU A C   1 
ATOM   219  O O   . GLU A 1 30  ? 8.002   4.541   -11.670 1.00 13.83  ? 27  GLU A O   1 
ATOM   220  C CB  . GLU A 1 30  ? 8.517   4.573   -8.389  1.00 14.91  ? 27  GLU A CB  1 
ATOM   221  C CG  . GLU A 1 30  ? 9.903   4.270   -8.936  1.00 28.90  ? 27  GLU A CG  1 
ATOM   222  C CD  . GLU A 1 30  ? 10.720  5.512   -9.282  1.00 36.82  ? 27  GLU A CD  1 
ATOM   223  O OE1 . GLU A 1 30  ? 10.356  6.639   -8.854  1.00 26.61  ? 27  GLU A OE1 1 
ATOM   224  O OE2 . GLU A 1 30  ? 11.741  5.347   -9.988  1.00 21.94  ? 27  GLU A OE2 1 
ATOM   225  N N   . VAL A 1 31  ? 6.585   3.238   -10.520 1.00 10.55  ? 28  VAL A N   1 
ATOM   226  C CA  . VAL A 1 31  ? 6.332   2.379   -11.675 1.00 8.29   ? 28  VAL A CA  1 
ATOM   227  C C   . VAL A 1 31  ? 5.774   3.199   -12.839 1.00 12.88  ? 28  VAL A C   1 
ATOM   228  O O   . VAL A 1 31  ? 6.245   3.090   -13.972 1.00 12.29  ? 28  VAL A O   1 
ATOM   229  C CB  . VAL A 1 31  ? 5.360   1.253   -11.328 1.00 9.91   ? 28  VAL A CB  1 
ATOM   230  C CG1 . VAL A 1 31  ? 4.852   0.569   -12.591 1.00 15.07  ? 28  VAL A CG1 1 
ATOM   231  C CG2 . VAL A 1 31  ? 6.056   0.237   -10.436 1.00 11.00  ? 28  VAL A CG2 1 
ATOM   232  N N   . GLU A 1 32  ? 4.763   4.012   -12.562 1.00 11.42  ? 29  GLU A N   1 
ATOM   233  C CA  . GLU A 1 32  ? 4.138   4.797   -13.613 1.00 8.92   ? 29  GLU A CA  1 
ATOM   234  C C   . GLU A 1 32  ? 5.170   5.722   -14.275 1.00 11.35  ? 29  GLU A C   1 
ATOM   235  O O   . GLU A 1 32  ? 5.212   5.863   -15.503 1.00 12.41  ? 29  GLU A O   1 
ATOM   236  C CB  . GLU A 1 32  ? 2.962   5.587   -13.033 1.00 16.67  ? 29  GLU A CB  1 
ATOM   237  C CG  . GLU A 1 32  ? 1.961   6.039   -14.055 1.00 25.43  ? 29  GLU A CG  1 
ATOM   238  C CD  . GLU A 1 32  ? 2.258   7.422   -14.554 1.00 41.08  ? 29  GLU A CD  1 
ATOM   239  O OE1 . GLU A 1 32  ? 3.007   8.142   -13.860 1.00 45.68  ? 29  GLU A OE1 1 
ATOM   240  O OE2 . GLU A 1 32  ? 1.746   7.786   -15.632 1.00 41.26  ? 29  GLU A OE2 1 
ATOM   241  N N   . ARG A 1 33  ? 6.026   6.333   -13.469 1.00 10.37  ? 30  ARG A N   1 
ATOM   242  C CA  . ARG A 1 33  ? 7.019   7.240   -14.010 1.00 9.58   ? 30  ARG A CA  1 
ATOM   243  C C   . ARG A 1 33  ? 8.040   6.490   -14.843 1.00 8.59   ? 30  ARG A C   1 
ATOM   244  O O   . ARG A 1 33  ? 8.480   6.978   -15.891 1.00 10.90  ? 30  ARG A O   1 
ATOM   245  C CB  . ARG A 1 33  ? 7.725   7.997   -12.884 1.00 13.98  ? 30  ARG A CB  1 
ATOM   246  C CG  . ARG A 1 33  ? 6.921   9.185   -12.381 1.00 16.94  ? 30  ARG A CG  1 
ATOM   247  C CD  . ARG A 1 33  ? 7.760   10.064  -11.473 1.00 27.43  ? 30  ARG A CD  1 
ATOM   248  N NE  . ARG A 1 33  ? 7.719   9.622   -10.086 1.00 44.00  ? 30  ARG A NE  1 
ATOM   249  C CZ  . ARG A 1 33  ? 7.094   10.283  -9.116  1.00 47.47  ? 30  ARG A CZ  1 
ATOM   250  N NH1 . ARG A 1 33  ? 6.461   11.419  -9.383  1.00 44.93  ? 30  ARG A NH1 1 
ATOM   251  N NH2 . ARG A 1 33  ? 7.105   9.807   -7.880  1.00 48.70  ? 30  ARG A NH2 1 
ATOM   252  N N   . GLU A 1 34  ? 8.453   5.325   -14.350 1.00 9.54   ? 31  GLU A N   1 
ATOM   253  C CA  . GLU A 1 34  ? 9.429   4.526   -15.076 1.00 9.38   ? 31  GLU A CA  1 
ATOM   254  C C   . GLU A 1 34  ? 8.827   3.952   -16.344 1.00 11.18  ? 31  GLU A C   1 
ATOM   255  O O   . GLU A 1 34  ? 9.507   3.809   -17.349 1.00 12.25  ? 31  GLU A O   1 
ATOM   256  C CB  . GLU A 1 34  ? 10.010  3.412   -14.201 1.00 8.76   ? 31  GLU A CB  1 
ATOM   257  C CG  . GLU A 1 34  ? 10.756  3.923   -12.970 1.00 10.01  ? 31  GLU A CG  1 
ATOM   258  C CD  . GLU A 1 34  ? 11.970  4.761   -13.299 1.00 12.61  ? 31  GLU A CD  1 
ATOM   259  O OE1 . GLU A 1 34  ? 12.365  4.808   -14.467 1.00 13.66  ? 31  GLU A OE1 1 
ATOM   260  O OE2 . GLU A 1 34  ? 12.544  5.375   -12.372 1.00 15.17  ? 31  GLU A OE2 1 
ATOM   261  N N   . ALA A 1 35  ? 7.546   3.623   -16.298 1.00 10.24  ? 32  ALA A N   1 
ATOM   262  C CA  . ALA A 1 35  ? 6.879   3.100   -17.482 1.00 9.02   ? 32  ALA A CA  1 
ATOM   263  C C   . ALA A 1 35  ? 6.751   4.201   -18.519 1.00 11.42  ? 32  ALA A C   1 
ATOM   264  O O   . ALA A 1 35  ? 6.927   3.960   -19.717 1.00 12.93  ? 32  ALA A O   1 
ATOM   265  C CB  . ALA A 1 35  ? 5.517   2.560   -17.117 1.00 11.83  ? 32  ALA A CB  1 
ATOM   266  N N   . ALA A 1 36  ? 6.446   5.416   -18.064 1.00 11.13  ? 33  ALA A N   1 
ATOM   267  C CA  . ALA A 1 36  ? 6.369   6.541   -18.999 1.00 9.75   ? 33  ALA A CA  1 
ATOM   268  C C   . ALA A 1 36  ? 7.739   6.848   -19.593 1.00 11.63  ? 33  ALA A C   1 
ATOM   269  O O   . ALA A 1 36  ? 7.859   7.173   -20.770 1.00 13.41  ? 33  ALA A O   1 
ATOM   270  C CB  . ALA A 1 36  ? 5.784   7.775   -18.320 1.00 9.93   ? 33  ALA A CB  1 
ATOM   271  N N   . LYS A 1 37  ? 8.780   6.748   -18.780 1.00 12.43  ? 34  LYS A N   1 
ATOM   272  C CA  . LYS A 1 37  ? 10.116  6.964   -19.299 1.00 9.73   ? 34  LYS A CA  1 
ATOM   273  C C   . LYS A 1 37  ? 10.455  5.911   -20.356 1.00 11.42  ? 34  LYS A C   1 
ATOM   274  O O   . LYS A 1 37  ? 11.033  6.225   -21.389 1.00 12.42  ? 34  LYS A O   1 
ATOM   275  C CB  . LYS A 1 37  ? 11.141  6.960   -18.168 1.00 10.98  ? 34  LYS A CB  1 
ATOM   276  C CG  . LYS A 1 37  ? 12.555  7.190   -18.657 1.00 12.52  ? 34  LYS A CG  1 
ATOM   277  C CD  . LYS A 1 37  ? 13.503  7.355   -17.484 1.00 10.80  ? 34  LYS A CD  1 
ATOM   278  C CE  . LYS A 1 37  ? 14.950  7.329   -17.933 1.00 13.87  ? 34  LYS A CE  1 
ATOM   279  N NZ  . LYS A 1 37  ? 15.864  7.552   -16.773 1.00 15.08  ? 34  LYS A NZ  1 
ATOM   280  N N   . THR A 1 38  ? 10.098  4.657   -20.091 1.00 12.28  ? 35  THR A N   1 
ATOM   281  C CA  . THR A 1 38  ? 10.330  3.607   -21.072 1.00 12.10  ? 35  THR A CA  1 
ATOM   282  C C   . THR A 1 38  ? 9.654   3.971   -22.393 1.00 15.40  ? 35  THR A C   1 
ATOM   283  O O   . THR A 1 38  ? 10.281  3.912   -23.444 1.00 16.92  ? 35  THR A O   1 
ATOM   284  C CB  . THR A 1 38  ? 9.820   2.257   -20.576 1.00 15.13  ? 35  THR A CB  1 
ATOM   285  O OG1 . THR A 1 38  ? 10.442  1.956   -19.333 1.00 14.73  ? 35  THR A OG1 1 
ATOM   286  C CG2 . THR A 1 38  ? 10.171  1.142   -21.584 1.00 20.93  ? 35  THR A CG2 1 
ATOM   287  N N   . ALA A 1 39  ? 8.386   4.369   -22.330 1.00 14.66  ? 36  ALA A N   1 
ATOM   288  C CA  . ALA A 1 39  ? 7.656   4.732   -23.539 1.00 18.70  ? 36  ALA A CA  1 
ATOM   289  C C   . ALA A 1 39  ? 8.337   5.878   -24.277 1.00 21.00  ? 36  ALA A C   1 
ATOM   290  O O   . ALA A 1 39  ? 8.458   5.850   -25.506 1.00 24.81  ? 36  ALA A O   1 
ATOM   291  C CB  . ALA A 1 39  ? 6.208   5.088   -23.206 1.00 23.27  ? 36  ALA A CB  1 
ATOM   292  N N   . ASP A 1 40  ? 8.782   6.884   -23.527 1.00 20.14  ? 37  ASP A N   1 
ATOM   293  C CA  . ASP A 1 40  ? 9.430   8.049   -24.121 1.00 17.89  ? 37  ASP A CA  1 
ATOM   294  C C   . ASP A 1 40  ? 10.724  7.662   -24.798 1.00 21.71  ? 37  ASP A C   1 
ATOM   295  O O   . ASP A 1 40  ? 11.055  8.172   -25.867 1.00 25.29  ? 37  ASP A O   1 
ATOM   296  C CB  . ASP A 1 40  ? 9.722   9.106   -23.068 1.00 20.94  ? 37  ASP A CB  1 
ATOM   297  C CG  . ASP A 1 40  ? 8.654   10.159  -22.992 1.00 32.17  ? 37  ASP A CG  1 
ATOM   298  O OD1 . ASP A 1 40  ? 7.545   9.913   -23.506 1.00 38.95  ? 37  ASP A OD1 1 
ATOM   299  O OD2 . ASP A 1 40  ? 8.932   11.229  -22.420 1.00 33.60  ? 37  ASP A OD2 1 
ATOM   300  N N   . MET A 1 41  ? 11.472  6.769   -24.165 1.00 15.89  ? 38  MET A N   1 
ATOM   301  C CA  . MET A 1 41  ? 12.711  6.302   -24.774 1.00 16.86  ? 38  MET A CA  1 
ATOM   302  C C   . MET A 1 41  ? 12.461  5.482   -26.034 1.00 20.09  ? 38  MET A C   1 
ATOM   303  O O   . MET A 1 41  ? 13.234  5.552   -26.983 1.00 25.03  ? 38  MET A O   1 
ATOM   304  C CB  . MET A 1 41  ? 13.548  5.520   -23.763 1.00 17.37  ? 38  MET A CB  1 
ATOM   305  C CG  . MET A 1 41  ? 14.061  6.402   -22.657 1.00 17.65  ? 38  MET A CG  1 
ATOM   306  S SD  . MET A 1 41  ? 14.938  5.466   -21.410 1.00 17.89  ? 38  MET A SD  1 
ATOM   307  C CE  . MET A 1 41  ? 16.246  4.778   -22.419 1.00 19.09  ? 38  MET A CE  1 
ATOM   308  N N   . LYS A 1 42  ? 11.392  4.699   -26.052 1.00 25.51  ? 39  LYS A N   1 
ATOM   309  C CA  . LYS A 1 42  ? 11.085  3.916   -27.250 1.00 27.53  ? 39  LYS A CA  1 
ATOM   310  C C   . LYS A 1 42  ? 10.711  4.787   -28.431 1.00 35.87  ? 39  LYS A C   1 
ATOM   311  O O   . LYS A 1 42  ? 11.256  4.631   -29.526 1.00 31.63  ? 39  LYS A O   1 
ATOM   312  C CB  . LYS A 1 42  ? 9.965   2.917   -26.991 1.00 29.51  ? 39  LYS A CB  1 
ATOM   313  C CG  . LYS A 1 42  ? 10.381  1.721   -26.188 1.00 34.52  ? 39  LYS A CG  1 
ATOM   314  C CD  . LYS A 1 42  ? 9.210   0.784   -25.981 1.00 43.71  ? 39  LYS A CD  1 
ATOM   315  C CE  . LYS A 1 42  ? 9.565   -0.329  -25.014 1.00 46.26  ? 39  LYS A CE  1 
ATOM   316  N NZ  . LYS A 1 42  ? 8.414   -1.249  -24.790 1.00 50.72  ? 39  LYS A NZ  1 
ATOM   317  N N   . ASP A 1 43  ? 9.762   5.694   -28.241 1.00 32.75  ? 40  ASP A N   1 
ATOM   318  C CA  . ASP A 1 43  ? 9.352   6.507   -29.380 1.00 42.92  ? 40  ASP A CA  1 
ATOM   319  C C   . ASP A 1 43  ? 10.409  7.563   -29.712 1.00 45.18  ? 40  ASP A C   1 
ATOM   320  O O   . ASP A 1 43  ? 10.369  8.186   -30.773 1.00 48.43  ? 40  ASP A O   1 
ATOM   321  C CB  . ASP A 1 43  ? 7.946   7.099   -29.201 1.00 49.58  ? 40  ASP A CB  1 
ATOM   322  C CG  . ASP A 1 43  ? 7.838   8.009   -28.006 1.00 46.74  ? 40  ASP A CG  1 
ATOM   323  O OD1 . ASP A 1 43  ? 8.852   8.639   -27.642 1.00 57.43  ? 40  ASP A OD1 1 
ATOM   324  O OD2 . ASP A 1 43  ? 6.730   8.103   -27.439 1.00 41.84  ? 40  ASP A OD2 1 
ATOM   325  N N   . LYS A 1 44  ? 11.369  7.739   -28.810 1.00 35.09  ? 41  LYS A N   1 
ATOM   326  C CA  . LYS A 1 44  ? 12.489  8.636   -29.062 1.00 28.93  ? 41  LYS A CA  1 
ATOM   327  C C   . LYS A 1 44  ? 13.665  7.896   -29.712 1.00 33.43  ? 41  LYS A C   1 
ATOM   328  O O   . LYS A 1 44  ? 14.691  8.496   -30.016 1.00 37.93  ? 41  LYS A O   1 
ATOM   329  C CB  . LYS A 1 44  ? 12.931  9.332   -27.775 1.00 39.18  ? 41  LYS A CB  1 
ATOM   330  C CG  . LYS A 1 44  ? 14.006  10.385  -27.980 1.00 43.96  ? 41  LYS A CG  1 
ATOM   331  C CD  . LYS A 1 44  ? 14.087  11.341  -26.805 1.00 49.39  ? 41  LYS A CD  1 
ATOM   332  C CE  . LYS A 1 44  ? 14.672  10.671  -25.573 1.00 51.47  ? 41  LYS A CE  1 
ATOM   333  N NZ  . LYS A 1 44  ? 14.900  11.655  -24.476 1.00 52.68  ? 41  LYS A NZ  1 
ATOM   334  N N   . GLY A 1 45  ? 13.510  6.591   -29.912 1.00 34.80  ? 42  GLY A N   1 
ATOM   335  C CA  . GLY A 1 45  ? 14.527  5.793   -30.579 1.00 29.58  ? 42  GLY A CA  1 
ATOM   336  C C   . GLY A 1 45  ? 15.781  5.513   -29.765 1.00 31.48  ? 42  GLY A C   1 
ATOM   337  O O   . GLY A 1 45  ? 16.879  5.387   -30.319 1.00 28.04  ? 42  GLY A O   1 
ATOM   338  N N   . ALA A 1 46  ? 15.634  5.408   -28.449 1.00 24.90  ? 43  ALA A N   1 
ATOM   339  C CA  . ALA A 1 46  ? 16.780  5.067   -27.609 1.00 19.52  ? 43  ALA A CA  1 
ATOM   340  C C   . ALA A 1 46  ? 17.376  3.763   -28.103 1.00 22.74  ? 43  ALA A C   1 
ATOM   341  O O   . ALA A 1 46  ? 16.662  2.906   -28.627 1.00 22.07  ? 43  ALA A O   1 
ATOM   342  C CB  . ALA A 1 46  ? 16.366  4.944   -26.160 1.00 20.47  ? 43  ALA A CB  1 
ATOM   343  N N   . ASP A 1 47  ? 18.688  3.619   -27.948 1.00 23.58  ? 44  ASP A N   1 
ATOM   344  C CA  . ASP A 1 47  ? 19.356  2.410   -28.409 1.00 19.85  ? 44  ASP A CA  1 
ATOM   345  C C   . ASP A 1 47  ? 19.014  1.252   -27.472 1.00 18.42  ? 44  ASP A C   1 
ATOM   346  O O   . ASP A 1 47  ? 18.499  1.473   -26.369 1.00 16.53  ? 44  ASP A O   1 
ATOM   347  C CB  . ASP A 1 47  ? 20.873  2.636   -28.631 1.00 20.63  ? 44  ASP A CB  1 
ATOM   348  C CG  . ASP A 1 47  ? 21.682  2.725   -27.343 1.00 20.68  ? 44  ASP A CG  1 
ATOM   349  O OD1 . ASP A 1 47  ? 21.434  1.936   -26.418 1.00 19.21  ? 44  ASP A OD1 1 
ATOM   350  O OD2 . ASP A 1 47  ? 22.627  3.553   -27.287 1.00 20.69  ? 44  ASP A OD2 1 
ATOM   351  N N   . PRO A 1 48  ? 19.244  0.011   -27.926 1.00 20.58  ? 45  PRO A N   1 
ATOM   352  C CA  . PRO A 1 48  ? 18.858  -1.180  -27.163 1.00 19.86  ? 45  PRO A CA  1 
ATOM   353  C C   . PRO A 1 48  ? 19.501  -1.273  -25.785 1.00 18.23  ? 45  PRO A C   1 
ATOM   354  O O   . PRO A 1 48  ? 18.892  -1.812  -24.872 1.00 18.52  ? 45  PRO A O   1 
ATOM   355  C CB  . PRO A 1 48  ? 19.326  -2.335  -28.057 1.00 25.09  ? 45  PRO A CB  1 
ATOM   356  C CG  . PRO A 1 48  ? 19.377  -1.749  -29.432 1.00 23.48  ? 45  PRO A CG  1 
ATOM   357  C CD  . PRO A 1 48  ? 19.817  -0.338  -29.238 1.00 23.15  ? 45  PRO A CD  1 
ATOM   358  N N   . TYR A 1 49  ? 20.717  -0.764  -25.635 1.00 14.37  ? 46  TYR A N   1 
ATOM   359  C CA  . TYR A 1 49  ? 21.400  -0.814  -24.351 1.00 13.05  ? 46  TYR A CA  1 
ATOM   360  C C   . TYR A 1 49  ? 20.679  0.086   -23.361 1.00 15.25  ? 46  TYR A C   1 
ATOM   361  O O   . TYR A 1 49  ? 20.302  -0.341  -22.265 1.00 14.86  ? 46  TYR A O   1 
ATOM   362  C CB  . TYR A 1 49  ? 22.846  -0.367  -24.554 1.00 16.92  ? 46  TYR A CB  1 
ATOM   363  C CG  . TYR A 1 49  ? 23.671  -0.192  -23.301 1.00 15.17  ? 46  TYR A CG  1 
ATOM   364  C CD1 . TYR A 1 49  ? 24.534  -1.195  -22.863 1.00 16.82  ? 46  TYR A CD1 1 
ATOM   365  C CD2 . TYR A 1 49  ? 23.612  0.984   -22.573 1.00 17.09  ? 46  TYR A CD2 1 
ATOM   366  C CE1 . TYR A 1 49  ? 25.306  -1.023  -21.726 1.00 18.22  ? 46  TYR A CE1 1 
ATOM   367  C CE2 . TYR A 1 49  ? 24.385  1.164   -21.436 1.00 21.68  ? 46  TYR A CE2 1 
ATOM   368  C CZ  . TYR A 1 49  ? 25.228  0.157   -21.022 1.00 22.25  ? 46  TYR A CZ  1 
ATOM   369  O OH  . TYR A 1 49  ? 25.998  0.340   -19.892 1.00 27.20  ? 46  TYR A OH  1 
ATOM   370  N N   . ASP A 1 50  ? 20.474  1.338   -23.759 1.00 14.55  ? 47  ASP A N   1 
ATOM   371  C CA  . ASP A 1 50  ? 19.759  2.289   -22.921 1.00 14.02  ? 47  ASP A CA  1 
ATOM   372  C C   . ASP A 1 50  ? 18.333  1.824   -22.642 1.00 16.03  ? 47  ASP A C   1 
ATOM   373  O O   . ASP A 1 50  ? 17.837  1.963   -21.523 1.00 14.95  ? 47  ASP A O   1 
ATOM   374  C CB  . ASP A 1 50  ? 19.732  3.662   -23.588 1.00 17.09  ? 47  ASP A CB  1 
ATOM   375  C CG  . ASP A 1 50  ? 21.052  4.399   -23.465 1.00 19.60  ? 47  ASP A CG  1 
ATOM   376  O OD1 . ASP A 1 50  ? 21.833  4.065   -22.550 1.00 21.53  ? 47  ASP A OD1 1 
ATOM   377  O OD2 . ASP A 1 50  ? 21.296  5.321   -24.267 1.00 27.53  ? 47  ASP A OD2 1 
ATOM   378  N N   . LEU A 1 51  ? 17.664  1.303   -23.667 1.00 15.73  ? 48  LEU A N   1 
ATOM   379  C CA  . LEU A 1 51  ? 16.319  0.766   -23.479 1.00 15.73  ? 48  LEU A CA  1 
ATOM   380  C C   . LEU A 1 51  ? 16.313  -0.409  -22.518 1.00 13.91  ? 48  LEU A C   1 
ATOM   381  O O   . LEU A 1 51  ? 15.424  -0.508  -21.669 1.00 14.37  ? 48  LEU A O   1 
ATOM   382  C CB  . LEU A 1 51  ? 15.708  0.318   -24.799 1.00 17.15  ? 48  LEU A CB  1 
ATOM   383  C CG  . LEU A 1 51  ? 14.883  1.326   -25.572 1.00 27.96  ? 48  LEU A CG  1 
ATOM   384  C CD1 . LEU A 1 51  ? 14.409  0.658   -26.843 1.00 28.72  ? 48  LEU A CD1 1 
ATOM   385  C CD2 . LEU A 1 51  ? 13.704  1.796   -24.709 1.00 28.79  ? 48  LEU A CD2 1 
ATOM   386  N N   . LYS A 1 52  ? 17.288  -1.301  -22.652 1.00 12.97  ? 49  LYS A N   1 
ATOM   387  C CA  . LYS A 1 52  ? 17.350  -2.441  -21.745 1.00 11.33  ? 49  LYS A CA  1 
ATOM   388  C C   . LYS A 1 52  ? 17.572  -1.964  -20.316 1.00 13.14  ? 49  LYS A C   1 
ATOM   389  O O   . LYS A 1 52  ? 16.943  -2.457  -19.383 1.00 12.79  ? 49  LYS A O   1 
ATOM   390  C CB  . LYS A 1 52  ? 18.471  -3.389  -22.163 1.00 13.08  ? 49  LYS A CB  1 
ATOM   391  C CG  . LYS A 1 52  ? 18.598  -4.598  -21.249 1.00 14.28  ? 49  LYS A CG  1 
ATOM   392  C CD  . LYS A 1 52  ? 17.331  -5.441  -21.317 1.00 20.46  ? 49  LYS A CD  1 
ATOM   393  C CE  . LYS A 1 52  ? 17.477  -6.746  -20.558 1.00 27.52  ? 49  LYS A CE  1 
ATOM   394  N NZ  . LYS A 1 52  ? 18.682  -7.530  -20.992 1.00 28.90  ? 49  LYS A NZ  1 
ATOM   395  N N   . GLN A 1 53  ? 18.467  -1.000  -20.148 1.00 12.68  ? 50  GLN A N   1 
ATOM   396  C CA  . GLN A 1 53  ? 18.737  -0.448  -18.831 1.00 11.42  ? 50  GLN A CA  1 
ATOM   397  C C   . GLN A 1 53  ? 17.447  0.048   -18.210 1.00 11.11  ? 50  GLN A C   1 
ATOM   398  O O   . GLN A 1 53  ? 17.172  -0.214  -17.045 1.00 14.04  ? 50  GLN A O   1 
ATOM   399  C CB  . GLN A 1 53  ? 19.739  0.698   -18.924 1.00 16.03  ? 50  GLN A CB  1 
ATOM   400  C CG  . GLN A 1 53  ? 19.976  1.406   -17.604 1.00 22.91  ? 50  GLN A CG  1 
ATOM   401  C CD  . GLN A 1 53  ? 20.962  2.551   -17.744 1.00 37.15  ? 50  GLN A CD  1 
ATOM   402  O OE1 . GLN A 1 53  ? 21.036  3.191   -18.792 1.00 44.62  ? 50  GLN A OE1 1 
ATOM   403  N NE2 . GLN A 1 53  ? 21.722  2.815   -16.689 1.00 42.80  ? 50  GLN A NE2 1 
ATOM   404  N N   . GLN A 1 54  ? 16.646  0.744   -19.009 1.00 11.86  ? 51  GLN A N   1 
ATOM   405  C CA  . GLN A 1 54  ? 15.435  1.368   -18.493 1.00 10.14  ? 51  GLN A CA  1 
ATOM   406  C C   . GLN A 1 54  ? 14.363  0.320   -18.262 1.00 12.61  ? 51  GLN A C   1 
ATOM   407  O O   . GLN A 1 54  ? 13.566  0.433   -17.333 1.00 13.26  ? 51  GLN A O   1 
ATOM   408  C CB  . GLN A 1 54  ? 14.934  2.438   -19.457 1.00 11.02  ? 51  GLN A CB  1 
ATOM   409  C CG  . GLN A 1 54  ? 13.546  2.980   -19.102 1.00 11.84  ? 51  GLN A CG  1 
ATOM   410  C CD  . GLN A 1 54  ? 13.491  3.601   -17.736 1.00 15.23  ? 51  GLN A CD  1 
ATOM   411  O OE1 . GLN A 1 54  ? 12.418  3.700   -17.134 1.00 16.03  ? 51  GLN A OE1 1 
ATOM   412  N NE2 . GLN A 1 54  ? 14.631  4.017   -17.228 1.00 11.84  ? 51  GLN A NE2 1 
ATOM   413  N N   . GLU A 1 55  ? 14.349  -0.705  -19.106 1.00 12.50  ? 52  GLU A N   1 
ATOM   414  C CA  . GLU A 1 55  ? 13.401  -1.800  -18.916 1.00 13.36  ? 52  GLU A CA  1 
ATOM   415  C C   . GLU A 1 55  ? 13.706  -2.541  -17.621 1.00 13.02  ? 52  GLU A C   1 
ATOM   416  O O   . GLU A 1 55  ? 12.794  -2.950  -16.919 1.00 12.76  ? 52  GLU A O   1 
ATOM   417  C CB  . GLU A 1 55  ? 13.401  -2.745  -20.119 1.00 18.04  ? 52  GLU A CB  1 
ATOM   418  C CG  . GLU A 1 55  ? 12.718  -2.113  -21.344 1.00 19.50  ? 52  GLU A CG  1 
ATOM   419  C CD  . GLU A 1 55  ? 12.890  -2.921  -22.617 1.00 33.17  ? 52  GLU A CD  1 
ATOM   420  O OE1 . GLU A 1 55  ? 13.574  -3.965  -22.573 1.00 36.94  ? 52  GLU A OE1 1 
ATOM   421  O OE2 . GLU A 1 55  ? 12.348  -2.501  -23.669 1.00 32.97  ? 52  GLU A OE2 1 
ATOM   422  N N   . ASN A 1 56  ? 14.984  -2.688  -17.298 1.00 13.55  ? 53  ASN A N   1 
ATOM   423  C CA  . ASN A 1 56  ? 15.374  -3.281  -16.019 1.00 15.11  ? 53  ASN A CA  1 
ATOM   424  C C   . ASN A 1 56  ? 14.931  -2.418  -14.841 1.00 11.54  ? 53  ASN A C   1 
ATOM   425  O O   . ASN A 1 56  ? 14.475  -2.936  -13.812 1.00 14.65  ? 53  ASN A O   1 
ATOM   426  C CB  . ASN A 1 56  ? 16.891  -3.485  -15.955 1.00 13.67  ? 53  ASN A CB  1 
ATOM   427  C CG  . ASN A 1 56  ? 17.382  -4.588  -16.877 1.00 15.97  ? 53  ASN A CG  1 
ATOM   428  O OD1 . ASN A 1 56  ? 16.610  -5.430  -17.348 1.00 19.08  ? 53  ASN A OD1 1 
ATOM   429  N ND2 . ASN A 1 56  ? 18.672  -4.575  -17.150 1.00 15.15  ? 53  ASN A ND2 1 
ATOM   430  N N   . VAL A 1 57  ? 15.084  -1.104  -14.976 1.00 11.69  ? 54  VAL A N   1 
ATOM   431  C CA  . VAL A 1 57  ? 14.645  -0.186  -13.932 1.00 12.44  ? 54  VAL A CA  1 
ATOM   432  C C   . VAL A 1 57  ? 13.146  -0.327  -13.706 1.00 14.32  ? 54  VAL A C   1 
ATOM   433  O O   . VAL A 1 57  ? 12.687  -0.451  -12.571 1.00 12.63  ? 54  VAL A O   1 
ATOM   434  C CB  . VAL A 1 57  ? 15.009  1.255   -14.284 1.00 12.81  ? 54  VAL A CB  1 
ATOM   435  C CG1 . VAL A 1 57  ? 14.420  2.212   -13.276 1.00 14.86  ? 54  VAL A CG1 1 
ATOM   436  C CG2 . VAL A 1 57  ? 16.529  1.396   -14.335 1.00 16.57  ? 54  VAL A CG2 1 
ATOM   437  N N   . LEU A 1 58  ? 12.388  -0.318  -14.795 1.00 10.69  ? 55  LEU A N   1 
ATOM   438  C CA  . LEU A 1 58  ? 10.951  -0.517  -14.704 1.00 10.33  ? 55  LEU A CA  1 
ATOM   439  C C   . LEU A 1 58  ? 10.615  -1.859  -14.060 1.00 10.75  ? 55  LEU A C   1 
ATOM   440  O O   . LEU A 1 58  ? 9.767   -1.939  -13.186 1.00 11.76  ? 55  LEU A O   1 
ATOM   441  C CB  . LEU A 1 58  ? 10.340  -0.455  -16.101 1.00 11.62  ? 55  LEU A CB  1 
ATOM   442  C CG  . LEU A 1 58  ? 8.856   -0.778  -16.188 1.00 10.18  ? 55  LEU A CG  1 
ATOM   443  C CD1 . LEU A 1 58  ? 8.014   0.185   -15.346 1.00 11.58  ? 55  LEU A CD1 1 
ATOM   444  C CD2 . LEU A 1 58  ? 8.464   -0.692  -17.635 1.00 11.54  ? 55  LEU A CD2 1 
ATOM   445  N N   . GLY A 1 59  ? 11.292  -2.913  -14.510 1.00 11.45  ? 56  GLY A N   1 
ATOM   446  C CA  . GLY A 1 59  ? 11.031  -4.234  -13.973 1.00 11.25  ? 56  GLY A CA  1 
ATOM   447  C C   . GLY A 1 59  ? 11.227  -4.264  -12.475 1.00 14.16  ? 56  GLY A C   1 
ATOM   448  O O   . GLY A 1 59  ? 10.416  -4.841  -11.752 1.00 13.66  ? 56  GLY A O   1 
ATOM   449  N N   . GLU A 1 60  ? 12.304  -3.643  -12.006 1.00 11.12  ? 57  GLU A N   1 
ATOM   450  C CA  . GLU A 1 60  ? 12.603  -3.656  -10.582 1.00 11.22  ? 57  GLU A CA  1 
ATOM   451  C C   . GLU A 1 60  ? 11.595  -2.808  -9.825  1.00 10.63  ? 57  GLU A C   1 
ATOM   452  O O   . GLU A 1 60  ? 11.155  -3.182  -8.736  1.00 14.32  ? 57  GLU A O   1 
ATOM   453  C CB  . GLU A 1 60  ? 14.038  -3.182  -10.304 1.00 16.74  ? 57  GLU A CB  1 
ATOM   454  C CG  . GLU A 1 60  ? 14.375  -3.116  -8.815  1.00 19.72  ? 57  GLU A CG  1 
ATOM   455  C CD  . GLU A 1 60  ? 14.382  -4.484  -8.123  1.00 31.68  ? 57  GLU A CD  1 
ATOM   456  O OE1 . GLU A 1 60  ? 13.929  -5.479  -8.728  1.00 30.04  ? 57  GLU A OE1 1 
ATOM   457  O OE2 . GLU A 1 60  ? 14.839  -4.563  -6.960  1.00 25.73  ? 57  GLU A OE2 1 
ATOM   458  N N   . SER A 1 61  ? 11.206  -1.674  -10.404 1.00 10.43  ? 58  SER A N   1 
ATOM   459  C CA  . SER A 1 61  ? 10.170  -0.859  -9.766  1.00 11.94  ? 58  SER A CA  1 
ATOM   460  C C   . SER A 1 61  ? 8.898   -1.688  -9.563  1.00 11.74  ? 58  SER A C   1 
ATOM   461  O O   . SER A 1 61  ? 8.238   -1.611  -8.509  1.00 12.77  ? 58  SER A O   1 
ATOM   462  C CB  . SER A 1 61  ? 9.873   0.425   -10.568 1.00 12.09  ? 58  SER A CB  1 
ATOM   463  O OG  A SER A 1 61  ? 9.137   0.158   -11.745 0.50 13.20  ? 58  SER A OG  1 
ATOM   464  O OG  B SER A 1 61  ? 11.037  1.221   -10.705 0.50 15.68  ? 58  SER A OG  1 
ATOM   465  N N   . ARG A 1 62  ? 8.548   -2.491  -10.556 1.00 11.06  ? 59  ARG A N   1 
ATOM   466  C CA  . ARG A 1 62  ? 7.348   -3.306  -10.448 1.00 9.92   ? 59  ARG A CA  1 
ATOM   467  C C   . ARG A 1 62  ? 7.499   -4.372  -9.386  1.00 12.56  ? 59  ARG A C   1 
ATOM   468  O O   . ARG A 1 62  ? 6.521   -4.769  -8.768  1.00 13.15  ? 59  ARG A O   1 
ATOM   469  C CB  . ARG A 1 62  ? 7.017   -3.971  -11.782 1.00 11.19  ? 59  ARG A CB  1 
ATOM   470  C CG  . ARG A 1 62  ? 6.573   -2.995  -12.874 1.00 10.77  ? 59  ARG A CG  1 
ATOM   471  C CD  . ARG A 1 62  ? 6.141   -3.823  -14.070 1.00 15.80  ? 59  ARG A CD  1 
ATOM   472  N NE  . ARG A 1 62  ? 5.928   -3.062  -15.291 1.00 25.05  ? 59  ARG A NE  1 
ATOM   473  C CZ  . ARG A 1 62  ? 4.882   -2.283  -15.531 1.00 30.51  ? 59  ARG A CZ  1 
ATOM   474  N NH1 . ARG A 1 62  ? 3.943   -2.116  -14.609 1.00 30.76  ? 59  ARG A NH1 1 
ATOM   475  N NH2 . ARG A 1 62  ? 4.783   -1.662  -16.703 1.00 22.85  ? 59  ARG A NH2 1 
ATOM   476  N N   . MET A 1 63  ? 8.719   -4.846  -9.176  1.00 11.48  ? 60  MET A N   1 
ATOM   477  C CA  . MET A 1 63  ? 8.934   -5.926  -8.225  1.00 11.89  ? 60  MET A CA  1 
ATOM   478  C C   . MET A 1 63  ? 8.721   -5.458  -6.796  1.00 16.81  ? 60  MET A C   1 
ATOM   479  O O   . MET A 1 63  ? 8.590   -6.281  -5.886  1.00 15.33  ? 60  MET A O   1 
ATOM   480  C CB  . MET A 1 63  ? 10.333  -6.516  -8.396  1.00 16.06  ? 60  MET A CB  1 
ATOM   481  C CG  . MET A 1 63  ? 10.489  -7.338  -9.653  1.00 16.22  ? 60  MET A CG  1 
ATOM   482  S SD  . MET A 1 63  ? 9.278   -8.677  -9.755  1.00 17.51  ? 60  MET A SD  1 
ATOM   483  C CE  . MET A 1 63  ? 9.491   -9.461  -8.172  1.00 14.54  ? 60  MET A CE  1 
ATOM   484  N N   . MET A 1 64  ? 8.670   -4.143  -6.596  1.00 13.72  ? 61  MET A N   1 
ATOM   485  C CA  . MET A 1 64  ? 8.430   -3.599  -5.268  1.00 12.43  ? 61  MET A CA  1 
ATOM   486  C C   . MET A 1 64  ? 6.985   -3.789  -4.860  1.00 13.68  ? 61  MET A C   1 
ATOM   487  O O   . MET A 1 64  ? 6.660   -3.847  -3.669  1.00 14.74  ? 61  MET A O   1 
ATOM   488  C CB  . MET A 1 64  ? 8.763   -2.108  -5.222  1.00 12.78  ? 61  MET A CB  1 
ATOM   489  C CG  . MET A 1 64  ? 10.194  -1.814  -5.576  1.00 17.09  ? 61  MET A CG  1 
ATOM   490  S SD  . MET A 1 64  ? 11.320  -2.716  -4.503  1.00 20.44  ? 61  MET A SD  1 
ATOM   491  C CE  . MET A 1 64  ? 12.754  -2.871  -5.563  1.00 31.51  ? 61  MET A CE  1 
ATOM   492  N N   . ILE A 1 65  ? 6.112   -3.884  -5.852  1.00 11.90  ? 62  ILE A N   1 
ATOM   493  C CA  . ILE A 1 65  ? 4.677   -3.796  -5.584  1.00 13.20  ? 62  ILE A CA  1 
ATOM   494  C C   . ILE A 1 65  ? 4.070   -5.024  -4.882  1.00 14.35  ? 62  ILE A C   1 
ATOM   495  O O   . ILE A 1 65  ? 3.419   -4.877  -3.861  1.00 12.22  ? 62  ILE A O   1 
ATOM   496  C CB  . ILE A 1 65  ? 3.897   -3.384  -6.832  1.00 13.65  ? 62  ILE A CB  1 
ATOM   497  C CG1 . ILE A 1 65  ? 4.198   -1.916  -7.144  1.00 20.57  ? 62  ILE A CG1 1 
ATOM   498  C CG2 . ILE A 1 65  ? 2.398   -3.570  -6.624  1.00 21.02  ? 62  ILE A CG2 1 
ATOM   499  C CD1 . ILE A 1 65  ? 3.645   -1.450  -8.435  1.00 32.16  ? 62  ILE A CD1 1 
ATOM   500  N N   . PRO A 1 66  ? 4.296   -6.237  -5.399  1.00 12.73  ? 63  PRO A N   1 
ATOM   501  C CA  . PRO A 1 66  ? 3.692   -7.386  -4.705  1.00 10.88  ? 63  PRO A CA  1 
ATOM   502  C C   . PRO A 1 66  ? 4.148   -7.513  -3.251  1.00 12.23  ? 63  PRO A C   1 
ATOM   503  O O   . PRO A 1 66  ? 3.352   -7.831  -2.380  1.00 14.22  ? 63  PRO A O   1 
ATOM   504  C CB  . PRO A 1 66  ? 4.165   -8.577  -5.543  1.00 13.51  ? 63  PRO A CB  1 
ATOM   505  C CG  . PRO A 1 66  ? 4.336   -7.993  -6.904  1.00 15.69  ? 63  PRO A CG  1 
ATOM   506  C CD  . PRO A 1 66  ? 4.924   -6.636  -6.669  1.00 14.31  ? 63  PRO A CD  1 
ATOM   507  N N   . ASP A 1 67  ? 5.427   -7.269  -2.991  1.00 11.88  ? 64  ASP A N   1 
ATOM   508  C CA  . ASP A 1 67  ? 5.947   -7.343  -1.639  1.00 14.50  ? 64  ASP A CA  1 
ATOM   509  C C   . ASP A 1 67  ? 5.237   -6.318  -0.759  1.00 12.33  ? 64  ASP A C   1 
ATOM   510  O O   . ASP A 1 67  ? 4.881   -6.599  0.397   1.00 14.71  ? 64  ASP A O   1 
ATOM   511  C CB  . ASP A 1 67  ? 7.448   -7.056  -1.660  1.00 16.03  ? 64  ASP A CB  1 
ATOM   512  C CG  . ASP A 1 67  ? 8.162   -7.626  -0.467  1.00 29.42  ? 64  ASP A CG  1 
ATOM   513  O OD1 . ASP A 1 67  ? 7.638   -8.585  0.138   1.00 30.17  ? 64  ASP A OD1 1 
ATOM   514  O OD2 . ASP A 1 67  ? 9.248   -7.111  -0.138  1.00 38.99  ? 64  ASP A OD2 1 
ATOM   515  N N   . CYS A 1 68  ? 5.028   -5.132  -1.315  1.00 10.91  ? 65  CYS A N   1 
ATOM   516  C CA  . CYS A 1 68  ? 4.304   -4.099  -0.589  1.00 10.88  ? 65  CYS A CA  1 
ATOM   517  C C   . CYS A 1 68  ? 2.859   -4.550  -0.338  1.00 10.99  ? 65  CYS A C   1 
ATOM   518  O O   . CYS A 1 68  ? 2.321   -4.351  0.751   1.00 11.24  ? 65  CYS A O   1 
ATOM   519  C CB  . CYS A 1 68  ? 4.349   -2.776  -1.359  1.00 11.01  ? 65  CYS A CB  1 
ATOM   520  S SG  . CYS A 1 68  ? 3.649   -1.418  -0.412  1.00 12.66  ? 65  CYS A SG  1 
ATOM   521  N N   . HIS A 1 69  ? 2.227   -5.149  -1.348  1.00 11.09  ? 66  HIS A N   1 
ATOM   522  C CA  . HIS A 1 69  ? 0.877   -5.693  -1.155  1.00 11.13  ? 66  HIS A CA  1 
ATOM   523  C C   . HIS A 1 69  ? 0.850   -6.711  -0.027  1.00 13.47  ? 66  HIS A C   1 
ATOM   524  O O   . HIS A 1 69  ? -0.075  -6.735  0.795   1.00 13.21  ? 66  HIS A O   1 
ATOM   525  C CB  . HIS A 1 69  ? 0.369   -6.396  -2.415  1.00 16.11  ? 66  HIS A CB  1 
ATOM   526  C CG  . HIS A 1 69  ? -0.083  -5.467  -3.494  1.00 18.82  ? 66  HIS A CG  1 
ATOM   527  N ND1 . HIS A 1 69  ? -0.075  -5.836  -4.825  1.00 24.23  ? 66  HIS A ND1 1 
ATOM   528  C CD2 . HIS A 1 69  ? -0.558  -4.205  -3.449  1.00 21.69  ? 66  HIS A CD2 1 
ATOM   529  C CE1 . HIS A 1 69  ? -0.535  -4.827  -5.555  1.00 25.21  ? 66  HIS A CE1 1 
ATOM   530  N NE2 . HIS A 1 69  ? -0.832  -3.832  -4.744  1.00 21.44  ? 66  HIS A NE2 1 
ATOM   531  N N   . LYS A 1 70  ? 1.859   -7.567  0.010   1.00 13.33  ? 67  LYS A N   1 
ATOM   532  C CA  . LYS A 1 70  ? 1.903   -8.581  1.042   1.00 13.65  ? 67  LYS A CA  1 
ATOM   533  C C   . LYS A 1 70  ? 1.915   -7.935  2.410   1.00 12.41  ? 67  LYS A C   1 
ATOM   534  O O   . LYS A 1 70  ? 1.168   -8.331  3.304   1.00 12.37  ? 67  LYS A O   1 
ATOM   535  C CB  . LYS A 1 70  ? 3.144   -9.451  0.869   1.00 14.17  ? 67  LYS A CB  1 
ATOM   536  C CG  . LYS A 1 70  ? 3.329   -10.501 1.950   1.00 15.01  ? 67  LYS A CG  1 
ATOM   537  C CD  . LYS A 1 70  ? 4.737   -11.088 1.811   1.00 19.90  ? 67  LYS A CD  1 
ATOM   538  C CE  . LYS A 1 70  ? 4.996   -12.240 2.759   1.00 32.93  ? 67  LYS A CE  1 
ATOM   539  N NZ  . LYS A 1 70  ? 6.440   -12.630 2.693   1.00 41.12  ? 67  LYS A NZ  1 
ATOM   540  N N   . ARG A 1 71  ? 2.767   -6.926  2.579   1.00 12.44  ? 68  ARG A N   1 
ATOM   541  C CA  . ARG A 1 71  ? 2.822   -6.204  3.842   1.00 10.73  ? 68  ARG A CA  1 
ATOM   542  C C   . ARG A 1 71  ? 1.503   -5.507  4.132   1.00 11.30  ? 68  ARG A C   1 
ATOM   543  O O   . ARG A 1 71  ? 1.045   -5.475  5.273   1.00 10.87  ? 68  ARG A O   1 
ATOM   544  C CB  . ARG A 1 71  ? 3.953   -5.178  3.820   1.00 12.65  ? 68  ARG A CB  1 
ATOM   545  C CG  . ARG A 1 71  ? 5.321   -5.818  3.836   1.00 14.33  ? 68  ARG A CG  1 
ATOM   546  C CD  . ARG A 1 71  ? 6.408   -4.774  4.020   1.00 16.04  ? 68  ARG A CD  1 
ATOM   547  N NE  . ARG A 1 71  ? 6.531   -3.883  2.867   1.00 14.76  ? 68  ARG A NE  1 
ATOM   548  C CZ  . ARG A 1 71  ? 6.259   -2.584  2.884   1.00 26.59  ? 68  ARG A CZ  1 
ATOM   549  N NH1 . ARG A 1 71  ? 5.835   -2.006  3.997   1.00 29.84  ? 68  ARG A NH1 1 
ATOM   550  N NH2 . ARG A 1 71  ? 6.408   -1.862  1.781   1.00 40.74  ? 68  ARG A NH2 1 
ATOM   551  N N   . LEU A 1 72  ? 0.889   -4.950  3.102   1.00 11.34  ? 69  LEU A N   1 
ATOM   552  C CA  . LEU A 1 72  ? -0.393  -4.280  3.286   1.00 10.91  ? 69  LEU A CA  1 
ATOM   553  C C   . LEU A 1 72  ? -1.471  -5.264  3.716   1.00 10.92  ? 69  LEU A C   1 
ATOM   554  O O   . LEU A 1 72  ? -2.309  -4.954  4.571   1.00 12.37  ? 69  LEU A O   1 
ATOM   555  C CB  . LEU A 1 72  ? -0.819  -3.572  2.005   1.00 11.68  ? 69  LEU A CB  1 
ATOM   556  C CG  . LEU A 1 72  ? -2.139  -2.803  2.086   1.00 11.84  ? 69  LEU A CG  1 
ATOM   557  C CD1 . LEU A 1 72  ? -2.103  -1.800  3.235   1.00 13.03  ? 69  LEU A CD1 1 
ATOM   558  C CD2 . LEU A 1 72  ? -2.397  -2.100  0.762   1.00 15.83  ? 69  LEU A CD2 1 
ATOM   559  N N   . GLU A 1 73  ? -1.481  -6.439  3.092   1.00 12.73  ? 70  GLU A N   1 
ATOM   560  C CA  . GLU A 1 73  ? -2.464  -7.461  3.418   1.00 14.41  ? 70  GLU A CA  1 
ATOM   561  C C   . GLU A 1 73  ? -2.267  -7.916  4.856   1.00 16.59  ? 70  GLU A C   1 
ATOM   562  O O   . GLU A 1 73  ? -3.233  -8.165  5.575   1.00 15.08  ? 70  GLU A O   1 
ATOM   563  C CB  . GLU A 1 73  ? -2.321  -8.652  2.463   1.00 19.77  ? 70  GLU A CB  1 
ATOM   564  C CG  . GLU A 1 73  ? -2.705  -8.335  1.030   1.00 27.74  ? 70  GLU A CG  1 
ATOM   565  C CD  . GLU A 1 73  ? -2.261  -9.408  0.049   1.00 35.11  ? 70  GLU A CD  1 
ATOM   566  O OE1 . GLU A 1 73  ? -1.869  -10.509 0.492   1.00 36.91  ? 70  GLU A OE1 1 
ATOM   567  O OE2 . GLU A 1 73  ? -2.299  -9.146  -1.168  1.00 43.14  ? 70  GLU A OE2 1 
ATOM   568  N N   . SER A 1 74  ? -1.011  -8.016  5.274   1.00 12.82  ? 71  SER A N   1 
ATOM   569  C CA  . SER A 1 74  ? -0.713  -8.421  6.643   1.00 13.77  ? 71  SER A CA  1 
ATOM   570  C C   . SER A 1 74  ? -1.223  -7.374  7.615   1.00 14.44  ? 71  SER A C   1 
ATOM   571  O O   . SER A 1 74  ? -1.797  -7.704  8.652   1.00 16.32  ? 71  SER A O   1 
ATOM   572  C CB  . SER A 1 74  ? 0.788   -8.646  6.827   1.00 15.46  ? 71  SER A CB  1 
ATOM   573  O OG  A SER A 1 74  ? 1.045   -9.353  8.023   0.50 14.95  ? 71  SER A OG  1 
ATOM   574  O OG  B SER A 1 74  ? 1.191   -9.836  6.181   0.50 14.37  ? 71  SER A OG  1 
ATOM   575  N N   . ALA A 1 75  ? -1.010  -6.111  7.266   1.00 11.49  ? 72  ALA A N   1 
ATOM   576  C CA  . ALA A 1 75  ? -1.431  -5.006  8.117   1.00 9.20   ? 72  ALA A CA  1 
ATOM   577  C C   . ALA A 1 75  ? -2.947  -4.923  8.166   1.00 14.46  ? 72  ALA A C   1 
ATOM   578  O O   . ALA A 1 75  ? -3.536  -4.669  9.213   1.00 14.59  ? 72  ALA A O   1 
ATOM   579  C CB  . ALA A 1 75  ? -0.824  -3.706  7.633   1.00 13.18  ? 72  ALA A CB  1 
ATOM   580  N N   . LEU A 1 76  ? -3.580  -5.180  7.031   1.00 14.06  ? 73  LEU A N   1 
ATOM   581  C CA  . LEU A 1 76  ? -5.033  -5.212  6.983   1.00 12.29  ? 73  LEU A CA  1 
ATOM   582  C C   . LEU A 1 76  ? -5.574  -6.332  7.865   1.00 17.64  ? 73  LEU A C   1 
ATOM   583  O O   . LEU A 1 76  ? -6.586  -6.159  8.540   1.00 19.51  ? 73  LEU A O   1 
ATOM   584  C CB  . LEU A 1 76  ? -5.488  -5.384  5.537   1.00 14.84  ? 73  LEU A CB  1 
ATOM   585  C CG  . LEU A 1 76  ? -7.000  -5.480  5.338   1.00 15.78  ? 73  LEU A CG  1 
ATOM   586  C CD1 . LEU A 1 76  ? -7.655  -4.162  5.696   1.00 18.94  ? 73  LEU A CD1 1 
ATOM   587  C CD2 . LEU A 1 76  ? -7.288  -5.863  3.900   1.00 20.13  ? 73  LEU A CD2 1 
ATOM   588  N N   . ALA A 1 77  ? -4.906  -7.486  7.858   1.00 14.94  ? 74  ALA A N   1 
ATOM   589  C CA  . ALA A 1 77  ? -5.316  -8.603  8.715   1.00 18.39  ? 74  ALA A CA  1 
ATOM   590  C C   . ALA A 1 77  ? -5.149  -8.273  10.194  1.00 20.95  ? 74  ALA A C   1 
ATOM   591  O O   . ALA A 1 77  ? -5.975  -8.652  11.022  1.00 23.35  ? 74  ALA A O   1 
ATOM   592  C CB  . ALA A 1 77  ? -4.540  -9.858  8.362   1.00 23.72  ? 74  ALA A CB  1 
ATOM   593  N N   . ASP A 1 78  ? -4.073  -7.572  10.515  1.00 19.05  ? 75  ASP A N   1 
ATOM   594  C CA  . ASP A 1 78  ? -3.798  -7.141  11.880  1.00 15.99  ? 75  ASP A CA  1 
ATOM   595  C C   . ASP A 1 78  ? -4.905  -6.196  12.322  1.00 17.57  ? 75  ASP A C   1 
ATOM   596  O O   . ASP A 1 78  ? -5.469  -6.354  13.394  1.00 19.44  ? 75  ASP A O   1 
ATOM   597  C CB  . ASP A 1 78  ? -2.446  -6.436  11.933  1.00 18.70  ? 75  ASP A CB  1 
ATOM   598  C CG  . ASP A 1 78  ? -1.761  -6.563  13.282  1.00 24.99  ? 75  ASP A CG  1 
ATOM   599  O OD1 . ASP A 1 78  ? -2.214  -7.374  14.109  1.00 25.68  ? 75  ASP A OD1 1 
ATOM   600  O OD2 . ASP A 1 78  ? -0.762  -5.843  13.509  1.00 22.46  ? 75  ASP A OD2 1 
ATOM   601  N N   . LEU A 1 79  ? -5.219  -5.215  11.481  1.00 17.32  ? 76  LEU A N   1 
ATOM   602  C CA  . LEU A 1 79  ? -6.279  -4.247  11.779  1.00 11.51  ? 76  LEU A CA  1 
ATOM   603  C C   . LEU A 1 79  ? -7.632  -4.931  11.917  1.00 16.17  ? 76  LEU A C   1 
ATOM   604  O O   . LEU A 1 79  ? -8.386  -4.659  12.852  1.00 17.31  ? 76  LEU A O   1 
ATOM   605  C CB  . LEU A 1 79  ? -6.347  -3.192  10.676  1.00 14.28  ? 76  LEU A CB  1 
ATOM   606  C CG  . LEU A 1 79  ? -7.408  -2.106  10.798  1.00 15.76  ? 76  LEU A CG  1 
ATOM   607  C CD1 . LEU A 1 79  ? -7.223  -1.385  12.128  1.00 15.06  ? 76  LEU A CD1 1 
ATOM   608  C CD2 . LEU A 1 79  ? -7.267  -1.140  9.631   1.00 14.23  ? 76  LEU A CD2 1 
ATOM   609  N N   . LYS A 1 80  ? -7.948  -5.804  10.972  1.00 18.29  ? 77  LYS A N   1 
ATOM   610  C CA  . LYS A 1 80  ? -9.238  -6.476  10.992  1.00 19.05  ? 77  LYS A CA  1 
ATOM   611  C C   . LYS A 1 80  ? -9.378  -7.336  12.236  1.00 20.99  ? 77  LYS A C   1 
ATOM   612  O O   . LYS A 1 80  ? -10.451 -7.390  12.843  1.00 24.48  ? 77  LYS A O   1 
ATOM   613  C CB  . LYS A 1 80  ? -9.403  -7.323  9.739   1.00 22.12  ? 77  LYS A CB  1 
ATOM   614  C CG  . LYS A 1 80  ? -9.794  -6.535  8.511   1.00 24.22  ? 77  LYS A CG  1 
ATOM   615  C CD  . LYS A 1 80  ? -9.849  -7.472  7.331   1.00 29.79  ? 77  LYS A CD  1 
ATOM   616  C CE  . LYS A 1 80  ? -10.574 -6.876  6.153   1.00 43.39  ? 77  LYS A CE  1 
ATOM   617  N NZ  . LYS A 1 80  ? -10.410 -7.766  4.963   1.00 50.96  ? 77  LYS A NZ  1 
ATOM   618  N N   . SER A 1 81  ? -8.290  -7.994  12.625  1.00 24.89  ? 78  SER A N   1 
ATOM   619  C CA  . SER A 1 81  ? -8.280  -8.833  13.825  1.00 24.16  ? 78  SER A CA  1 
ATOM   620  C C   . SER A 1 81  ? -8.624  -8.004  15.062  1.00 23.27  ? 78  SER A C   1 
ATOM   621  O O   . SER A 1 81  ? -9.425  -8.413  15.902  1.00 28.29  ? 78  SER A O   1 
ATOM   622  C CB  . SER A 1 81  ? -6.903  -9.491  13.989  1.00 30.59  ? 78  SER A CB  1 
ATOM   623  O OG  . SER A 1 81  ? -6.748  -10.051 15.286  1.00 45.02  ? 78  SER A OG  1 
ATOM   624  N N   . THR A 1 82  ? -8.019  -6.829  15.159  1.00 19.92  ? 79  THR A N   1 
ATOM   625  C CA  . THR A 1 82  ? -8.273  -5.913  16.261  1.00 18.80  ? 79  THR A CA  1 
ATOM   626  C C   . THR A 1 82  ? -9.708  -5.413  16.228  1.00 19.69  ? 79  THR A C   1 
ATOM   627  O O   . THR A 1 82  ? -10.372 -5.329  17.265  1.00 21.35  ? 79  THR A O   1 
ATOM   628  C CB  . THR A 1 82  ? -7.312  -4.709  16.199  1.00 19.43  ? 79  THR A CB  1 
ATOM   629  O OG1 . THR A 1 82  ? -5.973  -5.200  16.058  1.00 26.65  ? 79  THR A OG1 1 
ATOM   630  C CG2 . THR A 1 82  ? -7.403  -3.875  17.467  1.00 23.43  ? 79  THR A CG2 1 
ATOM   631  N N   . LEU A 1 83  ? -10.189 -5.048  15.047  1.00 19.18  ? 80  LEU A N   1 
ATOM   632  C CA  . LEU A 1 83  ? -11.595 -4.666  14.939  1.00 20.64  ? 80  LEU A CA  1 
ATOM   633  C C   . LEU A 1 83  ? -12.493 -5.804  15.395  1.00 24.91  ? 80  LEU A C   1 
ATOM   634  O O   . LEU A 1 83  ? -13.438 -5.591  16.150  1.00 27.56  ? 80  LEU A O   1 
ATOM   635  C CB  . LEU A 1 83  ? -11.952 -4.267  13.514  1.00 19.79  ? 80  LEU A CB  1 
ATOM   636  C CG  . LEU A 1 83  ? -11.541 -2.876  13.066  1.00 21.20  ? 80  LEU A CG  1 
ATOM   637  C CD1 . LEU A 1 83  ? -11.779 -2.733  11.564  1.00 24.97  ? 80  LEU A CD1 1 
ATOM   638  C CD2 . LEU A 1 83  ? -12.293 -1.809  13.842  1.00 20.85  ? 80  LEU A CD2 1 
ATOM   639  N N   . ALA A 1 84  ? -12.191 -7.017  14.937  1.00 25.46  ? 81  ALA A N   1 
ATOM   640  C CA  . ALA A 1 84  ? -12.972 -8.198  15.316  1.00 24.21  ? 81  ALA A CA  1 
ATOM   641  C C   . ALA A 1 84  ? -12.973 -8.393  16.827  1.00 24.16  ? 81  ALA A C   1 
ATOM   642  O O   . ALA A 1 84  ? -13.961 -8.830  17.414  1.00 27.62  ? 81  ALA A O   1 
ATOM   643  C CB  . ALA A 1 84  ? -12.420 -9.436  14.630  1.00 27.03  ? 81  ALA A CB  1 
ATOM   644  N N   . GLU A 1 85  ? -11.853 -8.074  17.458  1.00 27.29  ? 82  GLU A N   1 
ATOM   645  C CA  . GLU A 1 85  ? -11.756 -8.198  18.902  1.00 26.26  ? 82  GLU A CA  1 
ATOM   646  C C   . GLU A 1 85  ? -12.659 -7.168  19.585  1.00 26.49  ? 82  GLU A C   1 
ATOM   647  O O   . GLU A 1 85  ? -13.298 -7.452  20.599  1.00 31.32  ? 82  GLU A O   1 
ATOM   648  C CB  . GLU A 1 85  ? -10.304 -8.023  19.341  1.00 31.19  ? 82  GLU A CB  1 
ATOM   649  C CG  . GLU A 1 85  ? -10.063 -8.360  20.791  1.00 28.35  ? 82  GLU A CG  1 
ATOM   650  C CD  . GLU A 1 85  ? -8.606  -8.221  21.168  1.00 29.44  ? 82  GLU A CD  1 
ATOM   651  O OE1 . GLU A 1 85  ? -7.802  -7.841  20.293  1.00 35.28  ? 82  GLU A OE1 1 
ATOM   652  O OE2 . GLU A 1 85  ? -8.265  -8.494  22.336  1.00 35.74  ? 82  GLU A OE2 1 
ATOM   653  N N   . LEU A 1 86  ? -12.717 -5.968  19.017  1.00 23.85  ? 83  LEU A N   1 
ATOM   654  C CA  . LEU A 1 86  ? -13.532 -4.898  19.589  1.00 23.35  ? 83  LEU A CA  1 
ATOM   655  C C   . LEU A 1 86  ? -15.020 -5.123  19.367  1.00 26.91  ? 83  LEU A C   1 
ATOM   656  O O   . LEU A 1 86  ? -15.841 -4.709  20.175  1.00 29.50  ? 83  LEU A O   1 
ATOM   657  C CB  . LEU A 1 86  ? -13.120 -3.548  19.008  1.00 23.07  ? 83  LEU A CB  1 
ATOM   658  C CG  . LEU A 1 86  ? -11.764 -3.054  19.491  1.00 20.56  ? 83  LEU A CG  1 
ATOM   659  C CD1 . LEU A 1 86  ? -11.246 -1.959  18.565  1.00 23.98  ? 83  LEU A CD1 1 
ATOM   660  C CD2 . LEU A 1 86  ? -11.863 -2.559  20.922  1.00 26.78  ? 83  LEU A CD2 1 
ATOM   661  N N   . GLU A 1 87  ? -15.361 -5.772  18.264  1.00 27.09  ? 84  GLU A N   1 
ATOM   662  C CA  . GLU A 1 87  ? -16.749 -6.091  17.970  1.00 35.32  ? 84  GLU A CA  1 
ATOM   663  C C   . GLU A 1 87  ? -17.244 -7.135  18.958  1.00 48.20  ? 84  GLU A C   1 
ATOM   664  O O   . GLU A 1 87  ? -18.448 -7.268  19.185  1.00 49.55  ? 84  GLU A O   1 
ATOM   665  C CB  . GLU A 1 87  ? -16.885 -6.610  16.536  1.00 40.72  ? 84  GLU A CB  1 
ATOM   666  N N   . GLU A 1 88  ? -16.310 -7.873  19.550  1.00 49.10  ? 85  GLU A N   1 
ATOM   667  C CA  . GLU A 1 88  ? -16.657 -8.867  20.558  1.00 51.74  ? 85  GLU A CA  1 
ATOM   668  C C   . GLU A 1 88  ? -17.263 -8.187  21.781  1.00 51.31  ? 85  GLU A C   1 
ATOM   669  O O   . GLU A 1 88  ? -18.101 -8.766  22.471  1.00 60.71  ? 85  GLU A O   1 
ATOM   670  C CB  . GLU A 1 88  ? -15.429 -9.691  20.952  1.00 49.44  ? 85  GLU A CB  1 
ATOM   671  N N   . THR A 1 89  ? -16.844 -6.949  22.035  1.00 43.49  ? 86  THR A N   1 
ATOM   672  C CA  . THR A 1 89  ? -17.361 -6.177  23.161  1.00 48.83  ? 86  THR A CA  1 
ATOM   673  C C   . THR A 1 89  ? -18.681 -5.493  22.809  1.00 51.80  ? 86  THR A C   1 
ATOM   674  O O   . THR A 1 89  ? -19.184 -5.627  21.695  1.00 55.48  ? 86  THR A O   1 
ATOM   675  C CB  . THR A 1 89  ? -16.354 -5.104  23.620  1.00 47.58  ? 86  THR A CB  1 
ATOM   676  O OG1 . THR A 1 89  ? -16.384 -3.996  22.713  1.00 47.62  ? 86  THR A OG1 1 
ATOM   677  C CG2 . THR A 1 89  ? -14.950 -5.676  23.671  1.00 46.86  ? 86  THR A CG2 1 
ATOM   678  N N   . GLU A 1 91  ? -19.597 -1.688  23.181  1.00 50.65  ? 88  GLU A N   1 
ATOM   679  C CA  . GLU A 1 91  ? -18.676 -1.577  22.055  1.00 55.39  ? 88  GLU A CA  1 
ATOM   680  C C   . GLU A 1 91  ? -19.073 -0.439  21.117  1.00 47.67  ? 88  GLU A C   1 
ATOM   681  O O   . GLU A 1 91  ? -19.044 -0.592  19.896  1.00 51.53  ? 88  GLU A O   1 
ATOM   682  N N   . LYS A 1 92  ? -19.437 0.702   21.699  1.00 42.91  ? 89  LYS A N   1 
ATOM   683  C CA  . LYS A 1 92  ? -19.879 1.864   20.932  1.00 38.07  ? 89  LYS A CA  1 
ATOM   684  C C   . LYS A 1 92  ? -18.806 2.332   19.961  1.00 32.18  ? 89  LYS A C   1 
ATOM   685  O O   . LYS A 1 92  ? -17.631 2.417   20.312  1.00 35.24  ? 89  LYS A O   1 
ATOM   686  C CB  . LYS A 1 92  ? -20.272 3.008   21.870  1.00 35.88  ? 89  LYS A CB  1 
ATOM   687  N N   . GLU A 1 93  ? -19.211 2.641   18.735  1.00 26.89  ? 90  GLU A N   1 
ATOM   688  C CA  . GLU A 1 93  ? -18.271 3.086   17.717  1.00 22.40  ? 90  GLU A CA  1 
ATOM   689  C C   . GLU A 1 93  ? -17.915 4.563   17.860  1.00 28.13  ? 90  GLU A C   1 
ATOM   690  O O   . GLU A 1 93  ? -18.782 5.442   17.782  1.00 25.41  ? 90  GLU A O   1 
ATOM   691  C CB  . GLU A 1 93  ? -18.837 2.821   16.325  1.00 26.21  ? 90  GLU A CB  1 
ATOM   692  N N   . GLY A 1 94  ? -16.632 4.835   18.066  1.00 19.57  ? 91  GLY A N   1 
ATOM   693  C CA  . GLY A 1 94  ? -16.161 6.198   18.120  1.00 14.66  ? 91  GLY A CA  1 
ATOM   694  C C   . GLY A 1 94  ? -15.236 6.484   16.952  1.00 13.26  ? 91  GLY A C   1 
ATOM   695  O O   . GLY A 1 94  ? -15.205 5.739   15.976  1.00 15.80  ? 91  GLY A O   1 
ATOM   696  N N   . PRO A 1 95  ? -14.491 7.580   17.037  1.00 14.14  ? 92  PRO A N   1 
ATOM   697  C CA  . PRO A 1 95  ? -13.621 8.002   15.937  1.00 12.80  ? 92  PRO A CA  1 
ATOM   698  C C   . PRO A 1 95  ? -12.590 6.954   15.537  1.00 13.39  ? 92  PRO A C   1 
ATOM   699  O O   . PRO A 1 95  ? -12.243 6.881   14.368  1.00 14.43  ? 92  PRO A O   1 
ATOM   700  C CB  . PRO A 1 95  ? -12.899 9.224   16.505  1.00 16.35  ? 92  PRO A CB  1 
ATOM   701  C CG  . PRO A 1 95  ? -13.786 9.731   17.579  1.00 20.04  ? 92  PRO A CG  1 
ATOM   702  C CD  . PRO A 1 95  ? -14.521 8.550   18.143  1.00 15.94  ? 92  PRO A CD  1 
ATOM   703  N N   . GLU A 1 96  ? -12.079 6.176   16.482  1.00 13.31  ? 93  GLU A N   1 
ATOM   704  C CA  . GLU A 1 96  ? -10.990 5.271   16.120  1.00 12.14  ? 93  GLU A CA  1 
ATOM   705  C C   . GLU A 1 96  ? -11.509 4.078   15.345  1.00 12.56  ? 93  GLU A C   1 
ATOM   706  O O   . GLU A 1 96  ? -10.886 3.619   14.382  1.00 13.87  ? 93  GLU A O   1 
ATOM   707  C CB  . GLU A 1 96  ? -10.219 4.805   17.352  1.00 15.43  ? 93  GLU A CB  1 
ATOM   708  C CG  . GLU A 1 96  ? -9.816  5.925   18.288  1.00 18.70  ? 93  GLU A CG  1 
ATOM   709  C CD  . GLU A 1 96  ? -9.234  7.132   17.581  1.00 23.76  ? 93  GLU A CD  1 
ATOM   710  O OE1 . GLU A 1 96  ? -8.659  6.983   16.479  1.00 22.29  ? 93  GLU A OE1 1 
ATOM   711  O OE2 . GLU A 1 96  ? -9.352  8.246   18.139  1.00 23.54  ? 93  GLU A OE2 1 
ATOM   712  N N   . ILE A 1 97  ? -12.655 3.560   15.768  1.00 13.19  ? 94  ILE A N   1 
ATOM   713  C CA  . ILE A 1 97  ? -13.243 2.454   15.036  1.00 14.48  ? 94  ILE A CA  1 
ATOM   714  C C   . ILE A 1 97  ? -13.700 2.958   13.672  1.00 16.03  ? 94  ILE A C   1 
ATOM   715  O O   . ILE A 1 97  ? -13.508 2.285   12.661  1.00 15.05  ? 94  ILE A O   1 
ATOM   716  C CB  . ILE A 1 97  ? -14.386 1.796   15.828  1.00 15.68  ? 94  ILE A CB  1 
ATOM   717  C CG1 . ILE A 1 97  ? -13.787 0.951   16.959  1.00 17.98  ? 94  ILE A CG1 1 
ATOM   718  C CG2 . ILE A 1 97  ? -15.275 0.990   14.895  1.00 20.03  ? 94  ILE A CG2 1 
ATOM   719  C CD1 . ILE A 1 97  ? -14.793 0.518   18.038  1.00 17.84  ? 94  ILE A CD1 1 
ATOM   720  N N   . GLU A 1 98  ? -14.280 4.155   13.645  1.00 14.00  ? 95  GLU A N   1 
ATOM   721  C CA  . GLU A 1 98  ? -14.669 4.772   12.379  1.00 17.17  ? 95  GLU A CA  1 
ATOM   722  C C   . GLU A 1 98  ? -13.479 4.842   11.436  1.00 16.55  ? 95  GLU A C   1 
ATOM   723  O O   . GLU A 1 98  ? -13.567 4.456   10.269  1.00 16.19  ? 95  GLU A O   1 
ATOM   724  C CB  . GLU A 1 98  ? -15.210 6.184   12.605  1.00 20.56  ? 95  GLU A CB  1 
ATOM   725  C CG  . GLU A 1 98  ? -15.498 6.943   11.315  1.00 23.48  ? 95  GLU A CG  1 
ATOM   726  C CD  . GLU A 1 98  ? -15.743 8.427   11.539  1.00 26.12  ? 95  GLU A CD  1 
ATOM   727  O OE1 . GLU A 1 98  ? -15.034 9.046   12.353  1.00 25.91  ? 95  GLU A OE1 1 
ATOM   728  O OE2 . GLU A 1 98  ? -16.648 8.984   10.882  1.00 36.23  ? 95  GLU A OE2 1 
ATOM   729  N N   . ASP A 1 99  ? -12.368 5.348   11.963  1.00 14.94  ? 96  ASP A N   1 
ATOM   730  C CA  . ASP A 1 99  ? -11.167 5.554   11.172  1.00 13.75  ? 96  ASP A CA  1 
ATOM   731  C C   . ASP A 1 99  ? -10.646 4.219   10.674  1.00 15.19  ? 96  ASP A C   1 
ATOM   732  O O   . ASP A 1 99  ? -10.251 4.091   9.513   1.00 15.49  ? 96  ASP A O   1 
ATOM   733  C CB  . ASP A 1 99  ? -10.121 6.263   12.022  1.00 15.31  ? 96  ASP A CB  1 
ATOM   734  C CG  . ASP A 1 99  ? -8.939  6.762   11.216  1.00 18.97  ? 96  ASP A CG  1 
ATOM   735  O OD1 . ASP A 1 99  ? -9.088  7.005   10.003  1.00 22.29  ? 96  ASP A OD1 1 
ATOM   736  O OD2 . ASP A 1 99  ? -7.864  6.932   11.821  1.00 21.20  ? 96  ASP A OD2 1 
ATOM   737  N N   . ALA A 1 100 ? -10.655 3.223   11.547  1.00 13.90  ? 97  ALA A N   1 
ATOM   738  C CA  . ALA A 1 100 ? -10.208 1.881   11.169  1.00 13.79  ? 97  ALA A CA  1 
ATOM   739  C C   . ALA A 1 100 ? -11.057 1.296   10.054  1.00 16.89  ? 97  ALA A C   1 
ATOM   740  O O   . ALA A 1 100 ? -10.549 0.709   9.109   1.00 15.52  ? 97  ALA A O   1 
ATOM   741  C CB  . ALA A 1 100 ? -10.227 0.955   12.380  1.00 13.13  ? 97  ALA A CB  1 
ATOM   742  N N   . LYS A 1 101 ? -12.366 1.440   10.184  1.00 16.64  ? 98  LYS A N   1 
ATOM   743  C CA  . LYS A 1 101 ? -13.278 0.910   9.191   1.00 14.43  ? 98  LYS A CA  1 
ATOM   744  C C   . LYS A 1 101 ? -13.116 1.637   7.870   1.00 17.13  ? 98  LYS A C   1 
ATOM   745  O O   . LYS A 1 101 ? -13.154 1.020   6.810   1.00 19.54  ? 98  LYS A O   1 
ATOM   746  C CB  . LYS A 1 101 ? -14.711 0.999   9.709   1.00 18.02  ? 98  LYS A CB  1 
ATOM   747  C CG  . LYS A 1 101 ? -15.016 -0.077  10.725  1.00 24.92  ? 98  LYS A CG  1 
ATOM   748  C CD  . LYS A 1 101 ? -16.447 0.003   11.231  1.00 31.75  ? 98  LYS A CD  1 
ATOM   749  C CE  . LYS A 1 101 ? -16.696 -1.055  12.296  1.00 37.56  ? 98  LYS A CE  1 
ATOM   750  N NZ  . LYS A 1 101 ? -18.111 -1.069  12.752  1.00 37.30  ? 98  LYS A NZ  1 
ATOM   751  N N   . LYS A 1 102 ? -12.913 2.948   7.928   1.00 18.49  ? 99  LYS A N   1 
ATOM   752  C CA  . LYS A 1 102 ? -12.661 3.706   6.711   1.00 16.18  ? 99  LYS A CA  1 
ATOM   753  C C   . LYS A 1 102 ? -11.379 3.199   6.066   1.00 17.98  ? 99  LYS A C   1 
ATOM   754  O O   . LYS A 1 102 ? -11.299 3.025   4.851   1.00 20.25  ? 99  LYS A O   1 
ATOM   755  C CB  . LYS A 1 102 ? -12.537 5.195   7.017   1.00 19.91  ? 99  LYS A CB  1 
ATOM   756  N N   . THR A 1 103 ? -10.381 2.938   6.897   1.00 13.48  ? 100 THR A N   1 
ATOM   757  C CA  . THR A 1 103 ? -9.084  2.499   6.409   1.00 11.74  ? 100 THR A CA  1 
ATOM   758  C C   . THR A 1 103 ? -9.170  1.092   5.829   1.00 18.38  ? 100 THR A C   1 
ATOM   759  O O   . THR A 1 103 ? -8.571  0.796   4.799   1.00 18.32  ? 100 THR A O   1 
ATOM   760  C CB  . THR A 1 103 ? -8.038  2.585   7.531   1.00 13.04  ? 100 THR A CB  1 
ATOM   761  O OG1 . THR A 1 103 ? -7.888  3.952   7.913   1.00 13.65  ? 100 THR A OG1 1 
ATOM   762  C CG2 . THR A 1 103 ? -6.683  2.042   7.083   1.00 13.14  ? 100 THR A CG2 1 
ATOM   763  N N   . VAL A 1 104 ? -9.929  0.220   6.478   1.00 14.07  ? 101 VAL A N   1 
ATOM   764  C CA  . VAL A 1 104 ? -10.160 -1.111  5.926   1.00 15.80  ? 101 VAL A CA  1 
ATOM   765  C C   . VAL A 1 104 ? -10.729 -1.004  4.530   1.00 18.41  ? 101 VAL A C   1 
ATOM   766  O O   . VAL A 1 104 ? -10.286 -1.692  3.614   1.00 23.15  ? 101 VAL A O   1 
ATOM   767  C CB  . VAL A 1 104 ? -11.110 -1.930  6.800   1.00 14.81  ? 101 VAL A CB  1 
ATOM   768  C CG1 . VAL A 1 104 ? -11.624 -3.145  6.035   1.00 17.35  ? 101 VAL A CG1 1 
ATOM   769  C CG2 . VAL A 1 104 ? -10.391 -2.353  8.069   1.00 14.16  ? 101 VAL A CG2 1 
ATOM   770  N N   . ALA A 1 105 ? -11.711 -0.126  4.364   1.00 18.37  ? 102 ALA A N   1 
ATOM   771  C CA  . ALA A 1 105 ? -12.340 0.065   3.070   1.00 22.54  ? 102 ALA A CA  1 
ATOM   772  C C   . ALA A 1 105 ? -11.320 0.571   2.057   1.00 26.51  ? 102 ALA A C   1 
ATOM   773  O O   . ALA A 1 105 ? -11.275 0.096   0.920   1.00 30.10  ? 102 ALA A O   1 
ATOM   774  C CB  . ALA A 1 105 ? -13.520 1.024   3.187   1.00 24.41  ? 102 ALA A CB  1 
ATOM   775  N N   . ASP A 1 106 ? -10.490 1.519   2.474   1.00 21.86  ? 103 ASP A N   1 
ATOM   776  C CA  . ASP A 1 106 ? -9.474  2.065   1.586   1.00 20.07  ? 103 ASP A CA  1 
ATOM   777  C C   . ASP A 1 106 ? -8.432  1.018   1.219   1.00 20.78  ? 103 ASP A C   1 
ATOM   778  O O   . ASP A 1 106 ? -8.018  0.908   0.062   1.00 24.00  ? 103 ASP A O   1 
ATOM   779  C CB  . ASP A 1 106 ? -8.784  3.275   2.215   1.00 23.90  ? 103 ASP A CB  1 
ATOM   780  C CG  . ASP A 1 106 ? -7.993  4.071   1.201   1.00 40.09  ? 103 ASP A CG  1 
ATOM   781  O OD1 . ASP A 1 106 ? -8.578  4.418   0.152   1.00 43.21  ? 103 ASP A OD1 1 
ATOM   782  O OD2 . ASP A 1 106 ? -6.792  4.340   1.438   1.00 32.19  ? 103 ASP A OD2 1 
ATOM   783  N N   . VAL A 1 107 ? -8.000  0.249   2.208   1.00 17.11  ? 104 VAL A N   1 
ATOM   784  C CA  . VAL A 1 107 ? -6.998  -0.782  1.957   1.00 17.56  ? 104 VAL A CA  1 
ATOM   785  C C   . VAL A 1 107 ? -7.517  -1.828  0.974   1.00 19.13  ? 104 VAL A C   1 
ATOM   786  O O   . VAL A 1 107 ? -6.803  -2.234  0.049   1.00 23.41  ? 104 VAL A O   1 
ATOM   787  C CB  . VAL A 1 107 ? -6.571  -1.472  3.262   1.00 17.33  ? 104 VAL A CB  1 
ATOM   788  C CG1 . VAL A 1 107 ? -5.736  -2.713  2.944   1.00 21.41  ? 104 VAL A CG1 1 
ATOM   789  C CG2 . VAL A 1 107 ? -5.789  -0.512  4.125   1.00 18.98  ? 104 VAL A CG2 1 
ATOM   790  N N   . GLU A 1 108 ? -8.765  -2.251  1.158   1.00 21.41  ? 105 GLU A N   1 
ATOM   791  C CA  . GLU A 1 108 ? -9.326  -3.312  0.329   1.00 21.94  ? 105 GLU A CA  1 
ATOM   792  C C   . GLU A 1 108 ? -9.470  -2.856  -1.109  1.00 29.87  ? 105 GLU A C   1 
ATOM   793  O O   . GLU A 1 108 ? -9.544  -3.683  -2.019  1.00 32.85  ? 105 GLU A O   1 
ATOM   794  C CB  . GLU A 1 108 ? -10.660 -3.805  0.895   1.00 23.79  ? 105 GLU A CB  1 
ATOM   795  C CG  . GLU A 1 108 ? -10.473 -4.497  2.228   1.00 28.30  ? 105 GLU A CG  1 
ATOM   796  C CD  . GLU A 1 108 ? -11.750 -5.036  2.828   1.00 36.10  ? 105 GLU A CD  1 
ATOM   797  O OE1 . GLU A 1 108 ? -12.847 -4.586  2.441   1.00 34.74  ? 105 GLU A OE1 1 
ATOM   798  O OE2 . GLU A 1 108 ? -11.649 -5.910  3.711   1.00 38.08  ? 105 GLU A OE2 1 
ATOM   799  N N   . LYS A 1 109 ? -9.493  -1.542  -1.315  1.00 24.97  ? 106 LYS A N   1 
ATOM   800  C CA  . LYS A 1 109 ? -9.570  -0.992  -2.668  1.00 27.55  ? 106 LYS A CA  1 
ATOM   801  C C   . LYS A 1 109 ? -8.220  -1.084  -3.377  1.00 28.56  ? 106 LYS A C   1 
ATOM   802  O O   . LYS A 1 109 ? -8.133  -0.895  -4.590  1.00 32.70  ? 106 LYS A O   1 
ATOM   803  C CB  . LYS A 1 109 ? -10.029 0.465   -2.633  1.00 26.06  ? 106 LYS A CB  1 
ATOM   804  N N   . GLN A 1 110 ? -7.168  -1.364  -2.612  1.00 28.43  ? 107 GLN A N   1 
ATOM   805  C CA  . GLN A 1 110 ? -5.821  -1.453  -3.171  1.00 27.14  ? 107 GLN A CA  1 
ATOM   806  C C   . GLN A 1 110 ? -5.539  -2.854  -3.700  1.00 34.54  ? 107 GLN A C   1 
ATOM   807  O O   . GLN A 1 110 ? -6.402  -3.727  -3.645  1.00 42.19  ? 107 GLN A O   1 
ATOM   808  C CB  . GLN A 1 110 ? -4.785  -1.084  -2.110  1.00 23.20  ? 107 GLN A CB  1 
ATOM   809  C CG  . GLN A 1 110 ? -5.143  0.135   -1.294  1.00 27.71  ? 107 GLN A CG  1 
ATOM   810  C CD  . GLN A 1 110 ? -5.231  1.393   -2.124  1.00 26.56  ? 107 GLN A CD  1 
ATOM   811  O OE1 . GLN A 1 110 ? -6.069  2.260   -1.868  1.00 33.53  ? 107 GLN A OE1 1 
ATOM   812  N NE2 . GLN A 1 110 ? -4.362  1.509   -3.120  1.00 28.77  ? 107 GLN A NE2 1 
HETATM 813  N N   . NO3 B 2 .   ? 21.093  -5.900  -18.887 1.00 10.33  ? 501 NO3 A N   1 
HETATM 814  O O1  . NO3 B 2 .   ? 19.867  -6.543  -18.866 1.00 22.37  ? 501 NO3 A O1  1 
HETATM 815  O O2  . NO3 B 2 .   ? 22.105  -6.460  -19.638 1.00 18.89  ? 501 NO3 A O2  1 
HETATM 816  O O3  . NO3 B 2 .   ? 21.299  -4.727  -18.183 1.00 21.26  ? 501 NO3 A O3  1 
HETATM 817  N N   . NO3 C 2 .   ? 5.261   -3.570  7.413   0.50 3.56   ? 506 NO3 A N   1 
HETATM 818  O O1  . NO3 C 2 .   ? 5.713   -2.387  6.695   0.50 15.83  ? 506 NO3 A O1  1 
HETATM 819  O O2  . NO3 C 2 .   ? 4.772   -2.586  8.382   0.50 15.91  ? 506 NO3 A O2  1 
HETATM 820  O O3  . NO3 C 2 .   ? 5.364   -4.953  7.267   0.50 18.89  ? 506 NO3 A O3  1 
HETATM 821  O O   . HOH D 3 .   ? 0.622   10.471  -15.290 1.00 40.21  ? 114 HOH A O   1 
HETATM 822  O O   . HOH D 3 .   ? 17.616  6.039   -32.784 1.00 42.24  ? 115 HOH A O   1 
HETATM 823  O O   . HOH D 3 .   ? -15.265 -2.037  4.077   1.00 37.95  ? 116 HOH A O   1 
HETATM 824  O O   . HOH D 3 .   ? -1.761  -11.939 8.142   1.00 49.73  ? 117 HOH A O   1 
HETATM 825  O O   . HOH D 3 .   ? -9.797  -1.984  -6.002  1.00 41.75  ? 118 HOH A O   1 
HETATM 826  O O   . HOH D 3 .   ? -13.183 -5.198  8.738   1.00 35.45  ? 119 HOH A O   1 
HETATM 827  O O   . HOH D 3 .   ? -0.896  -3.977  -8.990  1.00 33.93  ? 120 HOH A O   1 
HETATM 828  O O   . HOH D 3 .   ? 6.368   4.168   -26.951 1.00 38.01  ? 121 HOH A O   1 
HETATM 829  O O   . HOH D 3 .   ? -1.713  -11.614 5.374   1.00 37.76  ? 122 HOH A O   1 
HETATM 830  O O   . HOH D 3 .   ? -16.051 -3.505  10.642  1.00 56.43  ? 123 HOH A O   1 
HETATM 831  O O   . HOH D 3 .   ? 4.328   -9.602  8.906   1.00 34.33  ? 124 HOH A O   1 
HETATM 832  O O   . HOH D 3 .   ? 2.612   0.037   -15.170 1.00 52.93  ? 125 HOH A O   1 
HETATM 833  O O   . HOH D 3 .   ? 17.229  11.361  -18.801 1.00 56.09  ? 126 HOH A O   1 
HETATM 834  O O   . HOH D 3 .   ? -20.394 5.149   14.446  1.00 43.54  ? 127 HOH A O   1 
HETATM 835  O O   . HOH D 3 .   ? 22.888  10.172  -25.604 0.50 49.42  ? 128 HOH A O   1 
HETATM 836  O O   . HOH D 3 .   ? -14.694 -3.096  8.336   1.00 42.00  ? 129 HOH A O   1 
HETATM 837  O O   . HOH D 3 .   ? -6.725  -5.397  -5.444  1.00 51.96  ? 130 HOH A O   1 
HETATM 838  O O   . HOH D 3 .   ? -17.588 -10.917 18.418  1.00 35.02  ? 131 HOH A O   1 
HETATM 839  O O   . HOH D 3 .   ? -10.771 8.418   20.196  1.00 34.20  ? 132 HOH A O   1 
HETATM 840  O O   . HOH D 3 .   ? -4.518  -6.267  18.104  1.00 41.69  ? 133 HOH A O   1 
HETATM 841  O O   . HOH D 3 .   ? -5.554  9.964   8.255   1.00 37.75  ? 134 HOH A O   1 
HETATM 842  O O   . HOH D 3 .   ? -18.319 -11.634 20.628  1.00 41.24  ? 135 HOH A O   1 
HETATM 843  O O   . HOH D 3 .   ? -8.957  3.928   23.750  1.00 29.36  ? 136 HOH A O   1 
HETATM 844  O O   . HOH D 3 .   ? -9.326  -4.472  -4.696  1.00 36.90  ? 137 HOH A O   1 
HETATM 845  O O   . HOH D 3 .   ? 11.176  12.052  -22.268 1.00 46.23  ? 138 HOH A O   1 
HETATM 846  O O   . HOH D 3 .   ? 2.181   -12.399 4.948   1.00 47.49  ? 139 HOH A O   1 
HETATM 847  O O   . HOH D 3 .   ? 15.759  -10.944 -22.207 1.00 42.51  ? 140 HOH A O   1 
HETATM 848  O O   . HOH D 3 .   ? -13.954 -3.735  25.739  1.00 44.70  ? 141 HOH A O   1 
HETATM 849  O O   . HOH D 3 .   ? 7.059   11.527  -5.782  1.00 38.01  ? 142 HOH A O   1 
HETATM 850  O O   . HOH D 3 .   ? 20.847  8.786   -25.850 1.00 47.92  ? 143 HOH A O   1 
HETATM 851  O O   . HOH D 3 .   ? -5.079  8.285   15.173  1.00 47.74  ? 144 HOH A O   1 
HETATM 852  O O   . HOH D 3 .   ? -11.704 8.810   9.815   1.00 34.95  ? 145 HOH A O   1 
HETATM 853  O O   . HOH D 3 .   ? 3.072   5.285   -17.126 1.00 16.20  ? 146 HOH A O   1 
HETATM 854  O O   . HOH D 3 .   ? 15.133  6.862   -34.028 1.00 45.29  ? 147 HOH A O   1 
HETATM 855  O O   . HOH D 3 .   ? 14.985  -4.714  -24.547 1.00 39.49  ? 148 HOH A O   1 
HETATM 856  O O   . HOH D 3 .   ? 1.567   -5.562  -9.317  1.00 39.76  ? 149 HOH A O   1 
HETATM 857  O O   . HOH D 3 .   ? 12.563  7.182   -33.398 1.00 56.94  ? 150 HOH A O   1 
HETATM 858  O O   . HOH D 3 .   ? -3.978  9.652   17.094  1.00 40.44  ? 151 HOH A O   1 
HETATM 859  O O   . HOH D 3 .   ? -3.552  5.943   -5.766  1.00 38.61  ? 152 HOH A O   1 
HETATM 860  O O   . HOH D 3 .   ? -15.666 -4.624  13.134  1.00 45.19  ? 153 HOH A O   1 
HETATM 861  O O   . HOH D 3 .   ? -4.661  -11.615 4.409   1.00 38.02  ? 154 HOH A O   1 
HETATM 862  O O   . HOH D 3 .   ? 0.391   8.794   -0.650  1.00 27.53  ? 155 HOH A O   1 
HETATM 863  O O   . HOH D 3 .   ? 7.882   -6.557  -15.610 1.00 45.28  ? 156 HOH A O   1 
HETATM 864  O O   . HOH D 3 .   ? -2.336  -8.142  -3.603  1.00 36.49  ? 157 HOH A O   1 
HETATM 865  O O   . HOH D 3 .   ? -10.546 10.618  21.372  1.00 41.25  ? 158 HOH A O   1 
HETATM 866  O O   . HOH D 3 .   ? -6.964  -6.336  23.380  1.00 43.98  ? 159 HOH A O   1 
HETATM 867  O O   . HOH D 3 .   ? -8.369  -7.994  1.108   1.00 45.45  ? 160 HOH A O   1 
HETATM 868  O O   . HOH D 3 .   ? -17.081 -8.970  14.538  1.00 44.90  ? 161 HOH A O   1 
HETATM 869  O O   . HOH D 3 .   ? -13.810 9.292   7.973   1.00 46.53  ? 162 HOH A O   1 
HETATM 870  O O   . HOH D 3 .   ? -9.586  -9.708  2.703   1.00 58.52  ? 163 HOH A O   1 
HETATM 871  O O   . HOH D 3 .   ? -14.030 -6.027  5.131   1.00 44.07  ? 164 HOH A O   1 
HETATM 872  O O   . HOH D 3 .   ? -13.886 -6.040  -0.183  1.00 47.06  ? 165 HOH A O   1 
HETATM 873  O O   . HOH D 3 .   ? 8.214   9.386   -32.420 1.00 47.34  ? 166 HOH A O   1 
HETATM 874  O O   . HOH D 3 .   ? -18.013 1.540   23.950  1.00 36.18  ? 167 HOH A O   1 
HETATM 875  O O   . HOH D 3 .   ? -9.855  7.050   7.536   1.00 54.16  ? 168 HOH A O   1 
HETATM 876  O O   . HOH D 3 .   ? -15.536 -1.837  21.859  1.00 44.53  ? 169 HOH A O   1 
HETATM 877  O O   . HOH D 3 .   ? -13.215 -2.576  -2.252  1.00 46.85  ? 170 HOH A O   1 
HETATM 878  O O   . HOH D 3 .   ? -0.109  4.916   21.457  1.00 56.33  ? 171 HOH A O   1 
HETATM 879  O O   . HOH D 3 .   ? -19.535 -1.276  9.982   1.00 45.99  ? 172 HOH A O   1 
HETATM 880  O O   . HOH D 3 .   ? -5.155  12.585  9.238   1.00 41.68  ? 173 HOH A O   1 
HETATM 881  O O   . HOH D 3 .   ? -16.037 7.037   7.814   1.00 45.29  ? 174 HOH A O   1 
HETATM 882  O O   . HOH D 3 .   ? -16.025 3.513   6.396   1.00 40.23  ? 175 HOH A O   1 
HETATM 883  O O   . HOH D 3 .   ? 20.072  4.986   -31.693 1.00 46.01  ? 176 HOH A O   1 
HETATM 884  O O   . HOH D 3 .   ? -6.458  -10.188 25.969  1.00 31.16  ? 177 HOH A O   1 
HETATM 885  O O   . HOH D 3 .   ? -20.064 -13.077 19.095  1.00 40.58  ? 178 HOH A O   1 
HETATM 886  O O   . HOH D 3 .   ? -18.965 0.127   15.254  1.00 48.73  ? 179 HOH A O   1 
HETATM 887  O O   . HOH D 3 .   ? -13.103 -8.894  9.127   1.00 48.27  ? 180 HOH A O   1 
HETATM 888  O O   . HOH D 3 .   ? -0.881  8.345   7.279   1.00 49.90  ? 181 HOH A O   1 
HETATM 889  O O   . HOH D 3 .   ? 8.920   -6.800  -13.161 1.00 21.65  ? 182 HOH A O   1 
HETATM 890  O O   . HOH D 3 .   ? -20.130 -3.747  10.676  1.00 49.78  ? 183 HOH A O   1 
HETATM 891  O O   . HOH D 3 .   ? 0.331   -11.561 -0.391  1.00 50.28  ? 184 HOH A O   1 
HETATM 892  O O   . HOH D 3 .   ? 22.526  4.640   -20.177 1.00 54.58  ? 185 HOH A O   1 
HETATM 893  O O   . HOH D 3 .   ? 2.980   -0.444  -19.894 1.00 55.11  ? 186 HOH A O   1 
HETATM 894  O O   . HOH D 3 .   ? 3.265   6.410   -21.703 1.00 51.00  ? 187 HOH A O   1 
HETATM 895  O O   . HOH D 3 .   ? -17.505 11.358  10.330  1.00 57.83  ? 188 HOH A O   1 
HETATM 896  O O   . HOH D 3 .   ? -4.753  -2.392  -6.488  1.00 54.51  ? 189 HOH A O   1 
HETATM 897  O O   . HOH D 3 .   ? -12.575 11.730  8.788   1.00 55.13  ? 190 HOH A O   1 
HETATM 898  O O   . HOH D 3 .   ? 0.087   -3.895  11.822  1.00 14.92  ? 191 HOH A O   1 
HETATM 899  O O   . HOH D 3 .   ? -2.212  -2.940  10.857  1.00 12.46  ? 192 HOH A O   1 
HETATM 900  O O   . HOH D 3 .   ? 8.163   9.863   -15.995 1.00 16.18  ? 193 HOH A O   1 
HETATM 901  O O   . HOH D 3 .   ? 2.614   -5.435  7.558   1.00 13.42  ? 194 HOH A O   1 
HETATM 902  O O   . HOH D 3 .   ? 18.665  4.014   -19.911 1.00 17.84  ? 195 HOH A O   1 
HETATM 903  O O   . HOH D 3 .   ? 8.302   0.903   -7.368  1.00 13.62  ? 196 HOH A O   1 
HETATM 904  O O   . HOH D 3 .   ? -12.417 9.003   12.685  1.00 30.43  ? 197 HOH A O   1 
HETATM 905  O O   . HOH D 3 .   ? -8.146  3.519   14.434  1.00 16.09  ? 198 HOH A O   1 
HETATM 906  O O   . HOH D 3 .   ? -4.630  6.061   13.829  1.00 19.99  ? 199 HOH A O   1 
HETATM 907  O O   . HOH D 3 .   ? -3.110  6.123   3.445   1.00 18.04  ? 200 HOH A O   1 
HETATM 908  O O   . HOH D 3 .   ? 1.733   1.842   -11.280 1.00 19.58  ? 201 HOH A O   1 
HETATM 909  O O   . HOH D 3 .   ? 8.668   -3.558  -1.641  1.00 16.67  ? 202 HOH A O   1 
HETATM 910  O O   . HOH D 3 .   ? 0.255   -11.037 3.648   1.00 22.59  ? 203 HOH A O   1 
HETATM 911  O O   . HOH D 3 .   ? 1.264   -2.029  13.448  1.00 16.47  ? 204 HOH A O   1 
HETATM 912  O O   . HOH D 3 .   ? 13.802  0.498   -10.068 1.00 22.05  ? 205 HOH A O   1 
HETATM 913  O O   . HOH D 3 .   ? -7.274  6.121   14.236  1.00 18.85  ? 206 HOH A O   1 
HETATM 914  O O   . HOH D 3 .   ? -15.648 -10.312 16.593  1.00 34.34  ? 207 HOH A O   1 
HETATM 915  O O   . HOH D 3 .   ? -1.137  -10.261 10.167  1.00 32.48  ? 208 HOH A O   1 
HETATM 916  O O   . HOH D 3 .   ? -9.010  -11.154 17.079  1.00 25.81  ? 209 HOH A O   1 
HETATM 917  O O   . HOH D 3 .   ? 4.022   -9.438  5.220   1.00 19.95  ? 210 HOH A O   1 
HETATM 918  O O   . HOH D 3 .   ? 17.343  4.176   -17.347 1.00 23.38  ? 211 HOH A O   1 
HETATM 919  O O   . HOH D 3 .   ? 15.133  5.582   -14.851 1.00 16.48  ? 212 HOH A O   1 
HETATM 920  O O   . HOH D 3 .   ? -14.667 -1.105  6.569   1.00 25.12  ? 213 HOH A O   1 
HETATM 921  O O   . HOH D 3 .   ? 6.729   7.795   -6.006  1.00 26.08  ? 214 HOH A O   1 
HETATM 922  O O   . HOH D 3 .   ? 20.148  5.654   -26.632 1.00 26.37  ? 215 HOH A O   1 
HETATM 923  O O   . HOH D 3 .   ? -8.245  -3.238  26.581  1.00 33.30  ? 216 HOH A O   1 
HETATM 924  O O   . HOH D 3 .   ? -3.724  8.297   4.992   1.00 25.32  ? 217 HOH A O   1 
HETATM 925  O O   . HOH D 3 .   ? -5.530  4.500   3.687   1.00 20.29  ? 218 HOH A O   1 
HETATM 926  O O   . HOH D 3 .   ? 15.645  10.397  -16.702 1.00 20.32  ? 219 HOH A O   1 
HETATM 927  O O   . HOH D 3 .   ? 16.602  -3.170  -25.665 1.00 28.88  ? 220 HOH A O   1 
HETATM 928  O O   . HOH D 3 .   ? -6.356  -5.358  25.735  1.00 27.63  ? 221 HOH A O   1 
HETATM 929  O O   . HOH D 3 .   ? -7.551  -1.439  28.418  1.00 34.96  ? 222 HOH A O   1 
HETATM 930  O O   . HOH D 3 .   ? -2.229  4.360   20.023  1.00 27.08  ? 223 HOH A O   1 
HETATM 931  O O   . HOH D 3 .   ? 2.597   4.172   11.546  1.00 29.65  ? 224 HOH A O   1 
HETATM 932  O O   . HOH D 3 .   ? -5.524  -9.203  4.507   1.00 35.24  ? 225 HOH A O   1 
HETATM 933  O O   . HOH D 3 .   ? 13.589  -7.577  -6.999  1.00 32.30  ? 226 HOH A O   1 
HETATM 934  O O   . HOH D 3 .   ? 6.244   1.486   -20.817 1.00 26.10  ? 227 HOH A O   1 
HETATM 935  O O   . HOH D 3 .   ? 18.343  7.446   -17.830 1.00 32.28  ? 228 HOH A O   1 
HETATM 936  O O   . HOH D 3 .   ? 7.854   -4.188  -16.894 1.00 33.38  ? 229 HOH A O   1 
HETATM 937  O O   . HOH D 3 .   ? 0.399   6.335   -6.863  1.00 21.69  ? 230 HOH A O   1 
HETATM 938  O O   . HOH D 3 .   ? 10.112  -9.285  -13.096 1.00 25.42  ? 231 HOH A O   1 
HETATM 939  O O   . HOH D 3 .   ? 4.072   -7.663  7.257   1.00 16.90  ? 232 HOH A O   1 
HETATM 940  O O   . HOH D 3 .   ? 1.126   -5.713  9.997   1.00 17.25  ? 233 HOH A O   1 
HETATM 941  O O   . HOH D 3 .   ? -7.370  5.294   5.376   1.00 23.12  ? 234 HOH A O   1 
HETATM 942  O O   . HOH D 3 .   ? 10.564  -5.392  -1.609  1.00 26.96  ? 235 HOH A O   1 
HETATM 943  O O   . HOH D 3 .   ? 3.389   4.836   -19.850 1.00 24.21  ? 236 HOH A O   1 
HETATM 944  O O   . HOH D 3 .   ? 1.689   2.043   -13.994 1.00 32.68  ? 237 HOH A O   1 
HETATM 945  O O   . HOH D 3 .   ? 2.294   8.095   -2.070  1.00 27.33  ? 238 HOH A O   1 
HETATM 946  O O   . HOH D 3 .   ? -21.684 1.950   17.569  1.00 28.55  ? 239 HOH A O   1 
HETATM 947  O O   . HOH D 3 .   ? 4.096   6.018   4.472   1.00 38.03  ? 240 HOH A O   1 
HETATM 948  O O   . HOH D 3 .   ? -1.530  7.645   -0.568  1.00 30.64  ? 241 HOH A O   1 
HETATM 949  O O   . HOH D 3 .   ? 13.426  11.171  -17.670 1.00 30.10  ? 242 HOH A O   1 
HETATM 950  O O   . HOH D 3 .   ? -15.149 -3.098  15.734  1.00 30.64  ? 243 HOH A O   1 
HETATM 951  O O   . HOH D 3 .   ? 23.755  6.230   -24.993 1.00 37.97  ? 244 HOH A O   1 
HETATM 952  O O   . HOH D 3 .   ? 4.017   -5.001  -10.166 1.00 29.43  ? 245 HOH A O   1 
HETATM 953  O O   . HOH D 3 .   ? -21.222 6.003   17.314  1.00 37.62  ? 246 HOH A O   1 
HETATM 954  O O   . HOH D 3 .   ? 24.302  5.116   -22.789 1.00 29.07  ? 247 HOH A O   1 
HETATM 955  O O   . HOH D 3 .   ? 7.889   -5.307  1.284   1.00 28.74  ? 248 HOH A O   1 
HETATM 956  O O   . HOH D 3 .   ? 5.624   6.581   0.764   1.00 28.66  ? 249 HOH A O   1 
HETATM 957  O O   . HOH D 3 .   ? 3.080   -2.897  -11.730 1.00 26.68  ? 250 HOH A O   1 
HETATM 958  O O   . HOH D 3 .   ? 17.042  -6.222  -6.793  1.00 38.78  ? 251 HOH A O   1 
HETATM 959  O O   . HOH D 3 .   ? 1.932   -0.664  -10.447 1.00 28.85  ? 252 HOH A O   1 
HETATM 960  O O   . HOH D 3 .   ? 0.366   5.806   -9.711  1.00 30.18  ? 253 HOH A O   1 
HETATM 961  O O   . HOH D 3 .   ? 18.907  4.431   -15.375 1.00 33.10  ? 254 HOH A O   1 
HETATM 962  O O   . HOH D 3 .   ? -12.799 -7.817  11.540  1.00 31.42  ? 255 HOH A O   1 
HETATM 963  O O   . HOH D 3 .   ? -2.345  -1.894  -5.787  1.00 34.30  ? 256 HOH A O   1 
HETATM 964  O O   . HOH D 3 .   ? -14.223 -2.813  1.664   1.00 38.54  ? 257 HOH A O   1 
HETATM 965  O O   . HOH D 3 .   ? 12.510  2.596   -30.340 1.00 43.58  ? 258 HOH A O   1 
HETATM 966  O O   . HOH D 3 .   ? 0.046   11.243  -12.816 1.00 30.04  ? 259 HOH A O   1 
HETATM 967  O O   . HOH D 3 .   ? -10.237 0.068   29.244  1.00 43.79  ? 260 HOH A O   1 
HETATM 968  O O   . HOH D 3 .   ? 7.138   0.926   -23.140 1.00 35.97  ? 261 HOH A O   1 
HETATM 969  O O   . HOH D 3 .   ? 10.277  -3.929  -17.860 1.00 28.14  ? 262 HOH A O   1 
HETATM 970  O O   . HOH D 3 .   ? 2.060   2.775   -16.354 1.00 35.97  ? 263 HOH A O   1 
HETATM 971  O O   . HOH D 3 .   ? 9.607   -2.480  -20.555 1.00 35.63  ? 264 HOH A O   1 
HETATM 972  O O   . HOH D 3 .   ? -13.606 -1.115  0.083   1.00 32.29  ? 265 HOH A O   1 
HETATM 973  O O   . HOH D 3 .   ? -0.100  -1.551  -8.962  1.00 32.04  ? 266 HOH A O   1 
HETATM 974  O O   . HOH D 3 .   ? -0.571  3.199   -10.983 1.00 33.44  ? 267 HOH A O   1 
HETATM 975  O O   . HOH D 3 .   ? 13.540  -5.885  -21.033 1.00 34.55  ? 268 HOH A O   1 
HETATM 976  O O   . HOH D 3 .   ? 1.637   -12.178 7.950   1.00 37.39  ? 269 HOH A O   1 
HETATM 977  O O   . HOH D 3 .   ? -12.358 4.556   3.091   1.00 29.71  ? 270 HOH A O   1 
HETATM 978  O O   . HOH D 3 .   ? -5.173  -4.916  22.057  1.00 35.21  ? 271 HOH A O   1 
HETATM 979  O O   . HOH D 3 .   ? -15.100 -12.350 15.231  1.00 33.98  ? 272 HOH A O   1 
HETATM 980  O O   . HOH D 3 .   ? -6.706  8.037   5.289   1.00 35.74  ? 273 HOH A O   1 
HETATM 981  O O   . HOH D 3 .   ? -13.614 -13.109 18.006  1.00 35.09  ? 274 HOH A O   1 
HETATM 982  O O   . HOH D 3 .   ? 8.960   8.018   -7.283  1.00 32.00  ? 275 HOH A O   1 
HETATM 983  O O   . HOH D 3 .   ? 12.448  2.648   -8.847  1.00 38.18  ? 276 HOH A O   1 
HETATM 984  O O   . HOH D 3 .   ? -8.343  -10.259 8.990   1.00 32.77  ? 277 HOH A O   1 
HETATM 985  O O   . HOH D 3 .   ? -3.506  7.437   1.111   1.00 34.25  ? 278 HOH A O   1 
HETATM 986  O O   . HOH D 3 .   ? -5.029  -5.457  0.631   1.00 40.82  ? 279 HOH A O   1 
HETATM 987  O O   . HOH D 3 .   ? 3.505   2.147   -20.419 1.00 52.33  ? 280 HOH A O   1 
HETATM 988  O O   . HOH D 3 .   ? -7.043  -10.904 11.047  1.00 31.87  ? 281 HOH A O   1 
HETATM 989  O O   . HOH D 3 .   ? 2.408   0.464   -17.631 1.00 37.43  ? 282 HOH A O   1 
HETATM 990  O O   . HOH D 3 .   ? 19.106  6.616   -20.506 1.00 40.08  ? 283 HOH A O   1 
HETATM 991  O O   . HOH D 3 .   ? -7.663  -10.196 6.111   1.00 35.99  ? 284 HOH A O   1 
HETATM 992  O O   . HOH D 3 .   ? 20.811  7.451   -28.378 1.00 42.07  ? 285 HOH A O   1 
HETATM 993  O O   . HOH D 3 .   ? 2.058   11.948  3.191   1.00 31.75  ? 286 HOH A O   1 
HETATM 994  O O   . HOH D 3 .   ? -4.197  6.951   11.464  1.00 23.70  ? 287 HOH A O   1 
HETATM 995  O O   . HOH D 3 .   ? -0.575  -2.464  23.050  1.00 35.91  ? 288 HOH A O   1 
HETATM 996  O O   . HOH D 3 .   ? -5.365  5.871   -0.463  1.00 32.83  ? 289 HOH A O   1 
HETATM 997  O O   . HOH D 3 .   ? -1.515  4.705   -7.077  1.00 49.38  ? 290 HOH A O   1 
HETATM 998  O O   . HOH D 3 .   ? -15.881 4.578   8.796   1.00 34.09  ? 291 HOH A O   1 
HETATM 999  O O   . HOH D 3 .   ? -17.757 5.159   14.692  1.00 26.47  ? 292 HOH A O   1 
HETATM 1000 O O   . HOH D 3 .   ? -3.314  -5.756  -1.284  1.00 33.51  ? 293 HOH A O   1 
HETATM 1001 O O   . HOH D 3 .   ? -7.269  -7.597  26.627  1.00 48.71  ? 294 HOH A O   1 
HETATM 1002 O O   . HOH D 3 .   ? 17.399  -9.878  -20.431 1.00 41.29  ? 295 HOH A O   1 
HETATM 1003 O O   . HOH D 3 .   ? -17.763 2.988   13.049  1.00 29.28  ? 296 HOH A O   1 
HETATM 1004 O O   . HOH D 3 .   ? -17.138 -2.585  17.374  1.00 38.74  ? 297 HOH A O   1 
HETATM 1005 O O   . HOH D 3 .   ? 5.510   9.115   -21.909 1.00 28.67  ? 298 HOH A O   1 
HETATM 1006 O O   . HOH D 3 .   ? -5.338  -6.564  20.397  1.00 39.42  ? 299 HOH A O   1 
HETATM 1007 O O   . HOH D 3 .   ? -3.361  0.506   -5.392  1.00 32.71  ? 300 HOH A O   1 
HETATM 1008 O O   . HOH D 3 .   ? 15.820  -2.541  -28.293 1.00 32.38  ? 301 HOH A O   1 
# 
loop_
_atom_site_anisotrop.id 
_atom_site_anisotrop.type_symbol 
_atom_site_anisotrop.pdbx_label_atom_id 
_atom_site_anisotrop.pdbx_label_alt_id 
_atom_site_anisotrop.pdbx_label_comp_id 
_atom_site_anisotrop.pdbx_label_asym_id 
_atom_site_anisotrop.pdbx_label_seq_id 
_atom_site_anisotrop.pdbx_PDB_ins_code 
_atom_site_anisotrop.U[1][1] 
_atom_site_anisotrop.U[2][2] 
_atom_site_anisotrop.U[3][3] 
_atom_site_anisotrop.U[1][2] 
_atom_site_anisotrop.U[1][3] 
_atom_site_anisotrop.U[2][3] 
_atom_site_anisotrop.pdbx_auth_seq_id 
_atom_site_anisotrop.pdbx_auth_comp_id 
_atom_site_anisotrop.pdbx_auth_asym_id 
_atom_site_anisotrop.pdbx_auth_atom_id 
1   N N   . HIS A 3   ? 0.5535 0.5207 0.2722 0.0117  0.0551  -0.0326 0   HIS A N   
2   C CA  . HIS A 3   ? 0.5094 0.4506 0.2103 0.0195  0.0391  -0.0372 0   HIS A CA  
3   C C   . HIS A 3   ? 0.3761 0.3229 0.1262 0.0401  0.0321  -0.0416 0   HIS A C   
4   O O   . HIS A 3   ? 0.3359 0.3018 0.1327 0.0470  0.0371  -0.0398 0   HIS A O   
5   N N   . MET A 4   ? 0.4683 0.3969 0.2054 0.0483  0.0202  -0.0478 1   MET A N   
6   C CA  . MET A 4   ? 0.4887 0.4184 0.2667 0.0650  0.0128  -0.0523 1   MET A CA  
7   C C   . MET A 4   ? 0.4113 0.3287 0.2358 0.0677  -0.0030 -0.0477 1   MET A C   
8   O O   . MET A 4   ? 0.3835 0.3205 0.2530 0.0759  0.0030  -0.0481 1   MET A O   
9   C CB  . MET A 4   ? 0.6132 0.5179 0.3635 0.0715  -0.0014 -0.0602 1   MET A CB  
10  C CG  . MET A 4   ? 0.7744 0.6704 0.5620 0.0853  -0.0136 -0.0645 1   MET A CG  
11  S SD  . MET A 4   ? 1.3919 1.3166 1.1940 0.1006  0.0042  -0.0725 1   MET A SD  
12  C CE  . MET A 4   ? 0.3823 0.2947 0.2410 0.1070  -0.0092 -0.0699 1   MET A CE  
13  N N   . ALA A 5   ? 0.3915 0.2768 0.2039 0.0611  -0.0236 -0.0439 2   ALA A N   
14  C CA  . ALA A 5   ? 0.3935 0.2706 0.2511 0.0653  -0.0408 -0.0430 2   ALA A CA  
15  C C   . ALA A 5   ? 0.3364 0.2463 0.2311 0.0641  -0.0240 -0.0392 2   ALA A C   
16  O O   . ALA A 5   ? 0.3157 0.2405 0.2613 0.0702  -0.0264 -0.0409 2   ALA A O   
17  C CB  . ALA A 5   ? 0.4078 0.2426 0.2394 0.0606  -0.0681 -0.0414 2   ALA A CB  
18  N N   . THR A 6   ? 0.3201 0.2423 0.1881 0.0548  -0.0072 -0.0347 3   THR A N   
19  C CA  . THR A 6   ? 0.2607 0.2139 0.1586 0.0533  0.0092  -0.0317 3   THR A CA  
20  C C   . THR A 6   ? 0.2454 0.2362 0.1806 0.0628  0.0284  -0.0341 3   THR A C   
21  O O   . THR A 6   ? 0.1875 0.1997 0.1651 0.0663  0.0342  -0.0332 3   THR A O   
22  C CB  . THR A 6   ? 0.3358 0.2958 0.1951 0.0396  0.0243  -0.0274 3   THR A CB  
23  O OG1 . THR A 6   ? 0.4155 0.3323 0.2301 0.0285  0.0054  -0.0237 3   THR A OG1 
24  C CG2 . THR A 6   ? 0.2715 0.2586 0.1620 0.0383  0.0370  -0.0249 3   THR A CG2 
25  N N   . ILE A 7   ? 0.2983 0.2955 0.2155 0.0673  0.0372  -0.0376 4   ILE A N   
26  C CA  . ILE A 7   ? 0.2459 0.2697 0.1924 0.0777  0.0514  -0.0396 4   ILE A CA  
27  C C   . ILE A 7   ? 0.2407 0.2538 0.2277 0.0833  0.0378  -0.0402 4   ILE A C   
28  O O   . ILE A 7   ? 0.1733 0.2077 0.1970 0.0865  0.0476  -0.0383 4   ILE A O   
29  C CB  . ILE A 7   ? 0.3276 0.3572 0.2439 0.0841  0.0603  -0.0455 4   ILE A CB  
30  C CG1 . ILE A 7   ? 0.2816 0.3347 0.1661 0.0773  0.0784  -0.0469 4   ILE A CG1 
31  C CG2 . ILE A 7   ? 0.2759 0.3216 0.2192 0.0965  0.0695  -0.0472 4   ILE A CG2 
32  C CD1 . ILE A 7   ? 0.5453 0.6010 0.3909 0.0809  0.0826  -0.0557 4   ILE A CD1 
33  N N   . ARG A 8   ? 0.2461 0.2273 0.2262 0.0832  0.0151  -0.0433 5   ARG A N   
34  C CA  . ARG A 8   ? 0.2711 0.2461 0.2930 0.0859  0.0016  -0.0454 5   ARG A CA  
35  C C   . ARG A 8   ? 0.1986 0.1913 0.2630 0.0830  0.0011  -0.0440 5   ARG A C   
36  O O   . ARG A 8   ? 0.2249 0.2351 0.3316 0.0835  0.0052  -0.0447 5   ARG A O   
37  C CB  . ARG A 8   ? 0.3539 0.2930 0.3609 0.0869  -0.0245 -0.0507 5   ARG A CB  
38  C CG  . ARG A 8   ? 0.3263 0.2509 0.2988 0.0918  -0.0240 -0.0546 5   ARG A CG  
39  C CD  . ARG A 8   ? 0.3963 0.2860 0.3578 0.0932  -0.0504 -0.0606 5   ARG A CD  
40  N NE  . ARG A 8   ? 0.4963 0.3628 0.4245 0.0888  -0.0656 -0.0601 5   ARG A NE  
41  C CZ  . ARG A 8   ? 0.4743 0.3233 0.3479 0.0871  -0.0668 -0.0611 5   ARG A CZ  
42  N NH1 . ARG A 8   ? 0.5581 0.3811 0.3983 0.0809  -0.0815 -0.0589 5   ARG A NH1 
43  N NH2 . ARG A 8   ? 0.4784 0.3347 0.3288 0.0918  -0.0540 -0.0651 5   ARG A NH2 
44  N N   . ASN A 9   ? 0.1884 0.1756 0.2391 0.0791  -0.0039 -0.0425 6   ASN A N   
45  C CA  . ASN A 9   ? 0.1744 0.1799 0.2613 0.0783  -0.0033 -0.0428 6   ASN A CA  
46  C C   . ASN A 9   ? 0.1760 0.2200 0.2840 0.0784  0.0237  -0.0391 6   ASN A C   
47  O O   . ASN A 9   ? 0.1113 0.1791 0.2633 0.0795  0.0284  -0.0408 6   ASN A O   
48  C CB  . ASN A 9   ? 0.2413 0.2276 0.2989 0.0742  -0.0133 -0.0411 6   ASN A CB  
49  C CG  . ASN A 9   ? 0.4857 0.4352 0.5362 0.0763  -0.0451 -0.0459 6   ASN A CG  
50  O OD1 . ASN A 9   ? 0.5552 0.4744 0.5673 0.0723  -0.0581 -0.0435 6   ASN A OD1 
51  N ND2 . ASN A 9   ? 0.4633 0.4137 0.5493 0.0819  -0.0589 -0.0529 6   ASN A ND2 
52  N N   . LEU A 10  ? 0.1242 0.1861 0.1736 0.0138  0.0371  -0.0310 7   LEU A N   
53  C CA  . LEU A 10  ? 0.0766 0.1310 0.1312 0.0118  0.0346  -0.0342 7   LEU A CA  
54  C C   . LEU A 10  ? 0.0862 0.1413 0.1392 0.0105  0.0305  -0.0357 7   LEU A C   
55  O O   . LEU A 10  ? 0.1460 0.1970 0.1979 0.0107  0.0282  -0.0334 7   LEU A O   
56  C CB  . LEU A 10  ? 0.1046 0.1563 0.1689 0.0102  0.0363  -0.0425 7   LEU A CB  
57  C CG  . LEU A 10  ? 0.1284 0.1774 0.1998 0.0096  0.0332  -0.0471 7   LEU A CG  
58  C CD1 . LEU A 10  ? 0.1495 0.1957 0.2231 0.0095  0.0356  -0.0445 7   LEU A CD1 
59  C CD2 . LEU A 10  ? 0.1318 0.1833 0.2139 0.0089  0.0332  -0.0572 7   LEU A CD2 
60  N N   . LYS A 11  ? 0.1038 0.1634 0.1566 0.0092  0.0305  -0.0399 8   LYS A N   
61  C CA  . LYS A 11  ? 0.1205 0.1793 0.1730 0.0075  0.0291  -0.0421 8   LYS A CA  
62  C C   . LYS A 11  ? 0.1396 0.2006 0.1860 0.0071  0.0282  -0.0364 8   LYS A C   
63  O O   . LYS A 11  ? 0.1242 0.1795 0.1702 0.0067  0.0275  -0.0355 8   LYS A O   
64  C CB  . LYS A 11  ? 0.1521 0.2164 0.2058 0.0049  0.0312  -0.0483 8   LYS A CB  
65  C CG  . LYS A 11  ? 0.1884 0.2488 0.2489 0.0053  0.0319  -0.0549 8   LYS A CG  
66  C CD  . LYS A 11  ? 0.2402 0.3061 0.3016 0.0023  0.0348  -0.0611 8   LYS A CD  
67  C CE  . LYS A 11  ? 0.3839 0.4478 0.4431 -0.0006 0.0369  -0.0636 8   LYS A CE  
68  N NZ  . LYS A 11  ? 0.4478 0.5168 0.5080 -0.0049 0.0409  -0.0713 8   LYS A NZ  
69  N N   . ILE A 12  ? 0.1023 0.1729 0.1443 0.0078  0.0285  -0.0323 9   ILE A N   
70  C CA  . ILE A 12  ? 0.1178 0.1940 0.1554 0.0074  0.0273  -0.0277 9   ILE A CA  
71  C C   . ILE A 12  ? 0.1059 0.1721 0.1425 0.0094  0.0258  -0.0219 9   ILE A C   
72  O O   . ILE A 12  ? 0.1337 0.1970 0.1688 0.0082  0.0248  -0.0203 9   ILE A O   
73  C CB  . ILE A 12  ? 0.1062 0.1984 0.1401 0.0094  0.0274  -0.0242 9   ILE A CB  
74  C CG1 . ILE A 12  ? 0.1619 0.2676 0.1967 0.0067  0.0289  -0.0311 9   ILE A CG1 
75  C CG2 . ILE A 12  ? 0.1121 0.2123 0.1428 0.0090  0.0257  -0.0201 9   ILE A CG2 
76  C CD1 . ILE A 12  ? 0.1644 0.2885 0.1957 0.0106  0.0292  -0.0281 9   ILE A CD1 
77  N N   . LYS A 13  ? 0.1033 0.1642 0.1411 0.0120  0.0267  -0.0196 10  LYS A N   
78  C CA  . LYS A 13  ? 0.0992 0.1523 0.1366 0.0130  0.0261  -0.0152 10  LYS A CA  
79  C C   . LYS A 13  ? 0.1015 0.1471 0.1418 0.0117  0.0244  -0.0187 10  LYS A C   
80  O O   . LYS A 13  ? 0.1017 0.1433 0.1400 0.0119  0.0231  -0.0154 10  LYS A O   
81  C CB  . LYS A 13  ? 0.1796 0.2301 0.2193 0.0149  0.0293  -0.0133 10  LYS A CB  
82  C CG  . LYS A 13  ? 0.2164 0.2748 0.2516 0.0186  0.0316  -0.0066 10  LYS A CG  
83  C CD  . LYS A 13  ? 0.3008 0.3552 0.3386 0.0212  0.0372  -0.0044 10  LYS A CD  
84  C CE  . LYS A 13  ? 0.2319 0.2960 0.2645 0.0270  0.0401  0.0027  10  LYS A CE  
85  N NZ  . LYS A 13  ? 0.2267 0.2998 0.2543 0.0293  0.0366  0.0090  10  LYS A NZ  
86  N N   . THR A 14  ? 0.1123 0.1571 0.1572 0.0111  0.0242  -0.0252 11  THR A N   
87  C CA  . THR A 14  ? 0.0723 0.1125 0.1194 0.0122  0.0225  -0.0280 11  THR A CA  
88  C C   . THR A 14  ? 0.1065 0.1445 0.1491 0.0116  0.0230  -0.0254 11  THR A C   
89  O O   . THR A 14  ? 0.1267 0.1600 0.1674 0.0131  0.0222  -0.0229 11  THR A O   
90  C CB  . THR A 14  ? 0.1085 0.1496 0.1614 0.0133  0.0223  -0.0354 11  THR A CB  
91  O OG1 . THR A 14  ? 0.1190 0.1624 0.1780 0.0134  0.0225  -0.0392 11  THR A OG1 
92  C CG2 . THR A 14  ? 0.1205 0.1575 0.1737 0.0175  0.0203  -0.0379 11  THR A CG2 
93  N N   . SER A 15  ? 0.0957 0.1376 0.1371 0.0089  0.0250  -0.0269 12  SER A N   
94  C CA  . SER A 15  ? 0.0732 0.1137 0.1119 0.0066  0.0275  -0.0264 12  SER A CA  
95  C C   . SER A 15  ? 0.1235 0.1642 0.1585 0.0061  0.0263  -0.0204 12  SER A C   
96  O O   . SER A 15  ? 0.1480 0.1825 0.1810 0.0056  0.0280  -0.0189 12  SER A O   
97  C CB  . SER A 15  ? 0.2092 0.2579 0.2481 0.0018  0.0308  -0.0315 12  SER A CB  
98  O OG  . SER A 15  ? 0.3606 0.4221 0.3975 0.0003  0.0292  -0.0295 12  SER A OG  
99  N N   . THR A 16  ? 0.1062 0.1533 0.1397 0.0069  0.0240  -0.0166 13  THR A N   
100 C CA  . THR A 16  ? 0.0884 0.1358 0.1187 0.0075  0.0227  -0.0107 13  THR A CA  
101 C C   . THR A 16  ? 0.1232 0.1602 0.1533 0.0092  0.0219  -0.0081 13  THR A C   
102 O O   . THR A 16  ? 0.1071 0.1406 0.1352 0.0086  0.0221  -0.0057 13  THR A O   
103 C CB  . THR A 16  ? 0.1111 0.1656 0.1397 0.0099  0.0217  -0.0064 13  THR A CB  
104 O OG1 . THR A 16  ? 0.1293 0.1975 0.1575 0.0088  0.0222  -0.0086 13  THR A OG1 
105 C CG2 . THR A 16  ? 0.0899 0.1443 0.1158 0.0112  0.0206  0.0000  13  THR A CG2 
106 N N   . CYS A 17  ? 0.1081 0.1418 0.1405 0.0111  0.0213  -0.0098 14  CYS A N   
107 C CA  . CYS A 17  ? 0.0819 0.1106 0.1144 0.0127  0.0202  -0.0091 14  CYS A CA  
108 C C   . CYS A 17  ? 0.0941 0.1183 0.1250 0.0142  0.0211  -0.0098 14  CYS A C   
109 O O   . CYS A 17  ? 0.1276 0.1481 0.1554 0.0152  0.0212  -0.0065 14  CYS A O   
110 C CB  . CYS A 17  ? 0.1064 0.1368 0.1439 0.0141  0.0193  -0.0140 14  CYS A CB  
111 S SG  . CYS A 17  ? 0.1543 0.1859 0.1941 0.0129  0.0209  -0.0121 14  CYS A SG  
112 N N   . LYS A 18  ? 0.1140 0.1375 0.1462 0.0152  0.0226  -0.0142 15  LYS A N   
113 C CA  . LYS A 18  ? 0.1189 0.1338 0.1465 0.0188  0.0254  -0.0148 15  LYS A CA  
114 C C   . LYS A 18  ? 0.1294 0.1392 0.1528 0.0152  0.0298  -0.0113 15  LYS A C   
115 O O   . LYS A 18  ? 0.1705 0.1702 0.1866 0.0185  0.0325  -0.0092 15  LYS A O   
116 C CB  . LYS A 18  ? 0.1510 0.1621 0.1785 0.0202  0.0279  -0.0204 15  LYS A CB  
117 C CG  . LYS A 18  ? 0.1434 0.1578 0.1749 0.0249  0.0235  -0.0253 15  LYS A CG  
118 C CD  . LYS A 18  ? 0.1759 0.1844 0.2063 0.0260  0.0264  -0.0306 15  LYS A CD  
119 C CE  . LYS A 18  ? 0.2043 0.2162 0.2397 0.0312  0.0216  -0.0364 15  LYS A CE  
120 N NZ  . LYS A 18  ? 0.2456 0.2513 0.2801 0.0313  0.0248  -0.0414 15  LYS A NZ  
121 N N   . ARG A 19  ? 0.1127 0.1298 0.1390 0.0091  0.0305  -0.0118 16  ARG A N   
122 C CA  . ARG A 19  ? 0.1321 0.1473 0.1555 0.0042  0.0345  -0.0113 16  ARG A CA  
123 C C   . ARG A 19  ? 0.1311 0.1447 0.1535 0.0059  0.0317  -0.0054 16  ARG A C   
124 O O   . ARG A 19  ? 0.0294 0.0348 0.0473 0.0044  0.0360  -0.0045 16  ARG A O   
125 C CB  . ARG A 19  ? 0.1869 0.2155 0.2127 -0.0019 0.0341  -0.0144 16  ARG A CB  
126 C CG  . ARG A 19  ? 0.1728 0.2016 0.1958 -0.0069 0.0367  -0.0138 16  ARG A CG  
127 C CD  . ARG A 19  ? 0.2964 0.3420 0.3207 -0.0126 0.0356  -0.0167 16  ARG A CD  
128 N NE  . ARG A 19  ? 0.3086 0.3654 0.3346 -0.0073 0.0286  -0.0120 16  ARG A NE  
129 N N   . ILE A 20  ? 0.1355 0.1547 0.1598 0.0079  0.0261  -0.0022 17  ILE A N   
130 C CA  . ILE A 20  ? 0.1179 0.1352 0.1406 0.0090  0.0240  0.0028  17  ILE A CA  
131 C C   . ILE A 20  ? 0.1454 0.1546 0.1652 0.0124  0.0251  0.0046  17  ILE A C   
132 O O   . ILE A 20  ? 0.1405 0.1453 0.1580 0.0128  0.0260  0.0078  17  ILE A O   
133 C CB  . ILE A 20  ? 0.1077 0.1295 0.1306 0.0101  0.0204  0.0055  17  ILE A CB  
134 C CG1 . ILE A 20  ? 0.0939 0.1258 0.1173 0.0088  0.0198  0.0050  17  ILE A CG1 
135 C CG2 . ILE A 20  ? 0.1108 0.1295 0.1321 0.0110  0.0193  0.0101  17  ILE A CG2 
136 C CD1 . ILE A 20  ? 0.1474 0.1825 0.1703 0.0111  0.0187  0.0083  17  ILE A CD1 
137 N N   . VAL A 21  ? 0.1135 0.1224 0.1327 0.0161  0.0249  0.0017  18  VAL A N   
138 C CA  . VAL A 21  ? 0.1253 0.1290 0.1383 0.0226  0.0254  0.0018  18  VAL A CA  
139 C C   . VAL A 21  ? 0.1597 0.1489 0.1631 0.0245  0.0319  0.0031  18  VAL A C   
140 O O   . VAL A 21  ? 0.1602 0.1412 0.1545 0.0286  0.0335  0.0058  18  VAL A O   
141 C CB  . VAL A 21  ? 0.1480 0.1536 0.1606 0.0292  0.0222  -0.0042 18  VAL A CB  
142 C CG1 . VAL A 21  ? 0.1743 0.1708 0.1754 0.0400  0.0207  -0.0057 18  VAL A CG1 
143 C CG2 . VAL A 21  ? 0.1534 0.1701 0.1741 0.0269  0.0177  -0.0073 18  VAL A CG2 
144 N N   . LYS A 22  ? 0.1532 0.1367 0.1553 0.0209  0.0372  0.0000  19  LYS A N   
145 C CA  . LYS A 22  ? 0.1815 0.1445 0.1688 0.0198  0.0464  -0.0011 19  LYS A CA  
146 C C   . LYS A 22  ? 0.1649 0.1288 0.1538 0.0130  0.0492  0.0018  19  LYS A C   
147 O O   . LYS A 22  ? 0.1919 0.1380 0.1658 0.0146  0.0549  0.0034  19  LYS A O   
148 C CB  . LYS A 22  ? 0.2244 0.1824 0.2089 0.0137  0.0526  -0.0075 19  LYS A CB  
149 C CG  . LYS A 22  ? 0.2679 0.2134 0.2443 0.0218  0.0513  -0.0114 19  LYS A CG  
150 C CD  . LYS A 22  ? 0.3219 0.2590 0.2931 0.0140  0.0590  -0.0184 19  LYS A CD  
151 C CE  . LYS A 22  ? 0.4192 0.3436 0.3842 0.0218  0.0565  -0.0220 19  LYS A CE  
152 N NZ  . LYS A 22  ? 0.6055 0.5230 0.5668 0.0129  0.0640  -0.0296 19  LYS A NZ  
153 N N   . GLU A 23  ? 0.1407 0.1222 0.1442 0.0069  0.0438  0.0015  20  GLU A N   
154 C CA  . GLU A 23  ? 0.1210 0.1055 0.1266 0.0023  0.0433  0.0022  20  GLU A CA  
155 C C   . GLU A 23  ? 0.1396 0.1197 0.1441 0.0087  0.0406  0.0079  20  GLU A C   
156 O O   . GLU A 23  ? 0.1720 0.1430 0.1703 0.0073  0.0448  0.0083  20  GLU A O   
157 C CB  . GLU A 23  ? 0.1451 0.1485 0.1604 -0.0006 0.0363  0.0012  20  GLU A CB  
158 C CG  . GLU A 23  ? 0.1371 0.1491 0.1532 -0.0076 0.0388  -0.0049 20  GLU A CG  
159 C CD  . GLU A 23  ? 0.1984 0.2282 0.2198 -0.0066 0.0318  -0.0042 20  GLU A CD  
160 O OE1 . GLU A 23  ? 0.2647 0.2963 0.2872 -0.0011 0.0263  0.0012  20  GLU A OE1 
161 O OE2 . GLU A 23  ? 0.2772 0.3179 0.2992 -0.0117 0.0331  -0.0091 20  GLU A OE2 
162 N N   . LEU A 24  ? 0.1253 0.1121 0.1334 0.0138  0.0342  0.0115  21  LEU A N   
163 C CA  . LEU A 24  ? 0.1588 0.1449 0.1640 0.0177  0.0318  0.0160  21  LEU A CA  
164 C C   . LEU A 24  ? 0.1863 0.1570 0.1757 0.0236  0.0386  0.0171  21  LEU A C   
165 O O   . LEU A 24  ? 0.1914 0.1548 0.1755 0.0247  0.0407  0.0199  21  LEU A O   
166 C CB  . LEU A 24  ? 0.1469 0.1437 0.1543 0.0197  0.0265  0.0153  21  LEU A CB  
167 C CG  . LEU A 24  ? 0.1837 0.1833 0.1872 0.0236  0.0248  0.0160  21  LEU A CG  
168 C CD1 . LEU A 24  ? 0.2004 0.1990 0.2071 0.0194  0.0237  0.0204  21  LEU A CD1 
169 C CD2 . LEU A 24  ? 0.1550 0.1646 0.1623 0.0256  0.0203  0.0102  21  LEU A CD2 
170 N N   . HIS A 25  ? 0.1666 0.1281 0.1445 0.0293  0.0411  0.0136  22  HIS A N   
171 C CA  . HIS A 25  ? 0.1835 0.1195 0.1366 0.0383  0.0454  0.0129  22  HIS A CA  
172 C C   . HIS A 25  ? 0.2321 0.1450 0.1710 0.0319  0.0562  0.0137  22  HIS A C   
173 O O   . HIS A 25  ? 0.2595 0.1512 0.1786 0.0369  0.0588  0.0157  22  HIS A O   
174 C CB  . HIS A 25  ? 0.2479 0.1709 0.1899 0.0467  0.0433  0.0084  22  HIS A CB  
175 C CG  . HIS A 25  ? 0.2385 0.1807 0.1904 0.0539  0.0330  0.0054  22  HIS A CG  
176 N ND1 . HIS A 25  ? 0.2853 0.2265 0.2373 0.0587  0.0294  0.0005  22  HIS A ND1 
177 C CD2 . HIS A 25  ? 0.2799 0.2416 0.2414 0.0556  0.0264  0.0048  22  HIS A CD2 
178 C CE1 . HIS A 25  ? 0.2696 0.2293 0.2312 0.0632  0.0210  -0.0035 22  HIS A CE1 
179 N NE2 . HIS A 25  ? 0.2637 0.2352 0.2305 0.0611  0.0193  -0.0014 22  HIS A NE2 
180 N N   . SER A 26  ? 0.1926 0.1095 0.1403 0.0193  0.0614  0.0108  23  SER A N   
181 C CA  . SER A 26  ? 0.2361 0.1376 0.1724 0.0081  0.0699  0.0094  23  SER A CA  
182 C C   . SER A 26  ? 0.2029 0.1135 0.1484 0.0069  0.0667  0.0103  23  SER A C   
183 O O   . SER A 26  ? 0.2454 0.1358 0.1728 0.0042  0.0729  0.0112  23  SER A O   
184 C CB  . SER A 26  ? 0.2704 0.1834 0.2177 -0.0056 0.0723  0.0032  23  SER A CB  
185 O OG  . SER A 26  ? 0.2766 0.1764 0.2114 -0.0061 0.0782  0.0014  23  SER A OG  
186 N N   . TYR A 27  ? 0.2081 0.1461 0.1792 0.0085  0.0569  0.0105  24  TYR A N   
187 C CA  . TYR A 27  ? 0.1585 0.1053 0.1381 0.0084  0.0533  0.0115  24  TYR A CA  
188 C C   . TYR A 27  ? 0.1921 0.1262 0.1591 0.0184  0.0550  0.0153  24  TYR A C   
189 O O   . TYR A 27  ? 0.1951 0.1218 0.1546 0.0167  0.0581  0.0154  24  TYR A O   
190 C CB  . TYR A 27  ? 0.1182 0.0888 0.1192 0.0099  0.0420  0.0129  24  TYR A CB  
191 C CG  . TYR A 27  ? 0.1300 0.1134 0.1376 0.0020  0.0397  0.0093  24  TYR A CG  
192 C CD1 . TYR A 27  ? 0.1426 0.1262 0.1467 -0.0069 0.0439  0.0054  24  TYR A CD1 
193 C CD2 . TYR A 27  ? 0.1574 0.1523 0.1719 0.0033  0.0337  0.0099  24  TYR A CD2 
194 C CE1 . TYR A 27  ? 0.2006 0.1984 0.2094 -0.0134 0.0418  0.0022  24  TYR A CE1 
195 C CE2 . TYR A 27  ? 0.1498 0.1570 0.1670 -0.0022 0.0320  0.0071  24  TYR A CE2 
196 C CZ  . TYR A 27  ? 0.1576 0.1678 0.1726 -0.0101 0.0357  0.0033  24  TYR A CZ  
197 O OH  . TYR A 27  ? 0.1802 0.2058 0.1976 -0.0152 0.0341  0.0006  24  TYR A OH  
198 N N   . GLU A 28  ? 0.1804 0.1155 0.1417 0.0273  0.0519  0.0190  25  GLU A N   
199 C CA  . GLU A 28  ? 0.2028 0.1320 0.1464 0.0372  0.0514  0.0220  25  GLU A CA  
200 C C   . GLU A 28  ? 0.2513 0.1443 0.1611 0.0419  0.0598  0.0215  25  GLU A C   
201 O O   . GLU A 28  ? 0.2574 0.1403 0.1546 0.0467  0.0597  0.0234  25  GLU A O   
202 C CB  . GLU A 28  ? 0.2055 0.1454 0.1470 0.0459  0.0435  0.0219  25  GLU A CB  
203 C CG  . GLU A 28  ? 0.2069 0.1757 0.1729 0.0398  0.0357  0.0224  25  GLU A CG  
204 C CD  . GLU A 28  ? 0.3042 0.2837 0.2726 0.0468  0.0281  0.0159  25  GLU A CD  
205 O OE1 . GLU A 28  ? 0.2821 0.2512 0.2414 0.0537  0.0276  0.0124  25  GLU A OE1 
206 O OE2 . GLU A 28  ? 0.3291 0.3246 0.3077 0.0452  0.0227  0.0133  25  GLU A OE2 
207 N N   . LYS A 29  ? 0.2858 0.1556 0.1813 0.0383  0.0642  0.0212  26  LYS A N   
208 C CA  . LYS A 29  ? 0.2595 0.0883 0.1218 0.0395  0.0707  0.0237  26  LYS A CA  
209 C C   . LYS A 29  ? 0.2634 0.0869 0.1239 0.0263  0.0787  0.0230  26  LYS A C   
210 O O   . LYS A 29  ? 0.3004 0.0970 0.1361 0.0294  0.0832  0.0260  26  LYS A O   
211 C CB  . LYS A 29  ? 0.3128 0.1192 0.1629 0.0362  0.0756  0.0223  26  LYS A CB  
212 C CG  . LYS A 29  ? 0.3778 0.1372 0.1902 0.0408  0.0833  0.0250  26  LYS A CG  
213 C CD  . LYS A 29  ? 0.4834 0.2306 0.2765 0.0621  0.0756  0.0282  26  LYS A CD  
214 C CE  . LYS A 29  ? 0.6488 0.3501 0.4031 0.0656  0.0850  0.0329  26  LYS A CE  
215 N NZ  . LYS A 29  ? 0.5889 0.2776 0.3216 0.0888  0.0769  0.0357  26  LYS A NZ  
216 N N   . GLU A 30  ? 0.2261 0.1084 0.1758 0.0028  0.0369  0.0055  27  GLU A N   
217 C CA  . GLU A 30  ? 0.2016 0.0968 0.1504 0.0012  0.0280  0.0095  27  GLU A CA  
218 C C   . GLU A 30  ? 0.2072 0.1212 0.1716 0.0061  0.0257  0.0087  27  GLU A C   
219 O O   . GLU A 30  ? 0.2095 0.1370 0.1788 0.0078  0.0199  0.0122  27  GLU A O   
220 C CB  . GLU A 30  ? 0.2476 0.1374 0.1814 -0.0015 0.0257  0.0109  27  GLU A CB  
221 C CG  . GLU A 30  ? 0.4194 0.3244 0.3544 -0.0027 0.0170  0.0157  27  GLU A CG  
222 C CD  . GLU A 30  ? 0.5185 0.4266 0.4541 -0.0077 0.0107  0.0190  27  GLU A CD  
223 O OE1 . GLU A 30  ? 0.3950 0.2899 0.3259 -0.0112 0.0125  0.0168  27  GLU A OE1 
224 O OE2 . GLU A 30  ? 0.3228 0.2460 0.2646 -0.0078 0.0051  0.0240  27  GLU A OE2 
225 N N   . VAL A 31  ? 0.1714 0.0854 0.1442 0.0086  0.0310  0.0041  28  VAL A N   
226 C CA  . VAL A 31  ? 0.1321 0.0626 0.1204 0.0129  0.0284  0.0004  28  VAL A CA  
227 C C   . VAL A 31  ? 0.1827 0.1257 0.1809 0.0172  0.0244  -0.0007 28  VAL A C   
228 O O   . VAL A 31  ? 0.1691 0.1275 0.1704 0.0214  0.0181  0.0004  28  VAL A O   
229 C CB  . VAL A 31  ? 0.1499 0.0766 0.1501 0.0135  0.0358  -0.0061 28  VAL A CB  
230 C CG1 . VAL A 31  ? 0.2032 0.1473 0.2222 0.0174  0.0319  -0.0133 28  VAL A CG1 
231 C CG2 . VAL A 31  ? 0.1701 0.0873 0.1605 0.0122  0.0400  -0.0034 28  VAL A CG2 
232 N N   . GLU A 32  ? 0.1652 0.1017 0.1672 0.0175  0.0289  -0.0021 29  GLU A N   
233 C CA  . GLU A 32  ? 0.1264 0.0749 0.1376 0.0236  0.0261  -0.0021 29  GLU A CA  
234 C C   . GLU A 32  ? 0.1588 0.1116 0.1606 0.0251  0.0212  0.0061  29  GLU A C   
235 O O   . GLU A 32  ? 0.1653 0.1342 0.1719 0.0324  0.0164  0.0077  29  GLU A O   
236 C CB  . GLU A 32  ? 0.2264 0.1650 0.2419 0.0241  0.0333  -0.0033 29  GLU A CB  
237 C CG  . GLU A 32  ? 0.3272 0.2814 0.3575 0.0321  0.0312  -0.0053 29  GLU A CG  
238 C CD  . GLU A 32  ? 0.5285 0.4817 0.5507 0.0362  0.0303  0.0028  29  GLU A CD  
239 O OE1 . GLU A 32  ? 0.5972 0.5333 0.6052 0.0307  0.0333  0.0084  29  GLU A OE1 
240 O OE2 . GLU A 32  ? 0.5226 0.4920 0.5530 0.0454  0.0269  0.0035  29  GLU A OE2 
241 N N   . ARG A 33  ? 0.1554 0.0942 0.1445 0.0188  0.0225  0.0113  30  ARG A N   
242 C CA  . ARG A 33  ? 0.1460 0.0874 0.1305 0.0186  0.0194  0.0193  30  ARG A CA  
243 C C   . ARG A 33  ? 0.1279 0.0852 0.1133 0.0211  0.0136  0.0225  30  ARG A C   
244 O O   . ARG A 33  ? 0.1529 0.1209 0.1403 0.0265  0.0118  0.0288  30  ARG A O   
245 C CB  . ARG A 33  ? 0.2116 0.1348 0.1848 0.0095  0.0208  0.0217  30  ARG A CB  
246 C CG  . ARG A 33  ? 0.2553 0.1621 0.2260 0.0086  0.0271  0.0210  30  ARG A CG  
247 C CD  . ARG A 33  ? 0.3975 0.2872 0.3574 -0.0003 0.0270  0.0221  30  ARG A CD  
248 N NE  . ARG A 33  ? 0.6163 0.4918 0.5635 -0.0054 0.0278  0.0161  30  ARG A NE  
249 C CZ  . ARG A 33  ? 0.6705 0.5256 0.6077 -0.0072 0.0336  0.0121  30  ARG A CZ  
250 N NH1 . ARG A 33  ? 0.6402 0.4862 0.5807 -0.0051 0.0392  0.0134  30  ARG A NH1 
251 N NH2 . ARG A 33  ? 0.6949 0.5378 0.6177 -0.0098 0.0345  0.0073  30  ARG A NH2 
252 N N   . GLU A 34  ? 0.1406 0.0983 0.1236 0.0181  0.0121  0.0193  31  GLU A N   
253 C CA  . GLU A 34  ? 0.1337 0.1054 0.1172 0.0213  0.0077  0.0222  31  GLU A CA  
254 C C   . GLU A 34  ? 0.1488 0.1359 0.1400 0.0307  0.0055  0.0179  31  GLU A C   
255 O O   . GLU A 34  ? 0.1584 0.1583 0.1486 0.0368  0.0024  0.0221  31  GLU A O   
256 C CB  . GLU A 34  ? 0.1291 0.0962 0.1075 0.0171  0.0077  0.0206  31  GLU A CB  
257 C CG  . GLU A 34  ? 0.1522 0.1072 0.1207 0.0091  0.0074  0.0242  31  GLU A CG  
258 C CD  . GLU A 34  ? 0.1831 0.1445 0.1516 0.0063  0.0033  0.0323  31  GLU A CD  
259 O OE1 . GLU A 34  ? 0.1896 0.1647 0.1645 0.0116  0.0019  0.0371  31  GLU A OE1 
260 O OE2 . GLU A 34  ? 0.2204 0.1731 0.1831 -0.0011 0.0014  0.0336  31  GLU A OE2 
261 N N   . ALA A 35  ? 0.1346 0.1210 0.1336 0.0325  0.0071  0.0091  32  ALA A N   
262 C CA  . ALA A 35  ? 0.1109 0.1136 0.1184 0.0413  0.0030  0.0022  32  ALA A CA  
263 C C   . ALA A 35  ? 0.1383 0.1513 0.1443 0.0500  0.0007  0.0079  32  ALA A C   
264 O O   . ALA A 35  ? 0.1528 0.1812 0.1574 0.0595  -0.0040 0.0077  32  ALA A O   
265 C CB  . ALA A 35  ? 0.1426 0.1436 0.1633 0.0399  0.0051  -0.0088 32  ALA A CB  
266 N N   . ALA A 36  ? 0.1384 0.1416 0.1431 0.0477  0.0049  0.0134  33  ALA A N   
267 C CA  . ALA A 36  ? 0.1192 0.1295 0.1219 0.0569  0.0051  0.0212  33  ALA A CA  
268 C C   . ALA A 36  ? 0.1444 0.1585 0.1393 0.0591  0.0050  0.0322  33  ALA A C   
269 O O   . ALA A 36  ? 0.1635 0.1902 0.1559 0.0707  0.0039  0.0378  33  ALA A O   
270 C CB  . ALA A 36  ? 0.1261 0.1218 0.1295 0.0537  0.0113  0.0249  33  ALA A CB  
271 N N   . LYS A 37  ? 0.1588 0.1629 0.1504 0.0489  0.0064  0.0359  34  LYS A N   
272 C CA  . LYS A 37  ? 0.1239 0.1335 0.1124 0.0501  0.0067  0.0465  34  LYS A CA  
273 C C   . LYS A 37  ? 0.1403 0.1670 0.1265 0.0598  0.0026  0.0451  34  LYS A C   
274 O O   . LYS A 37  ? 0.1507 0.1874 0.1339 0.0691  0.0037  0.0538  34  LYS A O   
275 C CB  . LYS A 37  ? 0.1436 0.1424 0.1313 0.0371  0.0070  0.0491  34  LYS A CB  
276 C CG  . LYS A 37  ? 0.1600 0.1664 0.1492 0.0373  0.0075  0.0603  34  LYS A CG  
277 C CD  . LYS A 37  ? 0.1407 0.1384 0.1314 0.0240  0.0063  0.0617  34  LYS A CD  
278 C CE  . LYS A 37  ? 0.1736 0.1829 0.1702 0.0238  0.0061  0.0720  34  LYS A CE  
279 N NZ  . LYS A 37  ? 0.1897 0.1933 0.1898 0.0106  0.0030  0.0723  34  LYS A NZ  
280 N N   . THR A 38  ? 0.1503 0.1786 0.1376 0.0583  -0.0009 0.0341  35  THR A N   
281 C CA  . THR A 38  ? 0.1444 0.1864 0.1289 0.0675  -0.0047 0.0302  35  THR A CA  
282 C C   . THR A 38  ? 0.1823 0.2383 0.1644 0.0820  -0.0074 0.0291  35  THR A C   
283 O O   . THR A 38  ? 0.2005 0.2675 0.1750 0.0928  -0.0079 0.0348  35  THR A O   
284 C CB  . THR A 38  ? 0.1823 0.2215 0.1711 0.0634  -0.0068 0.0169  35  THR A CB  
285 O OG1 . THR A 38  ? 0.1815 0.2081 0.1700 0.0524  -0.0038 0.0195  35  THR A OG1 
286 C CG2 . THR A 38  ? 0.2530 0.3040 0.2382 0.0725  -0.0103 0.0118  35  THR A CG2 
287 N N   . ALA A 39  ? 0.1711 0.2272 0.1588 0.0834  -0.0088 0.0224  36  ALA A N   
288 C CA  . ALA A 39  ? 0.2179 0.2894 0.2030 0.0984  -0.0126 0.0209  36  ALA A CA  
289 C C   . ALA A 39  ? 0.2492 0.3233 0.2253 0.1078  -0.0076 0.0375  36  ALA A C   
290 O O   . ALA A 39  ? 0.2959 0.3842 0.2627 0.1233  -0.0098 0.0404  36  ALA A O   
291 C CB  . ALA A 39  ? 0.2724 0.3439 0.2679 0.0976  -0.0142 0.0128  36  ALA A CB  
292 N N   . ASP A 40  ? 0.2423 0.3018 0.2210 0.0990  -0.0002 0.0483  37  ASP A N   
293 C CA  . ASP A 40  ? 0.2155 0.2745 0.1898 0.1061  0.0070  0.0649  37  ASP A CA  
294 C C   . ASP A 40  ? 0.2633 0.3297 0.2317 0.1110  0.0088  0.0736  37  ASP A C   
295 O O   . ASP A 40  ? 0.3083 0.3828 0.2697 0.1251  0.0130  0.0848  37  ASP A O   
296 C CB  . ASP A 40  ? 0.2583 0.2980 0.2392 0.0927  0.0142  0.0720  37  ASP A CB  
297 C CG  . ASP A 40  ? 0.4022 0.4352 0.3852 0.0965  0.0181  0.0734  37  ASP A CG  
298 O OD1 . ASP A 40  ? 0.4845 0.5289 0.4667 0.1068  0.0134  0.0663  37  ASP A OD1 
299 O OD2 . ASP A 40  ? 0.4243 0.4414 0.4109 0.0892  0.0256  0.0812  37  ASP A OD2 
300 N N   . MET A 41  ? 0.1897 0.2533 0.1608 0.1005  0.0066  0.0696  38  MET A N   
301 C CA  . MET A 41  ? 0.2008 0.2723 0.1676 0.1055  0.0086  0.0777  38  MET A CA  
302 C C   . MET A 41  ? 0.2404 0.3276 0.1953 0.1227  0.0042  0.0724  38  MET A C   
303 O O   . MET A 41  ? 0.3028 0.3984 0.2499 0.1347  0.0085  0.0828  38  MET A O   
304 C CB  . MET A 41  ? 0.2073 0.2732 0.1796 0.0914  0.0072  0.0750  38  MET A CB  
305 C CG  . MET A 41  ? 0.2119 0.2648 0.1938 0.0763  0.0108  0.0815  38  MET A CG  
306 S SD  . MET A 41  ? 0.2150 0.2636 0.2011 0.0619  0.0073  0.0775  38  MET A SD  
307 C CE  . MET A 41  ? 0.2254 0.2900 0.2100 0.0721  0.0095  0.0874  38  MET A CE  
308 N N   . LYS A 42  ? 0.3082 0.3991 0.2621 0.1242  -0.0039 0.0556  39  LYS A N   
309 C CA  . LYS A 42  ? 0.3326 0.4383 0.2751 0.1403  -0.0100 0.0472  39  LYS A CA  
310 C C   . LYS A 42  ? 0.4381 0.5552 0.3697 0.1591  -0.0090 0.0548  39  LYS A C   
311 O O   . LYS A 42  ? 0.3859 0.5128 0.3031 0.1750  -0.0076 0.0606  39  LYS A O   
312 C CB  . LYS A 42  ? 0.3551 0.4628 0.3034 0.1364  -0.0192 0.0259  39  LYS A CB  
313 C CG  . LYS A 42  ? 0.4194 0.5185 0.3738 0.1240  -0.0197 0.0177  39  LYS A CG  
314 C CD  . LYS A 42  ? 0.5324 0.6325 0.4961 0.1202  -0.0270 -0.0028 39  LYS A CD  
315 C CE  . LYS A 42  ? 0.5663 0.6541 0.5374 0.1072  -0.0245 -0.0088 39  LYS A CE  
316 N NZ  . LYS A 42  ? 0.6186 0.7058 0.6026 0.1025  -0.0294 -0.0283 39  LYS A NZ  
317 N N   . ASP A 43  ? 0.3974 0.5129 0.3340 0.1593  -0.0091 0.0553  40  ASP A N   
318 C CA  . ASP A 43  ? 0.5263 0.6532 0.4513 0.1796  -0.0079 0.0633  40  ASP A CA  
319 C C   . ASP A 43  ? 0.5582 0.6795 0.4788 0.1850  0.0056  0.0867  40  ASP A C   
320 O O   . ASP A 43  ? 0.6007 0.7307 0.5086 0.2044  0.0097  0.0976  40  ASP A O   
321 C CB  . ASP A 43  ? 0.6074 0.7372 0.5393 0.1813  -0.0123 0.0569  40  ASP A CB  
322 C CG  . ASP A 43  ? 0.5729 0.6843 0.5187 0.1653  -0.0045 0.0636  40  ASP A CG  
323 O OD1 . ASP A 43  ? 0.7121 0.8106 0.6594 0.1584  0.0056  0.0781  40  ASP A OD1 
324 O OD2 . ASP A 43  ? 0.5079 0.6180 0.4638 0.1600  -0.0084 0.0540  40  ASP A OD2 
325 N N   . LYS A 44  ? 0.4344 0.5580 0.3409 0.1244  0.0130  0.0932  41  LYS A N   
326 C CA  . LYS A 44  ? 0.3598 0.4749 0.2645 0.1256  0.0194  0.1114  41  LYS A CA  
327 C C   . LYS A 44  ? 0.4168 0.5332 0.3202 0.1265  0.0284  0.1177  41  LYS A C   
328 O O   . LYS A 44  ? 0.4761 0.5857 0.3794 0.1276  0.0356  0.1323  41  LYS A O   
329 C CB  . LYS A 44  ? 0.4875 0.5928 0.4083 0.1150  0.0187  0.1191  41  LYS A CB  
330 C CG  . LYS A 44  ? 0.5505 0.6468 0.4732 0.1164  0.0248  0.1371  41  LYS A CG  
331 C CD  . LYS A 44  ? 0.6171 0.7052 0.5544 0.1093  0.0208  0.1429  41  LYS A CD  
332 C CE  . LYS A 44  ? 0.6389 0.7226 0.5943 0.0984  0.0210  0.1399  41  LYS A CE  
333 N NZ  . LYS A 44  ? 0.6521 0.7271 0.6223 0.0936  0.0171  0.1466  41  LYS A NZ  
334 N N   . GLY A 45  ? 0.4312 0.5564 0.3348 0.1261  0.0280  0.1063  42  GLY A N   
335 C CA  . GLY A 45  ? 0.3646 0.4931 0.2661 0.1276  0.0352  0.1103  42  GLY A CA  
336 C C   . GLY A 45  ? 0.3860 0.5075 0.3026 0.1161  0.0406  0.1172  42  GLY A C   
337 O O   . GLY A 45  ? 0.3433 0.4634 0.2588 0.1173  0.0481  0.1261  42  GLY A O   
338 N N   . ALA A 46  ? 0.2999 0.4159 0.2304 0.1053  0.0371  0.1125  43  ALA A N   
339 C CA  . ALA A 46  ? 0.2298 0.3378 0.1740 0.0954  0.0409  0.1165  43  ALA A CA  
340 C C   . ALA A 46  ? 0.2689 0.3837 0.2112 0.0947  0.0443  0.1115  43  ALA A C   
341 O O   . ALA A 46  ? 0.2592 0.3849 0.1945 0.0988  0.0414  0.1009  43  ALA A O   
342 C CB  . ALA A 46  ? 0.2403 0.3415 0.1961 0.0860  0.0356  0.1094  43  ALA A CB  
343 N N   . ASP A 47  ? 0.2790 0.3879 0.2289 0.0901  0.0500  0.1184  44  ASP A N   
344 C CA  . ASP A 47  ? 0.2303 0.3454 0.1785 0.0891  0.0529  0.1140  44  ASP A CA  
345 C C   . ASP A 47  ? 0.2102 0.3255 0.1642 0.0809  0.0481  0.1002  44  ASP A C   
346 O O   . ASP A 47  ? 0.1867 0.2941 0.1472 0.0753  0.0442  0.0962  44  ASP A O   
347 C CB  . ASP A 47  ? 0.2401 0.3491 0.1946 0.0872  0.0607  0.1250  44  ASP A CB  
348 C CG  . ASP A 47  ? 0.2398 0.3354 0.2108 0.0771  0.0604  0.1253  44  ASP A CG  
349 O OD1 . ASP A 47  ? 0.2208 0.3134 0.1956 0.0705  0.0556  0.1147  44  ASP A OD1 
350 O OD2 . ASP A 47  ? 0.2396 0.3268 0.2197 0.0764  0.0656  0.1358  44  ASP A OD2 
351 N N   . PRO A 48  ? 0.2358 0.3597 0.1866 0.0807  0.0483  0.0928  45  PRO A N   
352 C CA  . PRO A 48  ? 0.2251 0.3495 0.1798 0.0738  0.0444  0.0793  45  PRO A CA  
353 C C   . PRO A 48  ? 0.2066 0.3151 0.1712 0.0636  0.0444  0.0785  45  PRO A C   
354 O O   . PRO A 48  ? 0.2109 0.3147 0.1780 0.0583  0.0413  0.0690  45  PRO A O   
355 C CB  . PRO A 48  ? 0.2889 0.4253 0.2389 0.0764  0.0454  0.0748  45  PRO A CB  
356 C CG  . PRO A 48  ? 0.2689 0.4144 0.2090 0.0878  0.0481  0.0833  45  PRO A CG  
357 C CD  . PRO A 48  ? 0.2676 0.4018 0.2101 0.0881  0.0523  0.0968  45  PRO A CD  
358 N N   . TYR A 49  ? 0.1586 0.2581 0.1290 0.0615  0.0481  0.0877  46  TYR A N   
359 C CA  . TYR A 49  ? 0.1442 0.2276 0.1242 0.0538  0.0472  0.0861  46  TYR A CA  
360 C C   . TYR A 49  ? 0.1738 0.2472 0.1583 0.0526  0.0440  0.0874  46  TYR A C   
361 O O   . TYR A 49  ? 0.1714 0.2356 0.1576 0.0478  0.0409  0.0795  46  TYR A O   
362 C CB  . TYR A 49  ? 0.1928 0.2700 0.1801 0.0534  0.0520  0.0951  46  TYR A CB  
363 C CG  . TYR A 49  ? 0.1727 0.2321 0.1716 0.0477  0.0507  0.0941  46  TYR A CG  
364 C CD1 . TYR A 49  ? 0.1953 0.2480 0.1960 0.0428  0.0500  0.0862  46  TYR A CD1 
365 C CD2 . TYR A 49  ? 0.1976 0.2462 0.2056 0.0483  0.0494  0.1003  46  TYR A CD2 
366 C CE1 . TYR A 49  ? 0.2156 0.2505 0.2261 0.0394  0.0481  0.0840  46  TYR A CE1 
367 C CE2 . TYR A 49  ? 0.2574 0.2894 0.2769 0.0450  0.0474  0.0986  46  TYR A CE2 
368 C CZ  . TYR A 49  ? 0.2668 0.2914 0.2871 0.0410  0.0467  0.0901  46  TYR A CZ  
369 O OH  . TYR A 49  ? 0.3321 0.3387 0.3629 0.0395  0.0439  0.0870  46  TYR A OH  
370 N N   . ASP A 50  ? 0.1641 0.2390 0.1496 0.0576  0.0449  0.0974  47  ASP A N   
371 C CA  . ASP A 50  ? 0.1583 0.2261 0.1483 0.0573  0.0409  0.0994  47  ASP A CA  
372 C C   . ASP A 50  ? 0.1842 0.2570 0.1679 0.0568  0.0366  0.0887  47  ASP A C   
373 O O   . ASP A 50  ? 0.1723 0.2358 0.1600 0.0531  0.0332  0.0847  47  ASP A O   
374 C CB  . ASP A 50  ? 0.1963 0.2665 0.1865 0.0634  0.0425  0.1118  47  ASP A CB  
375 C CG  . ASP A 50  ? 0.2271 0.2882 0.2292 0.0628  0.0466  0.1225  47  ASP A CG  
376 O OD1 . ASP A 50  ? 0.2520 0.3020 0.2641 0.0577  0.0459  0.1194  47  ASP A OD1 
377 O OD2 . ASP A 50  ? 0.3268 0.3905 0.3285 0.0680  0.0506  0.1334  47  ASP A OD2 
378 N N   . LEU A 51  ? 0.1784 0.2659 0.1532 0.0611  0.0368  0.0838  48  LEU A N   
379 C CA  . LEU A 51  ? 0.1776 0.2710 0.1492 0.0607  0.0332  0.0718  48  LEU A CA  
380 C C   . LEU A 51  ? 0.1558 0.2421 0.1305 0.0532  0.0333  0.0612  48  LEU A C   
381 O O   . LEU A 51  ? 0.1625 0.2440 0.1394 0.0499  0.0313  0.0540  48  LEU A O   
382 C CB  . LEU A 51  ? 0.1928 0.3032 0.1559 0.0682  0.0329  0.0669  48  LEU A CB  
383 C CG  . LEU A 51  ? 0.3294 0.4468 0.2860 0.0770  0.0305  0.0701  48  LEU A CG  
384 C CD1 . LEU A 51  ? 0.3367 0.4697 0.2848 0.0855  0.0298  0.0632  48  LEU A CD1 
385 C CD2 . LEU A 51  ? 0.3398 0.4535 0.3004 0.0744  0.0257  0.0638  48  LEU A CD2 
386 N N   . LYS A 52  ? 0.1444 0.2297 0.1188 0.0506  0.0358  0.0600  49  LYS A N   
387 C CA  . LYS A 52  ? 0.1261 0.2028 0.1014 0.0437  0.0360  0.0501  49  LYS A CA  
388 C C   . LYS A 52  ? 0.1541 0.2111 0.1341 0.0393  0.0352  0.0518  49  LYS A C   
389 O O   . LYS A 52  ? 0.1527 0.2012 0.1322 0.0355  0.0348  0.0437  49  LYS A O   
390 C CB  . LYS A 52  ? 0.1483 0.2268 0.1217 0.0420  0.0381  0.0489  49  LYS A CB  
391 C CG  . LYS A 52  ? 0.1673 0.2355 0.1398 0.0353  0.0380  0.0385  49  LYS A CG  
392 C CD  . LYS A 52  ? 0.2432 0.3201 0.2141 0.0347  0.0377  0.0269  49  LYS A CD  
393 C CE  . LYS A 52  ? 0.3366 0.4038 0.3053 0.0284  0.0388  0.0166  49  LYS A CE  
394 N NZ  . LYS A 52  ? 0.3544 0.4233 0.3202 0.0272  0.0387  0.0163  49  LYS A NZ  
395 N N   . GLN A 53  ? 0.1493 0.1985 0.1341 0.0406  0.0350  0.0622  50  GLN A N   
396 C CA  . GLN A 53  ? 0.1375 0.1684 0.1280 0.0386  0.0330  0.0641  50  GLN A CA  
397 C C   . GLN A 53  ? 0.1341 0.1635 0.1245 0.0388  0.0303  0.0616  50  GLN A C   
398 O O   . GLN A 53  ? 0.1759 0.1915 0.1660 0.0359  0.0294  0.0562  50  GLN A O   
399 C CB  . GLN A 53  ? 0.1946 0.2208 0.1936 0.0415  0.0329  0.0760  50  GLN A CB  
400 C CG  . GLN A 53  ? 0.2850 0.2935 0.2918 0.0412  0.0294  0.0781  50  GLN A CG  
401 C CD  . GLN A 53  ? 0.4626 0.4677 0.4813 0.0444  0.0292  0.0891  50  GLN A CD  
402 O OE1 . GLN A 53  ? 0.5529 0.5697 0.5730 0.0473  0.0318  0.0974  50  GLN A OE1 
403 N NE2 . GLN A 53  ? 0.5366 0.5249 0.5645 0.0446  0.0265  0.0888  50  GLN A NE2 
404 N N   . GLN A 54  ? 0.1394 0.1824 0.1287 0.0426  0.0291  0.0648  51  GLN A N   
405 C CA  . GLN A 54  ? 0.1174 0.1602 0.1076 0.0431  0.0258  0.0625  51  GLN A CA  
406 C C   . GLN A 54  ? 0.1489 0.1947 0.1354 0.0400  0.0271  0.0492  51  GLN A C   
407 O O   . GLN A 54  ? 0.1592 0.1975 0.1471 0.0377  0.0259  0.0445  51  GLN A O   
408 C CB  . GLN A 54  ? 0.1248 0.1802 0.1138 0.0489  0.0236  0.0692  51  GLN A CB  
409 C CG  . GLN A 54  ? 0.1341 0.1925 0.1231 0.0495  0.0194  0.0644  51  GLN A CG  
410 C CD  . GLN A 54  ? 0.1800 0.2237 0.1749 0.0469  0.0163  0.0667  51  GLN A CD  
411 O OE1 . GLN A 54  ? 0.1903 0.2332 0.1856 0.0455  0.0139  0.0602  51  GLN A OE1 
412 N NE2 . GLN A 54  ? 0.1390 0.1714 0.1394 0.0469  0.0161  0.0751  51  GLN A NE2 
413 N N   . GLU A 55  ? 0.1452 0.2018 0.1281 0.0400  0.0296  0.0429  52  GLU A N   
414 C CA  . GLU A 55  ? 0.1552 0.2150 0.1374 0.0368  0.0315  0.0295  52  GLU A CA  
415 C C   . GLU A 55  ? 0.1574 0.1985 0.1389 0.0309  0.0343  0.0249  52  GLU A C   
416 O O   . GLU A 55  ? 0.1557 0.1913 0.1377 0.0277  0.0362  0.0165  52  GLU A O   
417 C CB  . GLU A 55  ? 0.2099 0.2859 0.1896 0.0392  0.0328  0.0237  52  GLU A CB  
418 C CG  . GLU A 55  ? 0.2230 0.3166 0.2014 0.0470  0.0298  0.0247  52  GLU A CG  
419 C CD  . GLU A 55  ? 0.3917 0.5013 0.3671 0.0518  0.0302  0.0208  52  GLU A CD  
420 O OE1 . GLU A 55  ? 0.4400 0.5484 0.4150 0.0482  0.0325  0.0179  52  GLU A OE1 
421 O OE2 . GLU A 55  ? 0.3858 0.5088 0.3581 0.0599  0.0276  0.0205  52  GLU A OE2 
422 N N   . ASN A 56  ? 0.1684 0.1983 0.1483 0.0297  0.0348  0.0299  53  ASN A N   
423 C CA  . ASN A 56  ? 0.1963 0.2049 0.1730 0.0258  0.0366  0.0260  53  ASN A CA  
424 C C   . ASN A 56  ? 0.1553 0.1494 0.1338 0.0263  0.0348  0.0286  53  ASN A C   
425 O O   . ASN A 56  ? 0.2007 0.1805 0.1756 0.0238  0.0374  0.0220  53  ASN A O   
426 C CB  . ASN A 56  ? 0.1814 0.1809 0.1568 0.0257  0.0361  0.0301  53  ASN A CB  
427 C CG  . ASN A 56  ? 0.2081 0.2185 0.1802 0.0242  0.0379  0.0256  53  ASN A CG  
428 O OD1 . ASN A 56  ? 0.2443 0.2659 0.2147 0.0228  0.0398  0.0177  53  ASN A OD1 
429 N ND2 . ASN A 56  ? 0.1984 0.2063 0.1711 0.0249  0.0370  0.0302  53  ASN A ND2 
430 N N   . VAL A 57  ? 0.1544 0.1515 0.1383 0.0301  0.0306  0.0384  54  VAL A N   
431 C CA  . VAL A 57  ? 0.1667 0.1525 0.1534 0.0315  0.0275  0.0414  54  VAL A CA  
432 C C   . VAL A 57  ? 0.1893 0.1797 0.1752 0.0296  0.0289  0.0336  54  VAL A C   
433 O O   . VAL A 57  ? 0.1734 0.1493 0.1572 0.0283  0.0301  0.0296  54  VAL A O   
434 C CB  . VAL A 57  ? 0.1672 0.1584 0.1611 0.0359  0.0224  0.0531  54  VAL A CB  
435 C CG1 . VAL A 57  ? 0.1948 0.1774 0.1923 0.0377  0.0180  0.0556  54  VAL A CG1 
436 C CG2 . VAL A 57  ? 0.2161 0.1999 0.2137 0.0376  0.0219  0.0598  54  VAL A CG2 
437 N N   . LEU A 58  ? 0.1362 0.1463 0.1236 0.0301  0.0288  0.0307  55  LEU A N   
438 C CA  . LEU A 58  ? 0.1291 0.1454 0.1181 0.0284  0.0301  0.0211  55  LEU A CA  
439 C C   . LEU A 58  ? 0.1385 0.1451 0.1247 0.0235  0.0370  0.0100  55  LEU A C   
440 O O   . LEU A 58  ? 0.1540 0.1518 0.1409 0.0211  0.0396  0.0044  55  LEU A O   
441 C CB  . LEU A 58  ? 0.1373 0.1760 0.1280 0.0314  0.0285  0.0178  55  LEU A CB  
442 C CG  . LEU A 58  ? 0.1149 0.1624 0.1096 0.0302  0.0297  0.0051  55  LEU A CG  
443 C CD1 . LEU A 58  ? 0.1336 0.1753 0.1312 0.0298  0.0267  0.0055  55  LEU A CD1 
444 C CD2 . LEU A 58  ? 0.1251 0.1931 0.1202 0.0354  0.0268  0.0022  55  LEU A CD2 
445 N N   . GLY A 59  ? 0.1480 0.1560 0.1309 0.0219  0.0401  0.0071  56  GLY A N   
446 C CA  . GLY A 59  ? 0.1495 0.1482 0.1295 0.0173  0.0468  -0.0032 56  GLY A CA  
447 C C   . GLY A 59  ? 0.1970 0.1698 0.1711 0.0158  0.0495  -0.0024 56  GLY A C   
448 O O   . GLY A 59  ? 0.1942 0.1577 0.1671 0.0127  0.0554  -0.0104 56  GLY A O   
449 N N   . GLU A 60  ? 0.1962 0.1150 0.1113 0.0423  0.0234  0.0239  57  GLU A N   
450 C CA  . GLU A 60  ? 0.1855 0.1285 0.1121 0.0463  0.0228  0.0284  57  GLU A CA  
451 C C   . GLU A 60  ? 0.1732 0.1236 0.1074 0.0384  0.0121  0.0197  57  GLU A C   
452 O O   . GLU A 60  ? 0.2167 0.1733 0.1542 0.0394  0.0130  0.0196  57  GLU A O   
453 C CB  . GLU A 60  ? 0.2441 0.2122 0.1797 0.0504  0.0232  0.0375  57  GLU A CB  
454 C CG  . GLU A 60  ? 0.2700 0.2634 0.2159 0.0520  0.0207  0.0431  57  GLU A CG  
455 C CD  . GLU A 60  ? 0.4231 0.4140 0.3668 0.0610  0.0304  0.0502  57  GLU A CD  
456 O OE1 . GLU A 60  ? 0.4137 0.3809 0.3466 0.0651  0.0390  0.0491  57  GLU A OE1 
457 O OE2 . GLU A 60  ? 0.3386 0.3497 0.2894 0.0629  0.0291  0.0572  57  GLU A OE2 
458 N N   . SER A 61  ? 0.1707 0.1185 0.1069 0.0305  0.0027  0.0124  58  SER A N   
459 C CA  . SER A 61  ? 0.1862 0.1378 0.1298 0.0240  -0.0057 0.0043  58  SER A CA  
460 C C   . SER A 61  ? 0.1886 0.1264 0.1310 0.0234  -0.0032 0.0003  58  SER A C   
461 O O   . SER A 61  ? 0.1971 0.1420 0.1461 0.0221  -0.0041 -0.0027 58  SER A O   
462 C CB  . SER A 61  ? 0.1889 0.1362 0.1342 0.0165  -0.0156 -0.0024 58  SER A CB  
463 O OG  A SER A 61  ? 0.2122 0.1378 0.1513 0.0132  -0.0172 -0.0060 58  SER A OG  
464 O OG  B SER A 61  ? 0.2302 0.1903 0.1754 0.0158  -0.0179 0.0008  58  SER A OG  
465 N N   . ARG A 62  ? 0.1903 0.1074 0.1226 0.0233  0.0004  0.0004  59  ARG A N   
466 C CA  . ARG A 62  ? 0.1814 0.0849 0.1107 0.0211  0.0023  -0.0028 59  ARG A CA  
467 C C   . ARG A 62  ? 0.2141 0.1219 0.1412 0.0275  0.0113  0.0016  59  ARG A C   
468 O O   . ARG A 62  ? 0.2217 0.1271 0.1510 0.0254  0.0119  -0.0017 59  ARG A O   
469 C CB  . ARG A 62  ? 0.2111 0.0885 0.1255 0.0176  0.0041  -0.0027 59  ARG A CB  
470 C CG  . ARG A 62  ? 0.2080 0.0776 0.1236 0.0090  -0.0066 -0.0075 59  ARG A CG  
471 C CD  . ARG A 62  ? 0.2874 0.1285 0.1845 0.0035  -0.0044 -0.0068 59  ARG A CD  
472 N NE  . ARG A 62  ? 0.4098 0.2390 0.3030 -0.0050 -0.0138 -0.0095 59  ARG A NE  
473 C CZ  . ARG A 62  ? 0.4750 0.3055 0.3787 -0.0130 -0.0261 -0.0138 59  ARG A CZ  
474 N NH1 . ARG A 62  ? 0.4679 0.3123 0.3888 -0.0130 -0.0295 -0.0163 59  ARG A NH1 
475 N NH2 . ARG A 62  ? 0.3844 0.2020 0.2820 -0.0209 -0.0346 -0.0151 59  ARG A NH2 
476 N N   . MET A 63  ? 0.1995 0.1140 0.1225 0.0354  0.0187  0.0098  60  MET A N   
477 C CA  . MET A 63  ? 0.2050 0.1221 0.1245 0.0422  0.0274  0.0154  60  MET A CA  
478 C C   . MET A 63  ? 0.2572 0.1938 0.1876 0.0407  0.0234  0.0138  60  MET A C   
479 O O   . MET A 63  ? 0.2392 0.1764 0.1667 0.0439  0.0288  0.0165  60  MET A O   
480 C CB  . MET A 63  ? 0.2580 0.1790 0.1731 0.0521  0.0362  0.0263  60  MET A CB  
481 C CG  . MET A 63  ? 0.2739 0.1692 0.1732 0.0549  0.0450  0.0286  60  MET A CG  
482 S SD  . MET A 63  ? 0.3058 0.1718 0.1875 0.0526  0.0518  0.0251  60  MET A SD  
483 C CE  . MET A 63  ? 0.2623 0.1424 0.1480 0.0607  0.0577  0.0309  60  MET A CE  
484 N N   . MET A 64  ? 0.2104 0.1600 0.1509 0.0350  0.0144  0.0092  61  MET A N   
485 C CA  . MET A 64  ? 0.1871 0.1509 0.1344 0.0318  0.0114  0.0068  61  MET A CA  
486 C C   . MET A 64  ? 0.2053 0.1596 0.1550 0.0273  0.0117  -0.0011 61  MET A C   
487 O O   . MET A 64  ? 0.2161 0.1764 0.1675 0.0259  0.0135  -0.0026 61  MET A O   
488 C CB  . MET A 64  ? 0.1852 0.1614 0.1391 0.0262  0.0030  0.0039  61  MET A CB  
489 C CG  . MET A 64  ? 0.2359 0.2244 0.1889 0.0289  0.0020  0.0121  61  MET A CG  
490 S SD  . MET A 64  ? 0.2734 0.2781 0.2250 0.0356  0.0079  0.0250  61  MET A SD  
491 C CE  . MET A 64  ? 0.4111 0.4226 0.3634 0.0424  0.0107  0.0353  61  MET A CE  
492 N N   . ILE A 65  ? 0.1875 0.1272 0.1373 0.0245  0.0099  -0.0058 62  ILE A N   
493 C CA  . ILE A 65  ? 0.2034 0.1378 0.1602 0.0191  0.0083  -0.0132 62  ILE A CA  
494 C C   . ILE A 65  ? 0.2222 0.1497 0.1734 0.0202  0.0158  -0.0128 62  ILE A C   
495 O O   . ILE A 65  ? 0.1912 0.1242 0.1487 0.0178  0.0171  -0.0168 62  ILE A O   
496 C CB  . ILE A 65  ? 0.2113 0.1351 0.1723 0.0141  0.0017  -0.0171 62  ILE A CB  
497 C CG1 . ILE A 65  ? 0.2932 0.2255 0.2627 0.0118  -0.0063 -0.0198 62  ILE A CG1 
498 C CG2 . ILE A 65  ? 0.3032 0.2225 0.2729 0.0092  0.0010  -0.0221 62  ILE A CG2 
499 C CD1 . ILE A 65  ? 0.4425 0.3647 0.4147 0.0071  -0.0139 -0.0222 62  ILE A CD1 
500 N N   . PRO A 66  ? 0.2108 0.1246 0.1483 0.0236  0.0216  -0.0083 63  PRO A N   
501 C CA  . PRO A 66  ? 0.1925 0.0984 0.1227 0.0239  0.0287  -0.0083 63  PRO A CA  
502 C C   . PRO A 66  ? 0.2053 0.1235 0.1359 0.0273  0.0327  -0.0060 63  PRO A C   
503 O O   . PRO A 66  ? 0.2305 0.1477 0.1620 0.0242  0.0355  -0.0098 63  PRO A O   
504 C CB  . PRO A 66  ? 0.2380 0.1254 0.1499 0.0281  0.0355  -0.0025 63  PRO A CB  
505 C CG  . PRO A 66  ? 0.2679 0.1487 0.1796 0.0256  0.0302  -0.0030 63  PRO A CG  
506 C CD  . PRO A 66  ? 0.2387 0.1398 0.1651 0.0261  0.0231  -0.0039 63  PRO A CD  
507 N N   . ASP A 67  ? 0.1973 0.1271 0.1269 0.0326  0.0327  0.0007  64  ASP A N   
508 C CA  . ASP A 67  ? 0.2267 0.1687 0.1556 0.0341  0.0347  0.0044  64  ASP A CA  
509 C C   . ASP A 67  ? 0.1935 0.1436 0.1315 0.0265  0.0306  -0.0033 64  ASP A C   
510 O O   . ASP A 67  ? 0.2243 0.1751 0.1594 0.0241  0.0340  -0.0049 64  ASP A O   
511 C CB  . ASP A 67  ? 0.2411 0.1975 0.1705 0.0395  0.0330  0.0140  64  ASP A CB  
512 C CG  . ASP A 67  ? 0.4092 0.3748 0.3339 0.0428  0.0362  0.0222  64  ASP A CG  
513 O OD1 . ASP A 67  ? 0.4246 0.3805 0.3414 0.0438  0.0420  0.0218  64  ASP A OD1 
514 O OD2 . ASP A 67  ? 0.5233 0.5063 0.4518 0.0438  0.0324  0.0297  64  ASP A OD2 
515 N N   . CYS A 68  ? 0.1708 0.1250 0.1185 0.0226  0.0242  -0.0082 65  CYS A N   
516 C CA  . CYS A 68  ? 0.1662 0.1248 0.1223 0.0161  0.0220  -0.0158 65  CYS A CA  
517 C C   . CYS A 68  ? 0.1692 0.1184 0.1299 0.0130  0.0262  -0.0225 65  CYS A C   
518 O O   . CYS A 68  ? 0.1715 0.1218 0.1337 0.0093  0.0299  -0.0267 65  CYS A O   
519 C CB  . CYS A 68  ? 0.1635 0.1261 0.1285 0.0136  0.0147  -0.0191 65  CYS A CB  
520 S SG  . CYS A 68  ? 0.1809 0.1467 0.1535 0.0067  0.0141  -0.0272 65  CYS A SG  
521 N N   . HIS A 69  ? 0.1733 0.1127 0.1355 0.0136  0.0259  -0.0234 66  HIS A N   
522 C CA  . HIS A 69  ? 0.1748 0.1067 0.1413 0.0098  0.0295  -0.0282 66  HIS A CA  
523 C C   . HIS A 69  ? 0.2093 0.1376 0.1648 0.0104  0.0375  -0.0271 66  HIS A C   
524 O O   . HIS A 69  ? 0.2044 0.1324 0.1649 0.0063  0.0417  -0.0324 66  HIS A O   
525 C CB  . HIS A 69  ? 0.2428 0.1627 0.2067 0.0088  0.0276  -0.0271 66  HIS A CB  
526 C CG  . HIS A 69  ? 0.2723 0.1935 0.2491 0.0056  0.0193  -0.0293 66  HIS A CG  
527 N ND1 . HIS A 69  ? 0.3468 0.2568 0.3171 0.0041  0.0153  -0.0267 66  HIS A ND1 
528 C CD2 . HIS A 69  ? 0.3001 0.2300 0.2940 0.0033  0.0144  -0.0336 66  HIS A CD2 
529 C CE1 . HIS A 69  ? 0.3534 0.2668 0.3375 0.0005  0.0070  -0.0290 66  HIS A CE1 
530 N NE2 . HIS A 69  ? 0.2966 0.2224 0.2957 0.0008  0.0065  -0.0330 66  HIS A NE2 
531 N N   . LYS A 70  ? 0.2134 0.1389 0.1543 0.0158  0.0402  -0.0200 67  LYS A N   
532 C CA  . LYS A 70  ? 0.2231 0.1439 0.1518 0.0169  0.0473  -0.0178 67  LYS A CA  
533 C C   . LYS A 70  ? 0.2036 0.1332 0.1346 0.0130  0.0482  -0.0206 67  LYS A C   
534 O O   . LYS A 70  ? 0.2057 0.1305 0.1339 0.0091  0.0537  -0.0247 67  LYS A O   
535 C CB  . LYS A 70  ? 0.2351 0.1533 0.1499 0.0248  0.0499  -0.0078 67  LYS A CB  
536 C CG  . LYS A 70  ? 0.2518 0.1654 0.1533 0.0268  0.0566  -0.0039 67  LYS A CG  
537 C CD  . LYS A 70  ? 0.3157 0.2318 0.2086 0.0363  0.0583  0.0080  67  LYS A CD  
538 C CE  . LYS A 70  ? 0.4876 0.3974 0.3663 0.0399  0.0647  0.0137  67  LYS A CE  
539 N NZ  . LYS A 70  ? 0.5900 0.5070 0.4654 0.0498  0.0658  0.0272  67  LYS A NZ  
540 N N   . ARG A 71  ? 0.1560 0.1534 0.1634 0.0054  0.0368  -0.0348 68  ARG A N   
541 C CA  . ARG A 71  ? 0.1406 0.1277 0.1393 0.0053  0.0363  -0.0245 68  ARG A CA  
542 C C   . ARG A 71  ? 0.1445 0.1361 0.1487 -0.0011 0.0368  -0.0288 68  ARG A C   
543 O O   . ARG A 71  ? 0.1452 0.1224 0.1454 -0.0036 0.0416  -0.0250 68  ARG A O   
544 C CB  . ARG A 71  ? 0.1627 0.1610 0.1568 0.0105  0.0279  -0.0157 68  ARG A CB  
545 C CG  . ARG A 71  ? 0.1869 0.1826 0.1752 0.0178  0.0269  -0.0125 68  ARG A CG  
546 C CD  . ARG A 71  ? 0.2037 0.2126 0.1932 0.0207  0.0209  -0.0084 68  ARG A CD  
547 N NE  . ARG A 71  ? 0.1799 0.2038 0.1772 0.0181  0.0194  -0.0085 68  ARG A NE  
548 C CZ  . ARG A 71  ? 0.3268 0.3555 0.3279 0.0146  0.0198  -0.0059 68  ARG A CZ  
549 N NH1 . ARG A 71  ? 0.3697 0.3934 0.3705 0.0116  0.0191  -0.0046 68  ARG A NH1 
550 N NH2 . ARG A 71  ? 0.5026 0.5394 0.5058 0.0159  0.0225  -0.0040 68  ARG A NH2 
551 N N   . LEU A 72  ? 0.1355 0.1482 0.1470 -0.0012 0.0319  -0.0367 69  LEU A N   
552 C CA  . LEU A 72  ? 0.1258 0.1471 0.1414 -0.0049 0.0313  -0.0430 69  LEU A CA  
553 C C   . LEU A 72  ? 0.1245 0.1381 0.1521 -0.0137 0.0414  -0.0564 69  LEU A C   
554 O O   . LEU A 72  ? 0.1445 0.1522 0.1731 -0.0190 0.0448  -0.0569 69  LEU A O   
555 C CB  . LEU A 72  ? 0.1265 0.1740 0.1431 0.0027  0.0246  -0.0501 69  LEU A CB  
556 C CG  . LEU A 72  ? 0.1238 0.1845 0.1416 0.0031  0.0224  -0.0580 69  LEU A CG  
557 C CD1 . LEU A 72  ? 0.1467 0.1932 0.1553 0.0001  0.0216  -0.0437 69  LEU A CD1 
558 C CD2 . LEU A 72  ? 0.1681 0.2541 0.1794 0.0178  0.0164  -0.0632 69  LEU A CD2 
559 N N   . GLU A 73  ? 0.1438 0.1575 0.1825 -0.0161 0.0478  -0.0689 70  GLU A N   
560 C CA  . GLU A 73  ? 0.1627 0.1668 0.2179 -0.0266 0.0624  -0.0851 70  GLU A CA  
561 C C   . GLU A 73  ? 0.2066 0.1732 0.2506 -0.0297 0.0758  -0.0711 70  GLU A C   
562 O O   . GLU A 73  ? 0.1889 0.1436 0.2405 -0.0380 0.0885  -0.0772 70  GLU A O   
563 C CB  . GLU A 73  ? 0.2240 0.2328 0.2942 -0.0284 0.0684  -0.1014 70  GLU A CB  
564 C CG  . GLU A 73  ? 0.3072 0.3571 0.3896 -0.0223 0.0564  -0.1200 70  GLU A CG  
565 C CD  . GLU A 73  ? 0.3945 0.4512 0.4885 -0.0207 0.0587  -0.1333 70  GLU A CD  
566 O OE1 . GLU A 73  ? 0.4261 0.4536 0.5227 -0.0273 0.0728  -0.1316 70  GLU A OE1 
567 O OE2 . GLU A 73  ? 0.4834 0.5739 0.5818 -0.0105 0.0472  -0.1448 70  GLU A OE2 
568 N N   . SER A 74  ? 0.1707 0.1205 0.1956 -0.0206 0.0737  -0.0531 71  SER A N   
569 C CA  . SER A 74  ? 0.1995 0.1163 0.2074 -0.0163 0.0853  -0.0389 71  SER A CA  
570 C C   . SER A 74  ? 0.2094 0.1280 0.2111 -0.0162 0.0807  -0.0313 71  SER A C   
571 O O   . SER A 74  ? 0.2427 0.1384 0.2391 -0.0174 0.0945  -0.0277 71  SER A O   
572 C CB  . SER A 74  ? 0.2304 0.1383 0.2188 -0.0024 0.0804  -0.0248 71  SER A CB  
573 O OG  A SER A 74  ? 0.2416 0.1161 0.2105 0.0069  0.0947  -0.0139 71  SER A OG  
574 O OG  B SER A 74  ? 0.2194 0.1166 0.2101 -0.0015 0.0890  -0.0304 71  SER A OG  
575 N N   . ALA A 75  ? 0.1639 0.1075 0.1653 -0.0143 0.0634  -0.0285 72  ALA A N   
576 C CA  . ALA A 75  ? 0.1353 0.0827 0.1316 -0.0139 0.0576  -0.0220 72  ALA A CA  
577 C C   . ALA A 75  ? 0.1960 0.1482 0.2051 -0.0242 0.0635  -0.0339 72  ALA A C   
578 O O   . ALA A 75  ? 0.2028 0.1444 0.2074 -0.0255 0.0684  -0.0297 72  ALA A O   
579 C CB  . ALA A 75  ? 0.1792 0.1481 0.1736 -0.0102 0.0418  -0.0175 72  ALA A CB  
580 N N   . LEU A 76  ? 0.1790 0.1501 0.2049 -0.0300 0.0633  -0.0512 73  LEU A N   
581 C CA  . LEU A 76  ? 0.1471 0.1297 0.1899 -0.0394 0.0691  -0.0689 73  LEU A CA  
582 C C   . LEU A 76  ? 0.2222 0.1760 0.2719 -0.0482 0.0916  -0.0728 73  LEU A C   
583 O O   . LEU A 76  ? 0.2447 0.1960 0.3007 -0.0549 0.0991  -0.0779 73  LEU A O   
584 C CB  . LEU A 76  ? 0.1632 0.1773 0.2236 -0.0402 0.0639  -0.0907 73  LEU A CB  
585 C CG  . LEU A 76  ? 0.1601 0.1962 0.2431 -0.0485 0.0688  -0.1167 73  LEU A CG  
586 C CD1 . LEU A 76  ? 0.1983 0.2494 0.2721 -0.0443 0.0578  -0.1126 73  LEU A CD1 
587 C CD2 . LEU A 76  ? 0.1978 0.2681 0.2988 -0.0457 0.0638  -0.1417 73  LEU A CD2 
588 N N   . ALA A 77  ? 0.1969 0.1265 0.2443 -0.0473 0.1046  -0.0699 74  ALA A N   
589 C CA  . ALA A 77  ? 0.2523 0.1450 0.3015 -0.0531 0.1317  -0.0704 74  ALA A CA  
590 C C   . ALA A 77  ? 0.3020 0.1679 0.3263 -0.0442 0.1370  -0.0485 74  ALA A C   
591 O O   . ALA A 77  ? 0.3388 0.1828 0.3657 -0.0497 0.1572  -0.0497 74  ALA A O   
592 C CB  . ALA A 77  ? 0.3282 0.1978 0.3751 -0.0506 0.1451  -0.0699 74  ALA A CB  
593 N N   . ASP A 78  ? 0.2842 0.1539 0.2858 -0.0296 0.1199  -0.0304 75  ASP A N   
594 C CA  . ASP A 78  ? 0.2588 0.1120 0.2367 -0.0172 0.1203  -0.0122 75  ASP A CA  
595 C C   . ASP A 78  ? 0.2714 0.1388 0.2575 -0.0248 0.1156  -0.0162 75  ASP A C   
596 O O   . ASP A 78  ? 0.3047 0.1511 0.2827 -0.0228 0.1297  -0.0102 75  ASP A O   
597 C CB  . ASP A 78  ? 0.2939 0.1611 0.2556 -0.0025 0.0997  -0.0003 75  ASP A CB  
598 C CG  . ASP A 78  ? 0.3896 0.2363 0.3234 0.0174  0.1040  0.0160  75  ASP A CG  
599 O OD1 . ASP A 78  ? 0.4134 0.2275 0.3348 0.0228  0.1258  0.0220  75  ASP A OD1 
600 O OD2 . ASP A 78  ? 0.3549 0.2189 0.2795 0.0291  0.0868  0.0213  75  ASP A OD2 
601 N N   . LEU A 79  ? 0.2522 0.1539 0.2520 -0.0314 0.0971  -0.0259 76  LEU A N   
602 C CA  . LEU A 79  ? 0.1708 0.0893 0.1773 -0.0372 0.0908  -0.0310 76  LEU A CA  
603 C C   . LEU A 79  ? 0.2258 0.1379 0.2508 -0.0505 0.1102  -0.0469 76  LEU A C   
604 O O   . LEU A 79  ? 0.2436 0.1480 0.2662 -0.0525 0.1169  -0.0443 76  LEU A O   
605 C CB  . LEU A 79  ? 0.1916 0.1451 0.2058 -0.0382 0.0706  -0.0389 76  LEU A CB  
606 C CG  . LEU A 79  ? 0.2023 0.1759 0.2205 -0.0411 0.0622  -0.0449 76  LEU A CG  
607 C CD1 . LEU A 79  ? 0.2031 0.1640 0.2052 -0.0349 0.0590  -0.0284 76  LEU A CD1 
608 C CD2 . LEU A 79  ? 0.1736 0.1753 0.1919 -0.0361 0.0457  -0.0491 76  LEU A CD2 
609 N N   . LYS A 80  ? 0.2437 0.1615 0.2899 -0.0603 0.1196  -0.0658 77  LYS A N   
610 C CA  . LYS A 80  ? 0.2450 0.1620 0.3169 -0.0757 0.1399  -0.0876 77  LYS A CA  
611 C C   . LYS A 80  ? 0.2879 0.1588 0.3509 -0.0766 0.1688  -0.0764 77  LYS A C   
612 O O   . LYS A 80  ? 0.3301 0.1955 0.4048 -0.0861 0.1843  -0.0847 77  LYS A O   
613 C CB  . LYS A 80  ? 0.2695 0.2026 0.3683 -0.0847 0.1452  -0.1128 77  LYS A CB  
614 C CG  . LYS A 80  ? 0.2748 0.2586 0.3871 -0.0834 0.1221  -0.1319 77  LYS A CG  
615 C CD  . LYS A 80  ? 0.3312 0.3316 0.4691 -0.0892 0.1275  -0.1574 77  LYS A CD  
616 C CE  . LYS A 80  ? 0.4796 0.5344 0.6349 -0.0860 0.1096  -0.1843 77  LYS A CE  
617 N NZ  . LYS A 80  ? 0.5620 0.6353 0.7391 -0.0875 0.1117  -0.2077 77  LYS A NZ  
618 N N   . SER A 81  ? 0.3560 0.1935 0.3961 -0.0647 0.1773  -0.0572 78  SER A N   
619 C CA  . SER A 81  ? 0.3694 0.1574 0.3913 -0.0583 0.2069  -0.0421 78  SER A CA  
620 C C   . SER A 81  ? 0.3658 0.1493 0.3691 -0.0495 0.2035  -0.0269 78  SER A C   
621 O O   . SER A 81  ? 0.4381 0.1951 0.4417 -0.0532 0.2291  -0.0257 78  SER A O   
622 C CB  . SER A 81  ? 0.4697 0.2297 0.4629 -0.0396 0.2101  -0.0228 78  SER A CB  
623 O OG  . SER A 81  ? 0.6776 0.3917 0.6412 -0.0239 0.2344  -0.0026 78  SER A OG  
624 N N   . THR A 82  ? 0.2580 0.1886 0.3105 -0.1077 0.1375  -0.0469 79  THR A N   
625 C CA  . THR A 82  ? 0.2439 0.1900 0.2805 -0.0838 0.1380  -0.0424 79  THR A CA  
626 C C   . THR A 82  ? 0.2399 0.2331 0.2753 -0.0820 0.1396  -0.0390 79  THR A C   
627 O O   . THR A 82  ? 0.2538 0.2740 0.2833 -0.0729 0.1412  -0.0275 79  THR A O   
628 C CB  . THR A 82  ? 0.2616 0.1847 0.2919 -0.0591 0.1293  -0.0544 79  THR A CB  
629 O OG1 . THR A 82  ? 0.3729 0.2379 0.4019 -0.0636 0.1280  -0.0625 79  THR A OG1 
630 C CG2 . THR A 82  ? 0.3063 0.2509 0.3332 -0.0270 0.1232  -0.0501 79  THR A CG2 
631 N N   . LEU A 83  ? 0.2300 0.2298 0.2689 -0.0890 0.1386  -0.0509 80  LEU A N   
632 C CA  . LEU A 83  ? 0.2397 0.2710 0.2735 -0.0921 0.1402  -0.0547 80  LEU A CA  
633 C C   . LEU A 83  ? 0.2856 0.3275 0.3335 -0.1024 0.1502  -0.0409 80  LEU A C   
634 O O   . LEU A 83  ? 0.3142 0.3796 0.3535 -0.0995 0.1516  -0.0342 80  LEU A O   
635 C CB  . LEU A 83  ? 0.2300 0.2562 0.2659 -0.0967 0.1401  -0.0745 80  LEU A CB  
636 C CG  . LEU A 83  ? 0.2492 0.2813 0.2751 -0.0854 0.1306  -0.0886 80  LEU A CG  
637 C CD1 . LEU A 83  ? 0.2994 0.3202 0.3292 -0.0879 0.1347  -0.1073 80  LEU A CD1 
638 C CD2 . LEU A 83  ? 0.2364 0.3072 0.2488 -0.0811 0.1191  -0.0923 80  LEU A CD2 
639 N N   . ALA A 84  ? 0.2874 0.3165 0.3634 -0.1133 0.1545  -0.0360 81  ALA A N   
640 C CA  . ALA A 84  ? 0.2558 0.3010 0.3631 -0.1198 0.1626  -0.0209 81  ALA A CA  
641 C C   . ALA A 84  ? 0.2534 0.3123 0.3521 -0.1140 0.1679  0.0004  81  ALA A C   
642 O O   . ALA A 84  ? 0.2856 0.3654 0.3985 -0.1117 0.1764  0.0148  81  ALA A O   
643 C CB  . ALA A 84  ? 0.2787 0.3199 0.4286 -0.1314 0.1584  -0.0193 81  ALA A CB  
644 N N   . GLU A 85  ? 0.3052 0.3487 0.3829 -0.1071 0.1636  0.0016  82  GLU A N   
645 C CA  . GLU A 85  ? 0.2920 0.3457 0.3602 -0.0931 0.1684  0.0188  82  GLU A CA  
646 C C   . GLU A 85  ? 0.2916 0.3763 0.3386 -0.0741 0.1654  0.0231  82  GLU A C   
647 O O   . GLU A 85  ? 0.3440 0.4531 0.3928 -0.0636 0.1721  0.0422  82  GLU A O   
648 C CB  . GLU A 85  ? 0.3716 0.3900 0.4233 -0.0837 0.1633  0.0114  82  GLU A CB  
649 C CG  . GLU A 85  ? 0.3373 0.3577 0.3824 -0.0655 0.1699  0.0254  82  GLU A CG  
650 C CD  . GLU A 85  ? 0.3732 0.3432 0.4022 -0.0534 0.1654  0.0104  82  GLU A CD  
651 O OE1 . GLU A 85  ? 0.4604 0.3953 0.4848 -0.0608 0.1569  -0.0084 82  GLU A OE1 
652 O OE2 . GLU A 85  ? 0.4585 0.4197 0.4799 -0.0338 0.1712  0.0161  82  GLU A OE2 
653 N N   . LEU A 86  ? 0.2627 0.3507 0.2926 -0.0699 0.1533  0.0053  83  LEU A N   
654 C CA  . LEU A 86  ? 0.2497 0.3749 0.2626 -0.0565 0.1422  0.0047  83  LEU A CA  
655 C C   . LEU A 86  ? 0.2898 0.4297 0.3032 -0.0721 0.1480  0.0056  83  LEU A C   
656 O O   . LEU A 86  ? 0.3162 0.4868 0.3179 -0.0642 0.1420  0.0133  83  LEU A O   
657 C CB  . LEU A 86  ? 0.2470 0.3782 0.2511 -0.0497 0.1239  -0.0165 83  LEU A CB  
658 C CG  . LEU A 86  ? 0.2172 0.3376 0.2265 -0.0223 0.1144  -0.0177 83  LEU A CG  
659 C CD1 . LEU A 86  ? 0.2589 0.3775 0.2748 -0.0187 0.1007  -0.0377 83  LEU A CD1 
660 C CD2 . LEU A 86  ? 0.2831 0.4419 0.2924 0.0110  0.1018  -0.0059 83  LEU A CD2 
661 N N   . GLU A 87  ? 0.2946 0.4104 0.3244 -0.0906 0.1579  -0.0042 84  GLU A N   
662 C CA  . GLU A 87  ? 0.3965 0.5116 0.4340 -0.1005 0.1654  -0.0080 84  GLU A CA  
663 C C   . GLU A 87  ? 0.5474 0.6755 0.6085 -0.0942 0.1789  0.0212  84  GLU A C   
664 O O   . GLU A 87  ? 0.5619 0.6937 0.6272 -0.0951 0.1846  0.0245  84  GLU A O   
665 C CB  . GLU A 87  ? 0.4666 0.5526 0.5279 -0.1107 0.1715  -0.0269 84  GLU A CB  
666 N N   . GLU A 88  ? 0.5521 0.6838 0.6296 -0.0876 0.1844  0.0409  85  GLU A N   
667 C CA  . GLU A 88  ? 0.5710 0.7205 0.6746 -0.0794 0.1981  0.0710  85  GLU A CA  
668 C C   . GLU A 88  ? 0.5653 0.7433 0.6408 -0.0608 0.1953  0.0854  85  GLU A C   
669 O O   . GLU A 88  ? 0.6731 0.8672 0.7666 -0.0530 0.2071  0.1082  85  GLU A O   
670 C CB  . GLU A 88  ? 0.5379 0.6824 0.6580 -0.0788 0.2020  0.0828  85  GLU A CB  
671 N N   . THR A 89  ? 0.4749 0.6640 0.5135 -0.0503 0.1770  0.0729  86  THR A N   
672 C CA  . THR A 89  ? 0.5370 0.7649 0.5534 -0.0289 0.1652  0.0839  86  THR A CA  
673 C C   . THR A 89  ? 0.5773 0.8142 0.5767 -0.0443 0.1547  0.0694  86  THR A C   
674 O O   . THR A 89  ? 0.6327 0.8386 0.6367 -0.0681 0.1598  0.0488  86  THR A O   
675 C CB  . THR A 89  ? 0.5212 0.7671 0.5196 -0.0047 0.1436  0.0750  86  THR A CB  
676 O OG1 . THR A 89  ? 0.5254 0.7731 0.5110 -0.0185 0.1235  0.0461  86  THR A OG1 
677 C CG2 . THR A 89  ? 0.5190 0.7335 0.5280 0.0046  0.1529  0.0762  86  THR A CG2 
678 N N   . GLU A 91  ? 0.5953 0.7305 0.5986 0.0268  0.0569  -0.0697 88  GLU A N   
679 C CA  . GLU A 91  ? 0.6538 0.7893 0.6613 0.0211  0.0568  -0.0674 88  GLU A CA  
680 C C   . GLU A 91  ? 0.5508 0.7048 0.5557 0.0207  0.0442  -0.0681 88  GLU A C   
681 O O   . GLU A 91  ? 0.5952 0.7604 0.6022 0.0111  0.0481  -0.0724 88  GLU A O   
682 N N   . LYS A 92  ? 0.4917 0.6477 0.4910 0.0313  0.0312  -0.0631 89  LYS A N   
683 C CA  . LYS A 92  ? 0.4265 0.5988 0.4214 0.0349  0.0223  -0.0613 89  LYS A CA  
684 C C   . LYS A 92  ? 0.3524 0.5200 0.3504 0.0338  0.0189  -0.0584 89  LYS A C   
685 O O   . LYS A 92  ? 0.3968 0.5449 0.3971 0.0361  0.0164  -0.0537 89  LYS A O   
686 C CB  . LYS A 92  ? 0.4037 0.5699 0.3896 0.0475  0.0131  -0.0544 89  LYS A CB  
687 N N   . GLU A 93  ? 0.2785 0.4667 0.2766 0.0304  0.0189  -0.0611 90  GLU A N   
688 C CA  . GLU A 93  ? 0.2222 0.4057 0.2233 0.0296  0.0161  -0.0592 90  GLU A CA  
689 C C   . GLU A 93  ? 0.3001 0.4747 0.2939 0.0427  0.0071  -0.0522 90  GLU A C   
690 O O   . GLU A 93  ? 0.2638 0.4521 0.2499 0.0513  0.0052  -0.0492 90  GLU A O   
691 C CB  . GLU A 93  ? 0.2605 0.4711 0.2644 0.0205  0.0206  -0.0651 90  GLU A CB  
692 N N   . GLY A 94  ? 0.1991 0.3506 0.1939 0.0441  0.0038  -0.0489 91  GLY A N   
693 C CA  . GLY A 94  ? 0.1439 0.2836 0.1297 0.0533  -0.0014 -0.0445 91  GLY A CA  
694 C C   . GLY A 94  ? 0.1264 0.2611 0.1162 0.0516  -0.0022 -0.0454 91  GLY A C   
695 O O   . GLY A 94  ? 0.1524 0.2969 0.1510 0.0440  0.0010  -0.0490 91  GLY A O   
696 N N   . PRO A 95  ? 0.1458 0.2639 0.1277 0.0576  -0.0049 -0.0431 92  PRO A N   
697 C CA  . PRO A 95  ? 0.1305 0.2412 0.1147 0.0576  -0.0054 -0.0444 92  PRO A CA  
698 C C   . PRO A 95  ? 0.1359 0.2399 0.1332 0.0475  -0.0058 -0.0455 92  PRO A C   
699 O O   . PRO A 95  ? 0.1470 0.2514 0.1498 0.0452  -0.0048 -0.0476 92  PRO A O   
700 C CB  . PRO A 95  ? 0.1868 0.2764 0.1581 0.0630  -0.0064 -0.0429 92  PRO A CB  
701 C CG  . PRO A 95  ? 0.2374 0.3274 0.1967 0.0684  -0.0044 -0.0401 92  PRO A CG  
702 C CD  . PRO A 95  ? 0.1776 0.2822 0.1457 0.0639  -0.0058 -0.0398 92  PRO A CD  
703 N N   . GLU A 96  ? 0.1356 0.2330 0.1373 0.0427  -0.0060 -0.0430 93  GLU A N   
704 C CA  . GLU A 96  ? 0.1198 0.2089 0.1326 0.0356  -0.0038 -0.0409 93  GLU A CA  
705 C C   . GLU A 96  ? 0.1194 0.2173 0.1406 0.0274  0.0046  -0.0437 93  GLU A C   
706 O O   . GLU A 96  ? 0.1358 0.2274 0.1638 0.0214  0.0083  -0.0438 93  GLU A O   
707 C CB  . GLU A 96  ? 0.1629 0.2459 0.1775 0.0350  -0.0043 -0.0348 93  GLU A CB  
708 C CG  . GLU A 96  ? 0.2095 0.2875 0.2135 0.0393  -0.0112 -0.0335 93  GLU A CG  
709 C CD  . GLU A 96  ? 0.2792 0.3473 0.2761 0.0411  -0.0146 -0.0368 93  GLU A CD  
710 O OE1 . GLU A 96  ? 0.2600 0.3232 0.2637 0.0392  -0.0139 -0.0376 93  GLU A OE1 
711 O OE2 . GLU A 96  ? 0.2829 0.3457 0.2660 0.0442  -0.0162 -0.0387 93  GLU A OE2 
712 N N   . ILE A 97  ? 0.1233 0.2348 0.1429 0.0256  0.0089  -0.0466 94  ILE A N   
713 C CA  . ILE A 97  ? 0.1346 0.2561 0.1594 0.0147  0.0193  -0.0517 94  ILE A CA  
714 C C   . ILE A 97  ? 0.1494 0.2858 0.1737 0.0124  0.0177  -0.0566 94  ILE A C   
715 O O   . ILE A 97  ? 0.1351 0.2722 0.1645 0.0017  0.0248  -0.0598 94  ILE A O   
716 C CB  . ILE A 97  ? 0.1466 0.2804 0.1687 0.0124  0.0252  -0.0551 94  ILE A CB  
717 C CG1 . ILE A 97  ? 0.1802 0.2981 0.2049 0.0132  0.0314  -0.0500 94  ILE A CG1 
718 C CG2 . ILE A 97  ? 0.1953 0.3472 0.2186 -0.0008 0.0355  -0.0637 94  ILE A CG2 
719 C CD1 . ILE A 97  ? 0.1775 0.3021 0.1985 0.0149  0.0351  -0.0525 94  ILE A CD1 
720 N N   . GLU A 98  ? 0.1223 0.2701 0.1395 0.0229  0.0101  -0.0561 95  GLU A N   
721 C CA  . GLU A 98  ? 0.1571 0.3218 0.1734 0.0247  0.0090  -0.0584 95  GLU A CA  
722 C C   . GLU A 98  ? 0.1535 0.3002 0.1753 0.0221  0.0083  -0.0582 95  GLU A C   
723 O O   . GLU A 98  ? 0.1440 0.3006 0.1704 0.0139  0.0122  -0.0620 95  GLU A O   
724 C CB  . GLU A 98  ? 0.2010 0.3731 0.2072 0.0408  0.0040  -0.0545 95  GLU A CB  
725 C CG  . GLU A 98  ? 0.2328 0.4218 0.2375 0.0470  0.0043  -0.0544 95  GLU A CG  
726 C CD  . GLU A 98  ? 0.2712 0.4575 0.2637 0.0654  0.0037  -0.0485 95  GLU A CD  
727 O OE1 . GLU A 98  ? 0.2802 0.4383 0.2658 0.0707  0.0021  -0.0465 95  GLU A OE1 
728 O OE2 . GLU A 98  ? 0.3915 0.6050 0.3799 0.0743  0.0068  -0.0455 95  GLU A OE2 
729 N N   . ASP A 99  ? 0.1419 0.2633 0.1624 0.0282  0.0036  -0.0540 96  ASP A N   
730 C CA  . ASP A 99  ? 0.1316 0.2339 0.1566 0.0274  0.0019  -0.0533 96  ASP A CA  
731 C C   . ASP A 99  ? 0.1492 0.2438 0.1841 0.0137  0.0093  -0.0533 96  ASP A C   
732 O O   . ASP A 99  ? 0.1531 0.2428 0.1926 0.0086  0.0115  -0.0551 96  ASP A O   
733 C CB  . ASP A 99  ? 0.1599 0.2411 0.1806 0.0341  -0.0036 -0.0494 96  ASP A CB  
734 C CG  . ASP A 99  ? 0.2118 0.2744 0.2345 0.0353  -0.0060 -0.0495 96  ASP A CG  
735 O OD1 . ASP A 99  ? 0.2524 0.3175 0.2770 0.0361  -0.0049 -0.0528 96  ASP A OD1 
736 O OD2 . ASP A 99  ? 0.2453 0.2926 0.2676 0.0354  -0.0091 -0.0463 96  ASP A OD2 
737 N N   . ALA A 100 ? 0.1331 0.2249 0.1703 0.0081  0.0154  -0.0507 97  ALA A N   
738 C CA  . ALA A 100 ? 0.1330 0.2141 0.1768 -0.0043 0.0279  -0.0493 97  ALA A CA  
739 C C   . ALA A 100 ? 0.1671 0.2631 0.2114 -0.0175 0.0367  -0.0574 97  ALA A C   
740 O O   . ALA A 100 ? 0.1523 0.2370 0.2005 -0.0278 0.0447  -0.0578 97  ALA A O   
741 C CB  . ALA A 100 ? 0.1259 0.2031 0.1700 -0.0053 0.0361  -0.0448 97  ALA A CB  
742 N N   . LYS A 101 ? 0.1564 0.2796 0.1960 -0.0182 0.0360  -0.0634 98  LYS A N   
743 C CA  . LYS A 101 ? 0.1210 0.2673 0.1598 -0.0326 0.0441  -0.0720 98  LYS A CA  
744 C C   . LYS A 101 ? 0.1520 0.3063 0.1926 -0.0315 0.0382  -0.0737 98  LYS A C   
745 O O   . LYS A 101 ? 0.1804 0.3394 0.2228 -0.0467 0.0467  -0.0787 98  LYS A O   
746 C CB  . LYS A 101 ? 0.1577 0.3361 0.1910 -0.0320 0.0434  -0.0769 98  LYS A CB  
747 C CG  . LYS A 101 ? 0.2479 0.4196 0.2794 -0.0390 0.0546  -0.0786 98  LYS A CG  
748 C CD  . LYS A 101 ? 0.3257 0.5286 0.3518 -0.0388 0.0536  -0.0839 98  LYS A CD  
749 C CE  . LYS A 101 ? 0.4039 0.5956 0.4278 -0.0443 0.0656  -0.0863 98  LYS A CE  
750 N NZ  . LYS A 101 ? 0.3924 0.6138 0.4110 -0.0456 0.0657  -0.0925 98  LYS A NZ  
751 N N   . LYS A 102 ? 0.1699 0.3239 0.2087 -0.0140 0.0256  -0.0697 99  LYS A N   
752 C CA  . LYS A 102 ? 0.1389 0.2966 0.1791 -0.0095 0.0212  -0.0705 99  LYS A CA  
753 C C   . LYS A 102 ? 0.1702 0.2961 0.2169 -0.0175 0.0247  -0.0692 99  LYS A C   
754 O O   . LYS A 102 ? 0.1968 0.3260 0.2465 -0.0258 0.0280  -0.0726 99  LYS A O   
755 C CB  . LYS A 102 ? 0.1891 0.3437 0.2238 0.0117  0.0112  -0.0661 99  LYS A CB  
756 N N   . THR A 103 ? 0.1223 0.2190 0.1710 -0.0150 0.0247  -0.0632 100 THR A N   
757 C CA  . THR A 103 ? 0.1085 0.1742 0.1631 -0.0199 0.0284  -0.0590 100 THR A CA  
758 C C   . THR A 103 ? 0.1935 0.2545 0.2506 -0.0398 0.0447  -0.0610 100 THR A C   
759 O O   . THR A 103 ? 0.1967 0.2420 0.2574 -0.0480 0.0497  -0.0609 100 THR A O   
760 C CB  . THR A 103 ? 0.1320 0.1759 0.1877 -0.0115 0.0248  -0.0504 100 THR A CB  
761 O OG1 . THR A 103 ? 0.1409 0.1860 0.1917 0.0035  0.0121  -0.0506 100 THR A OG1 
762 C CG2 . THR A 103 ? 0.1407 0.1555 0.2029 -0.0161 0.0299  -0.0433 100 THR A CG2 
763 N N   . VAL A 104 ? 0.1107 0.2226 0.2013 0.0079  0.0032  -0.0158 101 VAL A N   
764 C CA  . VAL A 104 ? 0.1356 0.2470 0.2178 0.0024  0.0005  -0.0373 101 VAL A CA  
765 C C   . VAL A 104 ? 0.1627 0.3051 0.2319 -0.0036 -0.0054 -0.0389 101 VAL A C   
766 O O   . VAL A 104 ? 0.2231 0.3765 0.2799 -0.0057 -0.0049 -0.0542 101 VAL A O   
767 C CB  . VAL A 104 ? 0.1269 0.2161 0.2198 -0.0013 -0.0019 -0.0437 101 VAL A CB  
768 C CG1 . VAL A 104 ? 0.1584 0.2551 0.2457 -0.0083 -0.0053 -0.0643 101 VAL A CG1 
769 C CG2 . VAL A 104 ? 0.1290 0.1824 0.2270 0.0060  0.0041  -0.0473 101 VAL A CG2 
770 N N   . ALA A 105 ? 0.1564 0.3131 0.2285 -0.0057 -0.0118 -0.0238 102 ALA A N   
771 C CA  . ALA A 105 ? 0.2048 0.3891 0.2626 -0.0091 -0.0194 -0.0247 102 ALA A CA  
772 C C   . ALA A 105 ? 0.2569 0.4565 0.2938 -0.0061 -0.0143 -0.0215 102 ALA A C   
773 O O   . ALA A 105 ? 0.3028 0.5185 0.3225 -0.0083 -0.0167 -0.0332 102 ALA A O   
774 C CB  . ALA A 105 ? 0.2228 0.4166 0.2882 -0.0103 -0.0282 -0.0087 102 ALA A CB  
775 N N   . ASP A 106 ? 0.1992 0.3931 0.2383 -0.0011 -0.0062 -0.0068 103 ASP A N   
776 C CA  . ASP A 106 ? 0.1789 0.3840 0.1996 0.0013  0.0021  -0.0039 103 ASP A CA  
777 C C   . ASP A 106 ? 0.1915 0.3924 0.2056 0.0002  0.0086  -0.0259 103 ASP A C   
778 O O   . ASP A 106 ? 0.2342 0.4496 0.2278 -0.0018 0.0112  -0.0328 103 ASP A O   
779 C CB  . ASP A 106 ? 0.2264 0.4252 0.2565 0.0070  0.0111  0.0143  103 ASP A CB  
780 C CG  . ASP A 106 ? 0.4339 0.6454 0.4439 0.0084  0.0204  0.0206  103 ASP A CG  
781 O OD1 . ASP A 106 ? 0.4754 0.7030 0.4635 0.0062  0.0152  0.0266  103 ASP A OD1 
782 O OD2 . ASP A 106 ? 0.3344 0.5387 0.3498 0.0122  0.0332  0.0185  103 ASP A OD2 
783 N N   . VAL A 107 ? 0.1467 0.3264 0.1768 0.0020  0.0111  -0.0372 104 VAL A N   
784 C CA  . VAL A 107 ? 0.1557 0.3296 0.1821 0.0013  0.0160  -0.0596 104 VAL A CA  
785 C C   . VAL A 107 ? 0.1745 0.3631 0.1892 -0.0054 0.0093  -0.0764 104 VAL A C   
786 O O   . VAL A 107 ? 0.2295 0.4291 0.2308 -0.0079 0.0130  -0.0897 104 VAL A O   
787 C CB  . VAL A 107 ? 0.1565 0.3015 0.2005 0.0059  0.0176  -0.0690 104 VAL A CB  
788 C CG1 . VAL A 107 ? 0.2113 0.3508 0.2512 0.0044  0.0195  -0.0948 104 VAL A CG1 
789 C CG2 . VAL A 107 ? 0.1776 0.3101 0.2335 0.0144  0.0249  -0.0573 104 VAL A CG2 
790 N N   . GLU A 108 ? 0.2009 0.3905 0.2219 -0.0086 0.0000  -0.0769 105 GLU A N   
791 C CA  . GLU A 108 ? 0.2051 0.4085 0.2201 -0.0141 -0.0065 -0.0951 105 GLU A CA  
792 C C   . GLU A 108 ? 0.3034 0.5352 0.2961 -0.0155 -0.0097 -0.0927 105 GLU A C   
793 O O   . GLU A 108 ? 0.3390 0.5861 0.3231 -0.0189 -0.0131 -0.1097 105 GLU A O   
794 C CB  . GLU A 108 ? 0.2255 0.4228 0.2557 -0.0169 -0.0143 -0.0975 105 GLU A CB  
795 C CG  . GLU A 108 ? 0.2876 0.4530 0.3346 -0.0158 -0.0099 -0.1035 105 GLU A CG  
796 C CD  . GLU A 108 ? 0.3849 0.5401 0.4467 -0.0197 -0.0143 -0.1076 105 GLU A CD  
797 O OE1 . GLU A 108 ? 0.3613 0.5330 0.4257 -0.0225 -0.0214 -0.1018 105 GLU A OE1 
798 O OE2 . GLU A 108 ? 0.4159 0.5443 0.4868 -0.0199 -0.0102 -0.1175 105 GLU A OE2 
799 N N   . LYS A 109 ? 0.2427 0.4807 0.2253 -0.0123 -0.0082 -0.0717 106 LYS A N   
800 C CA  . LYS A 109 ? 0.2771 0.5370 0.2326 -0.0121 -0.0101 -0.0670 106 LYS A CA  
801 C C   . LYS A 109 ? 0.2943 0.5570 0.2336 -0.0130 0.0016  -0.0753 106 LYS A C   
802 O O   . LYS A 109 ? 0.3501 0.6288 0.2635 -0.0136 0.0019  -0.0763 106 LYS A O   
803 C CB  . LYS A 109 ? 0.2597 0.5223 0.2082 -0.0081 -0.0118 -0.0415 106 LYS A CB  
804 N N   . GLN A 110 ? 0.2935 0.5393 0.2473 -0.0125 0.0112  -0.0820 107 GLN A N   
805 C CA  . GLN A 110 ? 0.2803 0.5271 0.2239 -0.0138 0.0233  -0.0927 107 GLN A CA  
806 C C   . GLN A 110 ? 0.3721 0.6254 0.3149 -0.0189 0.0207  -0.1193 107 GLN A C   
807 O O   . GLN A 110 ? 0.4651 0.7226 0.4154 -0.0210 0.0101  -0.1286 107 GLN A O   
808 C CB  . GLN A 110 ? 0.2311 0.4572 0.1932 -0.0095 0.0338  -0.0907 107 GLN A CB  
809 C CG  . GLN A 110 ? 0.2877 0.5058 0.2594 -0.0040 0.0350  -0.0662 107 GLN A CG  
810 C CD  . GLN A 110 ? 0.2757 0.5067 0.2267 -0.0034 0.0401  -0.0472 107 GLN A CD  
811 O OE1 . GLN A 110 ? 0.3630 0.5961 0.3147 -0.0008 0.0348  -0.0267 107 GLN A OE1 
812 N NE2 . GLN A 110 ? 0.3080 0.5459 0.2393 -0.0058 0.0509  -0.0541 107 GLN A NE2 
# 
loop_
_pdbx_poly_seq_scheme.asym_id 
_pdbx_poly_seq_scheme.entity_id 
_pdbx_poly_seq_scheme.seq_id 
_pdbx_poly_seq_scheme.mon_id 
_pdbx_poly_seq_scheme.ndb_seq_num 
_pdbx_poly_seq_scheme.pdb_seq_num 
_pdbx_poly_seq_scheme.auth_seq_num 
_pdbx_poly_seq_scheme.pdb_mon_id 
_pdbx_poly_seq_scheme.auth_mon_id 
_pdbx_poly_seq_scheme.pdb_strand_id 
_pdbx_poly_seq_scheme.pdb_ins_code 
_pdbx_poly_seq_scheme.hetero 
A 1 1   GLY 1   -2  ?   ?   ?   A . n 
A 1 2   SER 2   -1  ?   ?   ?   A . n 
A 1 3   HIS 3   0   0   HIS HIS A . n 
A 1 4   MET 4   1   1   MET MET A . n 
A 1 5   ALA 5   2   2   ALA ALA A . n 
A 1 6   THR 6   3   3   THR THR A . n 
A 1 7   ILE 7   4   4   ILE ILE A . n 
A 1 8   ARG 8   5   5   ARG ARG A . n 
A 1 9   ASN 9   6   6   ASN ASN A . n 
A 1 10  LEU 10  7   7   LEU LEU A . n 
A 1 11  LYS 11  8   8   LYS LYS A . n 
A 1 12  ILE 12  9   9   ILE ILE A . n 
A 1 13  LYS 13  10  10  LYS LYS A . n 
A 1 14  THR 14  11  11  THR THR A . n 
A 1 15  SER 15  12  12  SER SER A . n 
A 1 16  THR 16  13  13  THR THR A . n 
A 1 17  CYS 17  14  14  CYS CYS A . n 
A 1 18  LYS 18  15  15  LYS LYS A . n 
A 1 19  ARG 19  16  16  ARG ARG A . n 
A 1 20  ILE 20  17  17  ILE ILE A . n 
A 1 21  VAL 21  18  18  VAL VAL A . n 
A 1 22  LYS 22  19  19  LYS LYS A . n 
A 1 23  GLU 23  20  20  GLU GLU A . n 
A 1 24  LEU 24  21  21  LEU LEU A . n 
A 1 25  HIS 25  22  22  HIS HIS A . n 
A 1 26  SER 26  23  23  SER SER A . n 
A 1 27  TYR 27  24  24  TYR TYR A . n 
A 1 28  GLU 28  25  25  GLU GLU A . n 
A 1 29  LYS 29  26  26  LYS LYS A . n 
A 1 30  GLU 30  27  27  GLU GLU A . n 
A 1 31  VAL 31  28  28  VAL VAL A . n 
A 1 32  GLU 32  29  29  GLU GLU A . n 
A 1 33  ARG 33  30  30  ARG ARG A . n 
A 1 34  GLU 34  31  31  GLU GLU A . n 
A 1 35  ALA 35  32  32  ALA ALA A . n 
A 1 36  ALA 36  33  33  ALA ALA A . n 
A 1 37  LYS 37  34  34  LYS LYS A . n 
A 1 38  THR 38  35  35  THR THR A . n 
A 1 39  ALA 39  36  36  ALA ALA A . n 
A 1 40  ASP 40  37  37  ASP ASP A . n 
A 1 41  MET 41  38  38  MET MET A . n 
A 1 42  LYS 42  39  39  LYS LYS A . n 
A 1 43  ASP 43  40  40  ASP ASP A . n 
A 1 44  LYS 44  41  41  LYS LYS A . n 
A 1 45  GLY 45  42  42  GLY GLY A . n 
A 1 46  ALA 46  43  43  ALA ALA A . n 
A 1 47  ASP 47  44  44  ASP ASP A . n 
A 1 48  PRO 48  45  45  PRO PRO A . n 
A 1 49  TYR 49  46  46  TYR TYR A . n 
A 1 50  ASP 50  47  47  ASP ASP A . n 
A 1 51  LEU 51  48  48  LEU LEU A . n 
A 1 52  LYS 52  49  49  LYS LYS A . n 
A 1 53  GLN 53  50  50  GLN GLN A . n 
A 1 54  GLN 54  51  51  GLN GLN A . n 
A 1 55  GLU 55  52  52  GLU GLU A . n 
A 1 56  ASN 56  53  53  ASN ASN A . n 
A 1 57  VAL 57  54  54  VAL VAL A . n 
A 1 58  LEU 58  55  55  LEU LEU A . n 
A 1 59  GLY 59  56  56  GLY GLY A . n 
A 1 60  GLU 60  57  57  GLU GLU A . n 
A 1 61  SER 61  58  58  SER SER A . n 
A 1 62  ARG 62  59  59  ARG ARG A . n 
A 1 63  MET 63  60  60  MET MET A . n 
A 1 64  MET 64  61  61  MET MET A . n 
A 1 65  ILE 65  62  62  ILE ILE A . n 
A 1 66  PRO 66  63  63  PRO PRO A . n 
A 1 67  ASP 67  64  64  ASP ASP A . n 
A 1 68  CYS 68  65  65  CYS CYS A . n 
A 1 69  HIS 69  66  66  HIS HIS A . n 
A 1 70  LYS 70  67  67  LYS LYS A . n 
A 1 71  ARG 71  68  68  ARG ARG A . n 
A 1 72  LEU 72  69  69  LEU LEU A . n 
A 1 73  GLU 73  70  70  GLU GLU A . n 
A 1 74  SER 74  71  71  SER SER A . n 
A 1 75  ALA 75  72  72  ALA ALA A . n 
A 1 76  LEU 76  73  73  LEU LEU A . n 
A 1 77  ALA 77  74  74  ALA ALA A . n 
A 1 78  ASP 78  75  75  ASP ASP A . n 
A 1 79  LEU 79  76  76  LEU LEU A . n 
A 1 80  LYS 80  77  77  LYS LYS A . n 
A 1 81  SER 81  78  78  SER SER A . n 
A 1 82  THR 82  79  79  THR THR A . n 
A 1 83  LEU 83  80  80  LEU LEU A . n 
A 1 84  ALA 84  81  81  ALA ALA A . n 
A 1 85  GLU 85  82  82  GLU GLU A . n 
A 1 86  LEU 86  83  83  LEU LEU A . n 
A 1 87  GLU 87  84  84  GLU GLU A . n 
A 1 88  GLU 88  85  85  GLU GLU A . n 
A 1 89  THR 89  86  86  THR THR A . n 
A 1 90  ASP 90  87  ?   ?   ?   A . n 
A 1 91  GLU 91  88  88  GLU GLU A . n 
A 1 92  LYS 92  89  89  LYS LYS A . n 
A 1 93  GLU 93  90  90  GLU GLU A . n 
A 1 94  GLY 94  91  91  GLY GLY A . n 
A 1 95  PRO 95  92  92  PRO PRO A . n 
A 1 96  GLU 96  93  93  GLU GLU A . n 
A 1 97  ILE 97  94  94  ILE ILE A . n 
A 1 98  GLU 98  95  95  GLU GLU A . n 
A 1 99  ASP 99  96  96  ASP ASP A . n 
A 1 100 ALA 100 97  97  ALA ALA A . n 
A 1 101 LYS 101 98  98  LYS LYS A . n 
A 1 102 LYS 102 99  99  LYS LYS A . n 
A 1 103 THR 103 100 100 THR THR A . n 
A 1 104 VAL 104 101 101 VAL VAL A . n 
A 1 105 ALA 105 102 102 ALA ALA A . n 
A 1 106 ASP 106 103 103 ASP ASP A . n 
A 1 107 VAL 107 104 104 VAL VAL A . n 
A 1 108 GLU 108 105 105 GLU GLU A . n 
A 1 109 LYS 109 106 106 LYS LYS A . n 
A 1 110 GLN 110 107 107 GLN GLN A . n 
A 1 111 PHE 111 108 ?   ?   ?   A . n 
A 1 112 PRO 112 109 ?   ?   ?   A . n 
A 1 113 THR 113 110 ?   ?   ?   A . n 
A 1 114 GLU 114 111 ?   ?   ?   A . n 
A 1 115 ASP 115 112 ?   ?   ?   A . n 
A 1 116 ALA 116 113 ?   ?   ?   A . n 
# 
loop_
_pdbx_nonpoly_scheme.asym_id 
_pdbx_nonpoly_scheme.entity_id 
_pdbx_nonpoly_scheme.mon_id 
_pdbx_nonpoly_scheme.ndb_seq_num 
_pdbx_nonpoly_scheme.pdb_seq_num 
_pdbx_nonpoly_scheme.auth_seq_num 
_pdbx_nonpoly_scheme.pdb_mon_id 
_pdbx_nonpoly_scheme.auth_mon_id 
_pdbx_nonpoly_scheme.pdb_strand_id 
_pdbx_nonpoly_scheme.pdb_ins_code 
B 2 NO3 1   501 501 NO3 NO3 A . 
C 2 NO3 1   506 506 NO3 NO3 A . 
D 3 HOH 1   114 114 HOH HOH A . 
D 3 HOH 2   115 115 HOH HOH A . 
D 3 HOH 3   116 116 HOH HOH A . 
D 3 HOH 4   117 117 HOH HOH A . 
D 3 HOH 5   118 118 HOH HOH A . 
D 3 HOH 6   119 119 HOH HOH A . 
D 3 HOH 7   120 120 HOH HOH A . 
D 3 HOH 8   121 121 HOH HOH A . 
D 3 HOH 9   122 122 HOH HOH A . 
D 3 HOH 10  123 123 HOH HOH A . 
D 3 HOH 11  124 124 HOH HOH A . 
D 3 HOH 12  125 125 HOH HOH A . 
D 3 HOH 13  126 126 HOH HOH A . 
D 3 HOH 14  127 127 HOH HOH A . 
D 3 HOH 15  128 128 HOH HOH A . 
D 3 HOH 16  129 129 HOH HOH A . 
D 3 HOH 17  130 130 HOH HOH A . 
D 3 HOH 18  131 131 HOH HOH A . 
D 3 HOH 19  132 132 HOH HOH A . 
D 3 HOH 20  133 133 HOH HOH A . 
D 3 HOH 21  134 134 HOH HOH A . 
D 3 HOH 22  135 135 HOH HOH A . 
D 3 HOH 23  136 136 HOH HOH A . 
D 3 HOH 24  137 137 HOH HOH A . 
D 3 HOH 25  138 138 HOH HOH A . 
D 3 HOH 26  139 139 HOH HOH A . 
D 3 HOH 27  140 140 HOH HOH A . 
D 3 HOH 28  141 141 HOH HOH A . 
D 3 HOH 29  142 142 HOH HOH A . 
D 3 HOH 30  143 143 HOH HOH A . 
D 3 HOH 31  144 144 HOH HOH A . 
D 3 HOH 32  145 145 HOH HOH A . 
D 3 HOH 33  146 1   HOH HOH A . 
D 3 HOH 34  147 147 HOH HOH A . 
D 3 HOH 35  148 148 HOH HOH A . 
D 3 HOH 36  149 149 HOH HOH A . 
D 3 HOH 37  150 150 HOH HOH A . 
D 3 HOH 38  151 151 HOH HOH A . 
D 3 HOH 39  152 152 HOH HOH A . 
D 3 HOH 40  153 153 HOH HOH A . 
D 3 HOH 41  154 154 HOH HOH A . 
D 3 HOH 42  155 155 HOH HOH A . 
D 3 HOH 43  156 156 HOH HOH A . 
D 3 HOH 44  157 157 HOH HOH A . 
D 3 HOH 45  158 158 HOH HOH A . 
D 3 HOH 46  159 159 HOH HOH A . 
D 3 HOH 47  160 160 HOH HOH A . 
D 3 HOH 48  161 161 HOH HOH A . 
D 3 HOH 49  162 162 HOH HOH A . 
D 3 HOH 50  163 163 HOH HOH A . 
D 3 HOH 51  164 164 HOH HOH A . 
D 3 HOH 52  165 165 HOH HOH A . 
D 3 HOH 53  166 166 HOH HOH A . 
D 3 HOH 54  167 167 HOH HOH A . 
D 3 HOH 55  168 168 HOH HOH A . 
D 3 HOH 56  169 169 HOH HOH A . 
D 3 HOH 57  170 170 HOH HOH A . 
D 3 HOH 58  171 171 HOH HOH A . 
D 3 HOH 59  172 172 HOH HOH A . 
D 3 HOH 60  173 173 HOH HOH A . 
D 3 HOH 61  174 174 HOH HOH A . 
D 3 HOH 62  175 175 HOH HOH A . 
D 3 HOH 63  176 176 HOH HOH A . 
D 3 HOH 64  177 177 HOH HOH A . 
D 3 HOH 65  178 178 HOH HOH A . 
D 3 HOH 66  179 179 HOH HOH A . 
D 3 HOH 67  180 180 HOH HOH A . 
D 3 HOH 68  181 181 HOH HOH A . 
D 3 HOH 69  182 2   HOH HOH A . 
D 3 HOH 70  183 183 HOH HOH A . 
D 3 HOH 71  184 184 HOH HOH A . 
D 3 HOH 72  185 185 HOH HOH A . 
D 3 HOH 73  186 186 HOH HOH A . 
D 3 HOH 74  187 187 HOH HOH A . 
D 3 HOH 75  188 188 HOH HOH A . 
D 3 HOH 76  189 189 HOH HOH A . 
D 3 HOH 77  190 190 HOH HOH A . 
D 3 HOH 78  191 3   HOH HOH A . 
D 3 HOH 79  192 4   HOH HOH A . 
D 3 HOH 80  193 5   HOH HOH A . 
D 3 HOH 81  194 6   HOH HOH A . 
D 3 HOH 82  195 7   HOH HOH A . 
D 3 HOH 83  196 8   HOH HOH A . 
D 3 HOH 84  197 9   HOH HOH A . 
D 3 HOH 85  198 10  HOH HOH A . 
D 3 HOH 86  199 11  HOH HOH A . 
D 3 HOH 87  200 12  HOH HOH A . 
D 3 HOH 88  201 13  HOH HOH A . 
D 3 HOH 89  202 14  HOH HOH A . 
D 3 HOH 90  203 15  HOH HOH A . 
D 3 HOH 91  204 16  HOH HOH A . 
D 3 HOH 92  205 17  HOH HOH A . 
D 3 HOH 93  206 18  HOH HOH A . 
D 3 HOH 94  207 19  HOH HOH A . 
D 3 HOH 95  208 20  HOH HOH A . 
D 3 HOH 96  209 21  HOH HOH A . 
D 3 HOH 97  210 22  HOH HOH A . 
D 3 HOH 98  211 23  HOH HOH A . 
D 3 HOH 99  212 24  HOH HOH A . 
D 3 HOH 100 213 25  HOH HOH A . 
D 3 HOH 101 214 26  HOH HOH A . 
D 3 HOH 102 215 27  HOH HOH A . 
D 3 HOH 103 216 28  HOH HOH A . 
D 3 HOH 104 217 29  HOH HOH A . 
D 3 HOH 105 218 30  HOH HOH A . 
D 3 HOH 106 219 31  HOH HOH A . 
D 3 HOH 107 220 32  HOH HOH A . 
D 3 HOH 108 221 33  HOH HOH A . 
D 3 HOH 109 222 34  HOH HOH A . 
D 3 HOH 110 223 35  HOH HOH A . 
D 3 HOH 111 224 36  HOH HOH A . 
D 3 HOH 112 225 37  HOH HOH A . 
D 3 HOH 113 226 38  HOH HOH A . 
D 3 HOH 114 227 39  HOH HOH A . 
D 3 HOH 115 228 40  HOH HOH A . 
D 3 HOH 116 229 41  HOH HOH A . 
D 3 HOH 117 230 42  HOH HOH A . 
D 3 HOH 118 231 43  HOH HOH A . 
D 3 HOH 119 232 44  HOH HOH A . 
D 3 HOH 120 233 45  HOH HOH A . 
D 3 HOH 121 234 46  HOH HOH A . 
D 3 HOH 122 235 47  HOH HOH A . 
D 3 HOH 123 236 48  HOH HOH A . 
D 3 HOH 124 237 49  HOH HOH A . 
D 3 HOH 125 238 50  HOH HOH A . 
D 3 HOH 126 239 51  HOH HOH A . 
D 3 HOH 127 240 52  HOH HOH A . 
D 3 HOH 128 241 53  HOH HOH A . 
D 3 HOH 129 242 54  HOH HOH A . 
D 3 HOH 130 243 55  HOH HOH A . 
D 3 HOH 131 244 56  HOH HOH A . 
D 3 HOH 132 245 57  HOH HOH A . 
D 3 HOH 133 246 58  HOH HOH A . 
D 3 HOH 134 247 59  HOH HOH A . 
D 3 HOH 135 248 60  HOH HOH A . 
D 3 HOH 136 249 61  HOH HOH A . 
D 3 HOH 137 250 62  HOH HOH A . 
D 3 HOH 138 251 63  HOH HOH A . 
D 3 HOH 139 252 64  HOH HOH A . 
D 3 HOH 140 253 65  HOH HOH A . 
D 3 HOH 141 254 66  HOH HOH A . 
D 3 HOH 142 255 67  HOH HOH A . 
D 3 HOH 143 256 68  HOH HOH A . 
D 3 HOH 144 257 69  HOH HOH A . 
D 3 HOH 145 258 70  HOH HOH A . 
D 3 HOH 146 259 71  HOH HOH A . 
D 3 HOH 147 260 72  HOH HOH A . 
D 3 HOH 148 261 73  HOH HOH A . 
D 3 HOH 149 262 74  HOH HOH A . 
D 3 HOH 150 263 75  HOH HOH A . 
D 3 HOH 151 264 76  HOH HOH A . 
D 3 HOH 152 265 77  HOH HOH A . 
D 3 HOH 153 266 78  HOH HOH A . 
D 3 HOH 154 267 79  HOH HOH A . 
D 3 HOH 155 268 80  HOH HOH A . 
D 3 HOH 156 269 81  HOH HOH A . 
D 3 HOH 157 270 82  HOH HOH A . 
D 3 HOH 158 271 83  HOH HOH A . 
D 3 HOH 159 272 84  HOH HOH A . 
D 3 HOH 160 273 85  HOH HOH A . 
D 3 HOH 161 274 86  HOH HOH A . 
D 3 HOH 162 275 87  HOH HOH A . 
D 3 HOH 163 276 88  HOH HOH A . 
D 3 HOH 164 277 89  HOH HOH A . 
D 3 HOH 165 278 90  HOH HOH A . 
D 3 HOH 166 279 91  HOH HOH A . 
D 3 HOH 167 280 92  HOH HOH A . 
D 3 HOH 168 281 93  HOH HOH A . 
D 3 HOH 169 282 94  HOH HOH A . 
D 3 HOH 170 283 95  HOH HOH A . 
D 3 HOH 171 284 96  HOH HOH A . 
D 3 HOH 172 285 97  HOH HOH A . 
D 3 HOH 173 286 98  HOH HOH A . 
D 3 HOH 174 287 99  HOH HOH A . 
D 3 HOH 175 288 100 HOH HOH A . 
D 3 HOH 176 289 101 HOH HOH A . 
D 3 HOH 177 290 102 HOH HOH A . 
D 3 HOH 178 291 103 HOH HOH A . 
D 3 HOH 179 292 104 HOH HOH A . 
D 3 HOH 180 293 105 HOH HOH A . 
D 3 HOH 181 294 106 HOH HOH A . 
D 3 HOH 182 295 107 HOH HOH A . 
D 3 HOH 183 296 108 HOH HOH A . 
D 3 HOH 184 297 109 HOH HOH A . 
D 3 HOH 185 298 110 HOH HOH A . 
D 3 HOH 186 299 111 HOH HOH A . 
D 3 HOH 187 300 112 HOH HOH A . 
D 3 HOH 188 301 113 HOH HOH A . 
# 
_pdbx_struct_assembly.id                   1 
_pdbx_struct_assembly.details              author_and_software_defined_assembly 
_pdbx_struct_assembly.method_details       PISA 
_pdbx_struct_assembly.oligomeric_details   monomeric 
_pdbx_struct_assembly.oligomeric_count     1 
# 
_pdbx_struct_assembly_gen.assembly_id       1 
_pdbx_struct_assembly_gen.oper_expression   1 
_pdbx_struct_assembly_gen.asym_id_list      A,B,C,D 
# 
_pdbx_struct_oper_list.id                   1 
_pdbx_struct_oper_list.type                 'identity operation' 
_pdbx_struct_oper_list.name                 1_555 
_pdbx_struct_oper_list.symmetry_operation   x,y,z 
_pdbx_struct_oper_list.matrix[1][1]         1.0000000000 
_pdbx_struct_oper_list.matrix[1][2]         0.0000000000 
_pdbx_struct_oper_list.matrix[1][3]         0.0000000000 
_pdbx_struct_oper_list.vector[1]            0.0000000000 
_pdbx_struct_oper_list.matrix[2][1]         0.0000000000 
_pdbx_struct_oper_list.matrix[2][2]         1.0000000000 
_pdbx_struct_oper_list.matrix[2][3]         0.0000000000 
_pdbx_struct_oper_list.vector[2]            0.0000000000 
_pdbx_struct_oper_list.matrix[3][1]         0.0000000000 
_pdbx_struct_oper_list.matrix[3][2]         0.0000000000 
_pdbx_struct_oper_list.matrix[3][3]         1.0000000000 
_pdbx_struct_oper_list.vector[3]            0.0000000000 
# 
loop_
_pdbx_struct_special_symmetry.id 
_pdbx_struct_special_symmetry.PDB_model_num 
_pdbx_struct_special_symmetry.auth_asym_id 
_pdbx_struct_special_symmetry.auth_comp_id 
_pdbx_struct_special_symmetry.auth_seq_id 
_pdbx_struct_special_symmetry.PDB_ins_code 
_pdbx_struct_special_symmetry.label_asym_id 
_pdbx_struct_special_symmetry.label_comp_id 
_pdbx_struct_special_symmetry.label_seq_id 
1 1 A NO3 506 ? C NO3 . 
2 1 A NO3 506 ? C NO3 . 
3 1 A HOH 128 ? D HOH . 
# 
loop_
_pdbx_audit_revision_history.ordinal 
_pdbx_audit_revision_history.data_content_type 
_pdbx_audit_revision_history.major_revision 
_pdbx_audit_revision_history.minor_revision 
_pdbx_audit_revision_history.revision_date 
1 'Structure model' 1 0 2010-09-01 
2 'Structure model' 1 1 2011-07-13 
3 'Structure model' 1 2 2017-11-08 
4 'Structure model' 1 3 2023-11-01 
# 
_pdbx_audit_revision_details.ordinal             1 
_pdbx_audit_revision_details.revision_ordinal    1 
_pdbx_audit_revision_details.data_content_type   'Structure model' 
_pdbx_audit_revision_details.provider            repository 
_pdbx_audit_revision_details.type                'Initial release' 
_pdbx_audit_revision_details.description         ? 
_pdbx_audit_revision_details.details             ? 
# 
loop_
_pdbx_audit_revision_group.ordinal 
_pdbx_audit_revision_group.revision_ordinal 
_pdbx_audit_revision_group.data_content_type 
_pdbx_audit_revision_group.group 
1 2 'Structure model' 'Version format compliance' 
2 3 'Structure model' 'Refinement description'    
3 4 'Structure model' 'Data collection'           
4 4 'Structure model' 'Database references'       
5 4 'Structure model' 'Derived calculations'      
6 4 'Structure model' 'Refinement description'    
# 
loop_
_pdbx_audit_revision_category.ordinal 
_pdbx_audit_revision_category.revision_ordinal 
_pdbx_audit_revision_category.data_content_type 
_pdbx_audit_revision_category.category 
1 3 'Structure model' software                      
2 4 'Structure model' chem_comp_atom                
3 4 'Structure model' chem_comp_bond                
4 4 'Structure model' database_2                    
5 4 'Structure model' diffrn_source                 
6 4 'Structure model' pdbx_initial_refinement_model 
7 4 'Structure model' struct_ref_seq_dif            
8 4 'Structure model' struct_site                   
# 
loop_
_pdbx_audit_revision_item.ordinal 
_pdbx_audit_revision_item.revision_ordinal 
_pdbx_audit_revision_item.data_content_type 
_pdbx_audit_revision_item.item 
1  3 'Structure model' '_software.classification'             
2  3 'Structure model' '_software.contact_author'             
3  3 'Structure model' '_software.contact_author_email'       
4  3 'Structure model' '_software.date'                       
5  3 'Structure model' '_software.language'                   
6  3 'Structure model' '_software.location'                   
7  3 'Structure model' '_software.name'                       
8  3 'Structure model' '_software.type'                       
9  3 'Structure model' '_software.version'                    
10 4 'Structure model' '_database_2.pdbx_DOI'                 
11 4 'Structure model' '_database_2.pdbx_database_accession'  
12 4 'Structure model' '_diffrn_source.pdbx_synchrotron_site' 
13 4 'Structure model' '_struct_ref_seq_dif.details'          
14 4 'Structure model' '_struct_site.pdbx_auth_asym_id'       
15 4 'Structure model' '_struct_site.pdbx_auth_comp_id'       
16 4 'Structure model' '_struct_site.pdbx_auth_seq_id'        
# 
loop_
_pdbx_refine_tls.pdbx_refine_id 
_pdbx_refine_tls.id 
_pdbx_refine_tls.details 
_pdbx_refine_tls.method 
_pdbx_refine_tls.origin_x 
_pdbx_refine_tls.origin_y 
_pdbx_refine_tls.origin_z 
_pdbx_refine_tls.T[1][1] 
_pdbx_refine_tls.T[2][2] 
_pdbx_refine_tls.T[3][3] 
_pdbx_refine_tls.T[1][2] 
_pdbx_refine_tls.T[1][3] 
_pdbx_refine_tls.T[2][3] 
_pdbx_refine_tls.L[1][1] 
_pdbx_refine_tls.L[2][2] 
_pdbx_refine_tls.L[3][3] 
_pdbx_refine_tls.L[1][2] 
_pdbx_refine_tls.L[1][3] 
_pdbx_refine_tls.L[2][3] 
_pdbx_refine_tls.S[1][1] 
_pdbx_refine_tls.S[2][2] 
_pdbx_refine_tls.S[3][3] 
_pdbx_refine_tls.S[1][2] 
_pdbx_refine_tls.S[1][3] 
_pdbx_refine_tls.S[2][3] 
_pdbx_refine_tls.S[2][1] 
_pdbx_refine_tls.S[3][1] 
_pdbx_refine_tls.S[3][2] 
'X-RAY DIFFRACTION' 1 ? refined -6.8490  0.5292  23.0865  0.2616  0.2112 0.1767 0.0725  0.0029 -0.0421 1.5145 1.9213  3.3945  0.1906  1.2146  1.4583  0.0843  0.0802  -0.0602 -0.1954 0.0968  -0.6484 0.8601  0.1329  -0.3626 
'X-RAY DIFFRACTION' 2 ? refined 0.2478   2.7380  4.3935   -0.0178 0.0282 0.0286 0.0278  0.0531 -0.0135 0.8192 0.8434  1.3927  -0.3687 -1.0181 1.0411  0.0338  -0.1083 0.0709  -0.1172 0.1204  0.0660  -0.1487 -0.4353 0.0868  
'X-RAY DIFFRACTION' 3 ? refined 8.8859   5.6464  -18.7212 0.1150  0.1235 0.1069 0.0482  0.0034 0.0300  1.8724 1.9033  1.3418  -1.1022 -0.8203 -0.1467 0.2146  -0.1055 0.0691  0.3227  0.0989  0.1237  -0.0131 -0.1238 0.0229  
'X-RAY DIFFRACTION' 4 ? refined 16.6519  0.7327  -21.5437 0.1266  0.1984 0.1077 0.0513  0.0320 0.0697  0.2480 0.9902  -0.0168 -0.9021 0.1380  0.7932  0.0572  -0.1482 0.1216  0.4220  0.1115  -0.0603 -0.1169 -0.0524 -0.1359 
'X-RAY DIFFRACTION' 5 ? refined 6.4272   -4.9601 -5.5090  0.1725  0.1087 0.1141 0.0294  0.0170 -0.0009 0.1389 1.5756  1.5264  0.8348  -0.4708 -0.7488 -0.1212 -0.0808 0.2210  -0.1761 -0.0133 0.0751  -0.0782 0.2359  0.1919  
'X-RAY DIFFRACTION' 6 ? refined -3.3697  -6.2909 7.5840   0.1490  0.0935 0.1728 -0.0314 0.0783 -0.0488 2.4409 1.5410  2.5585  -2.2186 -1.9064 1.9512  -0.2661 -0.1613 0.4442  0.2447  -0.5515 0.3398  0.2787  0.4335  -0.1542 
'X-RAY DIFFRACTION' 7 ? refined -13.0736 -6.1710 18.5757  0.2594  0.3464 0.2951 -0.0792 0.1562 0.0026  0.3313 -0.8410 -6.4784 -3.8738 2.6477  2.1134  -0.4222 0.2648  0.1378  -0.5369 -0.7353 0.0285  0.1567  0.2454  -0.5144 
'X-RAY DIFFRACTION' 8 ? refined -13.4570 3.8276  13.5390  0.1113  0.2449 0.1327 0.0196  0.0113 -0.0547 0.6838 0.0516  2.1669  0.2291  -2.5208 -0.4970 -0.1970 -0.0029 0.1819  0.0875  -0.1463 -0.0845 0.0718  0.0091  -0.5059 
'X-RAY DIFFRACTION' 9 ? refined -8.8181  -0.8330 0.9914   0.1702  0.3689 0.1852 -0.0056 0.0017 -0.0546 0.5803 1.5965  0.0949  -0.5150 -0.2696 1.6399  -0.0094 0.0350  -0.1079 0.9248  -0.1880 0.0606  -0.4323 0.1177  -0.1489 
# 
loop_
_pdbx_refine_tls_group.pdbx_refine_id 
_pdbx_refine_tls_group.id 
_pdbx_refine_tls_group.refine_tls_id 
_pdbx_refine_tls_group.beg_auth_asym_id 
_pdbx_refine_tls_group.beg_auth_seq_id 
_pdbx_refine_tls_group.end_auth_asym_id 
_pdbx_refine_tls_group.end_auth_seq_id 
_pdbx_refine_tls_group.selection_details 
_pdbx_refine_tls_group.beg_label_asym_id 
_pdbx_refine_tls_group.beg_label_seq_id 
_pdbx_refine_tls_group.end_label_asym_id 
_pdbx_refine_tls_group.end_label_seq_id 
_pdbx_refine_tls_group.selection 
'X-RAY DIFFRACTION' 1 1 A 0   A 6   '(chain A and resid 0:6)'     ? ? ? ? ? 
'X-RAY DIFFRACTION' 2 2 A 7   A 26  '(chain A and resid 7:26)'    ? ? ? ? ? 
'X-RAY DIFFRACTION' 3 3 A 27  A 40  '(chain A and resid 27:40)'   ? ? ? ? ? 
'X-RAY DIFFRACTION' 4 4 A 41  A 56  '(chain A and resid 41:56)'   ? ? ? ? ? 
'X-RAY DIFFRACTION' 5 5 A 57  A 67  '(chain A and resid 57:67)'   ? ? ? ? ? 
'X-RAY DIFFRACTION' 6 6 A 68  A 78  '(chain A and resid 68:78)'   ? ? ? ? ? 
'X-RAY DIFFRACTION' 7 7 A 79  A 87  '(chain A and resid 79:87)'   ? ? ? ? ? 
'X-RAY DIFFRACTION' 8 8 A 88  A 100 '(chain A and resid 88:100)'  ? ? ? ? ? 
'X-RAY DIFFRACTION' 9 9 A 101 A 107 '(chain A and resid 101:107)' ? ? ? ? ? 
# 
loop_
_software.pdbx_ordinal 
_software.name 
_software.version 
_software.date 
_software.type 
_software.contact_author 
_software.contact_author_email 
_software.classification 
_software.location 
_software.language 
_software.citation_id 
1 DENZO       .     ?               package 'Zbyszek Otwinowski' hkl@hkl-xray.com      'data reduction'  http://www.hkl-xray.com/ 
?   ? 
2 SCALEPACK   .     ?               package 'Zbyszek Otwinowski' hkl@hkl-xray.com      'data scaling'    http://www.hkl-xray.com/ 
?   ? 
3 PHENIX      .     ?               package 'Paul D. Adams'      PDAdams@lbl.gov       refinement        
http://www.phenix-online.org/             C++ ? 
4 PDB_EXTRACT 3.100 'Jan. 22, 2010' package PDB                  help@deposit.rcsb.org 'data extraction' 
http://sw-tools.pdb.org/apps/PDB_EXTRACT/ C++ ? 
5 HKL-2000    .     ?               ?       ?                    ?                     'data scaling'    ? ?   ? 
6 MOLREP      .     ?               ?       ?                    ?                     phasing           ? ?   ? 
# 
loop_
_pdbx_unobs_or_zero_occ_atoms.id 
_pdbx_unobs_or_zero_occ_atoms.PDB_model_num 
_pdbx_unobs_or_zero_occ_atoms.polymer_flag 
_pdbx_unobs_or_zero_occ_atoms.occupancy_flag 
_pdbx_unobs_or_zero_occ_atoms.auth_asym_id 
_pdbx_unobs_or_zero_occ_atoms.auth_comp_id 
_pdbx_unobs_or_zero_occ_atoms.auth_seq_id 
_pdbx_unobs_or_zero_occ_atoms.PDB_ins_code 
_pdbx_unobs_or_zero_occ_atoms.auth_atom_id 
_pdbx_unobs_or_zero_occ_atoms.label_alt_id 
_pdbx_unobs_or_zero_occ_atoms.label_asym_id 
_pdbx_unobs_or_zero_occ_atoms.label_comp_id 
_pdbx_unobs_or_zero_occ_atoms.label_seq_id 
_pdbx_unobs_or_zero_occ_atoms.label_atom_id 
1  1 Y 1 A HIS 0   ? CB  ? A HIS 3   CB  
2  1 Y 1 A HIS 0   ? CG  ? A HIS 3   CG  
3  1 Y 1 A HIS 0   ? ND1 ? A HIS 3   ND1 
4  1 Y 1 A HIS 0   ? CD2 ? A HIS 3   CD2 
5  1 Y 1 A HIS 0   ? CE1 ? A HIS 3   CE1 
6  1 Y 1 A HIS 0   ? NE2 ? A HIS 3   NE2 
7  1 Y 1 A ARG 16  ? CZ  ? A ARG 19  CZ  
8  1 Y 1 A ARG 16  ? NH1 ? A ARG 19  NH1 
9  1 Y 1 A ARG 16  ? NH2 ? A ARG 19  NH2 
10 1 Y 1 A GLU 84  ? CG  ? A GLU 87  CG  
11 1 Y 1 A GLU 84  ? CD  ? A GLU 87  CD  
12 1 Y 1 A GLU 84  ? OE1 ? A GLU 87  OE1 
13 1 Y 1 A GLU 84  ? OE2 ? A GLU 87  OE2 
14 1 Y 1 A GLU 85  ? CG  ? A GLU 88  CG  
15 1 Y 1 A GLU 85  ? CD  ? A GLU 88  CD  
16 1 Y 1 A GLU 85  ? OE1 ? A GLU 88  OE1 
17 1 Y 1 A GLU 85  ? OE2 ? A GLU 88  OE2 
18 1 Y 1 A GLU 88  ? CB  ? A GLU 91  CB  
19 1 Y 1 A GLU 88  ? CG  ? A GLU 91  CG  
20 1 Y 1 A GLU 88  ? CD  ? A GLU 91  CD  
21 1 Y 1 A GLU 88  ? OE1 ? A GLU 91  OE1 
22 1 Y 1 A GLU 88  ? OE2 ? A GLU 91  OE2 
23 1 Y 1 A LYS 89  ? CG  ? A LYS 92  CG  
24 1 Y 1 A LYS 89  ? CD  ? A LYS 92  CD  
25 1 Y 1 A LYS 89  ? CE  ? A LYS 92  CE  
26 1 Y 1 A LYS 89  ? NZ  ? A LYS 92  NZ  
27 1 Y 1 A GLU 90  ? CG  ? A GLU 93  CG  
28 1 Y 1 A GLU 90  ? CD  ? A GLU 93  CD  
29 1 Y 1 A GLU 90  ? OE1 ? A GLU 93  OE1 
30 1 Y 1 A GLU 90  ? OE2 ? A GLU 93  OE2 
31 1 Y 1 A LYS 99  ? CG  ? A LYS 102 CG  
32 1 Y 1 A LYS 99  ? CD  ? A LYS 102 CD  
33 1 Y 1 A LYS 99  ? CE  ? A LYS 102 CE  
34 1 Y 1 A LYS 99  ? NZ  ? A LYS 102 NZ  
35 1 Y 1 A LYS 106 ? CG  ? A LYS 109 CG  
36 1 Y 1 A LYS 106 ? CD  ? A LYS 109 CD  
37 1 Y 1 A LYS 106 ? CE  ? A LYS 109 CE  
38 1 Y 1 A LYS 106 ? NZ  ? A LYS 109 NZ  
# 
loop_
_pdbx_unobs_or_zero_occ_residues.id 
_pdbx_unobs_or_zero_occ_residues.PDB_model_num 
_pdbx_unobs_or_zero_occ_residues.polymer_flag 
_pdbx_unobs_or_zero_occ_residues.occupancy_flag 
_pdbx_unobs_or_zero_occ_residues.auth_asym_id 
_pdbx_unobs_or_zero_occ_residues.auth_comp_id 
_pdbx_unobs_or_zero_occ_residues.auth_seq_id 
_pdbx_unobs_or_zero_occ_residues.PDB_ins_code 
_pdbx_unobs_or_zero_occ_residues.label_asym_id 
_pdbx_unobs_or_zero_occ_residues.label_comp_id 
_pdbx_unobs_or_zero_occ_residues.label_seq_id 
1 1 Y 1 A GLY -2  ? A GLY 1   
2 1 Y 1 A SER -1  ? A SER 2   
3 1 Y 1 A ASP 87  ? A ASP 90  
4 1 Y 1 A PHE 108 ? A PHE 111 
5 1 Y 1 A PRO 109 ? A PRO 112 
6 1 Y 1 A THR 110 ? A THR 113 
7 1 Y 1 A GLU 111 ? A GLU 114 
8 1 Y 1 A ASP 112 ? A ASP 115 
9 1 Y 1 A ALA 113 ? A ALA 116 
# 
loop_
_chem_comp_atom.comp_id 
_chem_comp_atom.atom_id 
_chem_comp_atom.type_symbol 
_chem_comp_atom.pdbx_aromatic_flag 
_chem_comp_atom.pdbx_stereo_config 
_chem_comp_atom.pdbx_ordinal 
ALA N    N N N 1   
ALA CA   C N S 2   
ALA C    C N N 3   
ALA O    O N N 4   
ALA CB   C N N 5   
ALA OXT  O N N 6   
ALA H    H N N 7   
ALA H2   H N N 8   
ALA HA   H N N 9   
ALA HB1  H N N 10  
ALA HB2  H N N 11  
ALA HB3  H N N 12  
ALA HXT  H N N 13  
ARG N    N N N 14  
ARG CA   C N S 15  
ARG C    C N N 16  
ARG O    O N N 17  
ARG CB   C N N 18  
ARG CG   C N N 19  
ARG CD   C N N 20  
ARG NE   N N N 21  
ARG CZ   C N N 22  
ARG NH1  N N N 23  
ARG NH2  N N N 24  
ARG OXT  O N N 25  
ARG H    H N N 26  
ARG H2   H N N 27  
ARG HA   H N N 28  
ARG HB2  H N N 29  
ARG HB3  H N N 30  
ARG HG2  H N N 31  
ARG HG3  H N N 32  
ARG HD2  H N N 33  
ARG HD3  H N N 34  
ARG HE   H N N 35  
ARG HH11 H N N 36  
ARG HH12 H N N 37  
ARG HH21 H N N 38  
ARG HH22 H N N 39  
ARG HXT  H N N 40  
ASN N    N N N 41  
ASN CA   C N S 42  
ASN C    C N N 43  
ASN O    O N N 44  
ASN CB   C N N 45  
ASN CG   C N N 46  
ASN OD1  O N N 47  
ASN ND2  N N N 48  
ASN OXT  O N N 49  
ASN H    H N N 50  
ASN H2   H N N 51  
ASN HA   H N N 52  
ASN HB2  H N N 53  
ASN HB3  H N N 54  
ASN HD21 H N N 55  
ASN HD22 H N N 56  
ASN HXT  H N N 57  
ASP N    N N N 58  
ASP CA   C N S 59  
ASP C    C N N 60  
ASP O    O N N 61  
ASP CB   C N N 62  
ASP CG   C N N 63  
ASP OD1  O N N 64  
ASP OD2  O N N 65  
ASP OXT  O N N 66  
ASP H    H N N 67  
ASP H2   H N N 68  
ASP HA   H N N 69  
ASP HB2  H N N 70  
ASP HB3  H N N 71  
ASP HD2  H N N 72  
ASP HXT  H N N 73  
CYS N    N N N 74  
CYS CA   C N R 75  
CYS C    C N N 76  
CYS O    O N N 77  
CYS CB   C N N 78  
CYS SG   S N N 79  
CYS OXT  O N N 80  
CYS H    H N N 81  
CYS H2   H N N 82  
CYS HA   H N N 83  
CYS HB2  H N N 84  
CYS HB3  H N N 85  
CYS HG   H N N 86  
CYS HXT  H N N 87  
GLN N    N N N 88  
GLN CA   C N S 89  
GLN C    C N N 90  
GLN O    O N N 91  
GLN CB   C N N 92  
GLN CG   C N N 93  
GLN CD   C N N 94  
GLN OE1  O N N 95  
GLN NE2  N N N 96  
GLN OXT  O N N 97  
GLN H    H N N 98  
GLN H2   H N N 99  
GLN HA   H N N 100 
GLN HB2  H N N 101 
GLN HB3  H N N 102 
GLN HG2  H N N 103 
GLN HG3  H N N 104 
GLN HE21 H N N 105 
GLN HE22 H N N 106 
GLN HXT  H N N 107 
GLU N    N N N 108 
GLU CA   C N S 109 
GLU C    C N N 110 
GLU O    O N N 111 
GLU CB   C N N 112 
GLU CG   C N N 113 
GLU CD   C N N 114 
GLU OE1  O N N 115 
GLU OE2  O N N 116 
GLU OXT  O N N 117 
GLU H    H N N 118 
GLU H2   H N N 119 
GLU HA   H N N 120 
GLU HB2  H N N 121 
GLU HB3  H N N 122 
GLU HG2  H N N 123 
GLU HG3  H N N 124 
GLU HE2  H N N 125 
GLU HXT  H N N 126 
GLY N    N N N 127 
GLY CA   C N N 128 
GLY C    C N N 129 
GLY O    O N N 130 
GLY OXT  O N N 131 
GLY H    H N N 132 
GLY H2   H N N 133 
GLY HA2  H N N 134 
GLY HA3  H N N 135 
GLY HXT  H N N 136 
HIS N    N N N 137 
HIS CA   C N S 138 
HIS C    C N N 139 
HIS O    O N N 140 
HIS CB   C N N 141 
HIS CG   C Y N 142 
HIS ND1  N Y N 143 
HIS CD2  C Y N 144 
HIS CE1  C Y N 145 
HIS NE2  N Y N 146 
HIS OXT  O N N 147 
HIS H    H N N 148 
HIS H2   H N N 149 
HIS HA   H N N 150 
HIS HB2  H N N 151 
HIS HB3  H N N 152 
HIS HD1  H N N 153 
HIS HD2  H N N 154 
HIS HE1  H N N 155 
HIS HE2  H N N 156 
HIS HXT  H N N 157 
HOH O    O N N 158 
HOH H1   H N N 159 
HOH H2   H N N 160 
ILE N    N N N 161 
ILE CA   C N S 162 
ILE C    C N N 163 
ILE O    O N N 164 
ILE CB   C N S 165 
ILE CG1  C N N 166 
ILE CG2  C N N 167 
ILE CD1  C N N 168 
ILE OXT  O N N 169 
ILE H    H N N 170 
ILE H2   H N N 171 
ILE HA   H N N 172 
ILE HB   H N N 173 
ILE HG12 H N N 174 
ILE HG13 H N N 175 
ILE HG21 H N N 176 
ILE HG22 H N N 177 
ILE HG23 H N N 178 
ILE HD11 H N N 179 
ILE HD12 H N N 180 
ILE HD13 H N N 181 
ILE HXT  H N N 182 
LEU N    N N N 183 
LEU CA   C N S 184 
LEU C    C N N 185 
LEU O    O N N 186 
LEU CB   C N N 187 
LEU CG   C N N 188 
LEU CD1  C N N 189 
LEU CD2  C N N 190 
LEU OXT  O N N 191 
LEU H    H N N 192 
LEU H2   H N N 193 
LEU HA   H N N 194 
LEU HB2  H N N 195 
LEU HB3  H N N 196 
LEU HG   H N N 197 
LEU HD11 H N N 198 
LEU HD12 H N N 199 
LEU HD13 H N N 200 
LEU HD21 H N N 201 
LEU HD22 H N N 202 
LEU HD23 H N N 203 
LEU HXT  H N N 204 
LYS N    N N N 205 
LYS CA   C N S 206 
LYS C    C N N 207 
LYS O    O N N 208 
LYS CB   C N N 209 
LYS CG   C N N 210 
LYS CD   C N N 211 
LYS CE   C N N 212 
LYS NZ   N N N 213 
LYS OXT  O N N 214 
LYS H    H N N 215 
LYS H2   H N N 216 
LYS HA   H N N 217 
LYS HB2  H N N 218 
LYS HB3  H N N 219 
LYS HG2  H N N 220 
LYS HG3  H N N 221 
LYS HD2  H N N 222 
LYS HD3  H N N 223 
LYS HE2  H N N 224 
LYS HE3  H N N 225 
LYS HZ1  H N N 226 
LYS HZ2  H N N 227 
LYS HZ3  H N N 228 
LYS HXT  H N N 229 
MET N    N N N 230 
MET CA   C N S 231 
MET C    C N N 232 
MET O    O N N 233 
MET CB   C N N 234 
MET CG   C N N 235 
MET SD   S N N 236 
MET CE   C N N 237 
MET OXT  O N N 238 
MET H    H N N 239 
MET H2   H N N 240 
MET HA   H N N 241 
MET HB2  H N N 242 
MET HB3  H N N 243 
MET HG2  H N N 244 
MET HG3  H N N 245 
MET HE1  H N N 246 
MET HE2  H N N 247 
MET HE3  H N N 248 
MET HXT  H N N 249 
NO3 N    N N N 250 
NO3 O1   O N N 251 
NO3 O2   O N N 252 
NO3 O3   O N N 253 
PHE N    N N N 254 
PHE CA   C N S 255 
PHE C    C N N 256 
PHE O    O N N 257 
PHE CB   C N N 258 
PHE CG   C Y N 259 
PHE CD1  C Y N 260 
PHE CD2  C Y N 261 
PHE CE1  C Y N 262 
PHE CE2  C Y N 263 
PHE CZ   C Y N 264 
PHE OXT  O N N 265 
PHE H    H N N 266 
PHE H2   H N N 267 
PHE HA   H N N 268 
PHE HB2  H N N 269 
PHE HB3  H N N 270 
PHE HD1  H N N 271 
PHE HD2  H N N 272 
PHE HE1  H N N 273 
PHE HE2  H N N 274 
PHE HZ   H N N 275 
PHE HXT  H N N 276 
PRO N    N N N 277 
PRO CA   C N S 278 
PRO C    C N N 279 
PRO O    O N N 280 
PRO CB   C N N 281 
PRO CG   C N N 282 
PRO CD   C N N 283 
PRO OXT  O N N 284 
PRO H    H N N 285 
PRO HA   H N N 286 
PRO HB2  H N N 287 
PRO HB3  H N N 288 
PRO HG2  H N N 289 
PRO HG3  H N N 290 
PRO HD2  H N N 291 
PRO HD3  H N N 292 
PRO HXT  H N N 293 
SER N    N N N 294 
SER CA   C N S 295 
SER C    C N N 296 
SER O    O N N 297 
SER CB   C N N 298 
SER OG   O N N 299 
SER OXT  O N N 300 
SER H    H N N 301 
SER H2   H N N 302 
SER HA   H N N 303 
SER HB2  H N N 304 
SER HB3  H N N 305 
SER HG   H N N 306 
SER HXT  H N N 307 
THR N    N N N 308 
THR CA   C N S 309 
THR C    C N N 310 
THR O    O N N 311 
THR CB   C N R 312 
THR OG1  O N N 313 
THR CG2  C N N 314 
THR OXT  O N N 315 
THR H    H N N 316 
THR H2   H N N 317 
THR HA   H N N 318 
THR HB   H N N 319 
THR HG1  H N N 320 
THR HG21 H N N 321 
THR HG22 H N N 322 
THR HG23 H N N 323 
THR HXT  H N N 324 
TYR N    N N N 325 
TYR CA   C N S 326 
TYR C    C N N 327 
TYR O    O N N 328 
TYR CB   C N N 329 
TYR CG   C Y N 330 
TYR CD1  C Y N 331 
TYR CD2  C Y N 332 
TYR CE1  C Y N 333 
TYR CE2  C Y N 334 
TYR CZ   C Y N 335 
TYR OH   O N N 336 
TYR OXT  O N N 337 
TYR H    H N N 338 
TYR H2   H N N 339 
TYR HA   H N N 340 
TYR HB2  H N N 341 
TYR HB3  H N N 342 
TYR HD1  H N N 343 
TYR HD2  H N N 344 
TYR HE1  H N N 345 
TYR HE2  H N N 346 
TYR HH   H N N 347 
TYR HXT  H N N 348 
VAL N    N N N 349 
VAL CA   C N S 350 
VAL C    C N N 351 
VAL O    O N N 352 
VAL CB   C N N 353 
VAL CG1  C N N 354 
VAL CG2  C N N 355 
VAL OXT  O N N 356 
VAL H    H N N 357 
VAL H2   H N N 358 
VAL HA   H N N 359 
VAL HB   H N N 360 
VAL HG11 H N N 361 
VAL HG12 H N N 362 
VAL HG13 H N N 363 
VAL HG21 H N N 364 
VAL HG22 H N N 365 
VAL HG23 H N N 366 
VAL HXT  H N N 367 
# 
loop_
_chem_comp_bond.comp_id 
_chem_comp_bond.atom_id_1 
_chem_comp_bond.atom_id_2 
_chem_comp_bond.value_order 
_chem_comp_bond.pdbx_aromatic_flag 
_chem_comp_bond.pdbx_stereo_config 
_chem_comp_bond.pdbx_ordinal 
ALA N   CA   sing N N 1   
ALA N   H    sing N N 2   
ALA N   H2   sing N N 3   
ALA CA  C    sing N N 4   
ALA CA  CB   sing N N 5   
ALA CA  HA   sing N N 6   
ALA C   O    doub N N 7   
ALA C   OXT  sing N N 8   
ALA CB  HB1  sing N N 9   
ALA CB  HB2  sing N N 10  
ALA CB  HB3  sing N N 11  
ALA OXT HXT  sing N N 12  
ARG N   CA   sing N N 13  
ARG N   H    sing N N 14  
ARG N   H2   sing N N 15  
ARG CA  C    sing N N 16  
ARG CA  CB   sing N N 17  
ARG CA  HA   sing N N 18  
ARG C   O    doub N N 19  
ARG C   OXT  sing N N 20  
ARG CB  CG   sing N N 21  
ARG CB  HB2  sing N N 22  
ARG CB  HB3  sing N N 23  
ARG CG  CD   sing N N 24  
ARG CG  HG2  sing N N 25  
ARG CG  HG3  sing N N 26  
ARG CD  NE   sing N N 27  
ARG CD  HD2  sing N N 28  
ARG CD  HD3  sing N N 29  
ARG NE  CZ   sing N N 30  
ARG NE  HE   sing N N 31  
ARG CZ  NH1  sing N N 32  
ARG CZ  NH2  doub N N 33  
ARG NH1 HH11 sing N N 34  
ARG NH1 HH12 sing N N 35  
ARG NH2 HH21 sing N N 36  
ARG NH2 HH22 sing N N 37  
ARG OXT HXT  sing N N 38  
ASN N   CA   sing N N 39  
ASN N   H    sing N N 40  
ASN N   H2   sing N N 41  
ASN CA  C    sing N N 42  
ASN CA  CB   sing N N 43  
ASN CA  HA   sing N N 44  
ASN C   O    doub N N 45  
ASN C   OXT  sing N N 46  
ASN CB  CG   sing N N 47  
ASN CB  HB2  sing N N 48  
ASN CB  HB3  sing N N 49  
ASN CG  OD1  doub N N 50  
ASN CG  ND2  sing N N 51  
ASN ND2 HD21 sing N N 52  
ASN ND2 HD22 sing N N 53  
ASN OXT HXT  sing N N 54  
ASP N   CA   sing N N 55  
ASP N   H    sing N N 56  
ASP N   H2   sing N N 57  
ASP CA  C    sing N N 58  
ASP CA  CB   sing N N 59  
ASP CA  HA   sing N N 60  
ASP C   O    doub N N 61  
ASP C   OXT  sing N N 62  
ASP CB  CG   sing N N 63  
ASP CB  HB2  sing N N 64  
ASP CB  HB3  sing N N 65  
ASP CG  OD1  doub N N 66  
ASP CG  OD2  sing N N 67  
ASP OD2 HD2  sing N N 68  
ASP OXT HXT  sing N N 69  
CYS N   CA   sing N N 70  
CYS N   H    sing N N 71  
CYS N   H2   sing N N 72  
CYS CA  C    sing N N 73  
CYS CA  CB   sing N N 74  
CYS CA  HA   sing N N 75  
CYS C   O    doub N N 76  
CYS C   OXT  sing N N 77  
CYS CB  SG   sing N N 78  
CYS CB  HB2  sing N N 79  
CYS CB  HB3  sing N N 80  
CYS SG  HG   sing N N 81  
CYS OXT HXT  sing N N 82  
GLN N   CA   sing N N 83  
GLN N   H    sing N N 84  
GLN N   H2   sing N N 85  
GLN CA  C    sing N N 86  
GLN CA  CB   sing N N 87  
GLN CA  HA   sing N N 88  
GLN C   O    doub N N 89  
GLN C   OXT  sing N N 90  
GLN CB  CG   sing N N 91  
GLN CB  HB2  sing N N 92  
GLN CB  HB3  sing N N 93  
GLN CG  CD   sing N N 94  
GLN CG  HG2  sing N N 95  
GLN CG  HG3  sing N N 96  
GLN CD  OE1  doub N N 97  
GLN CD  NE2  sing N N 98  
GLN NE2 HE21 sing N N 99  
GLN NE2 HE22 sing N N 100 
GLN OXT HXT  sing N N 101 
GLU N   CA   sing N N 102 
GLU N   H    sing N N 103 
GLU N   H2   sing N N 104 
GLU CA  C    sing N N 105 
GLU CA  CB   sing N N 106 
GLU CA  HA   sing N N 107 
GLU C   O    doub N N 108 
GLU C   OXT  sing N N 109 
GLU CB  CG   sing N N 110 
GLU CB  HB2  sing N N 111 
GLU CB  HB3  sing N N 112 
GLU CG  CD   sing N N 113 
GLU CG  HG2  sing N N 114 
GLU CG  HG3  sing N N 115 
GLU CD  OE1  doub N N 116 
GLU CD  OE2  sing N N 117 
GLU OE2 HE2  sing N N 118 
GLU OXT HXT  sing N N 119 
GLY N   CA   sing N N 120 
GLY N   H    sing N N 121 
GLY N   H2   sing N N 122 
GLY CA  C    sing N N 123 
GLY CA  HA2  sing N N 124 
GLY CA  HA3  sing N N 125 
GLY C   O    doub N N 126 
GLY C   OXT  sing N N 127 
GLY OXT HXT  sing N N 128 
HIS N   CA   sing N N 129 
HIS N   H    sing N N 130 
HIS N   H2   sing N N 131 
HIS CA  C    sing N N 132 
HIS CA  CB   sing N N 133 
HIS CA  HA   sing N N 134 
HIS C   O    doub N N 135 
HIS C   OXT  sing N N 136 
HIS CB  CG   sing N N 137 
HIS CB  HB2  sing N N 138 
HIS CB  HB3  sing N N 139 
HIS CG  ND1  sing Y N 140 
HIS CG  CD2  doub Y N 141 
HIS ND1 CE1  doub Y N 142 
HIS ND1 HD1  sing N N 143 
HIS CD2 NE2  sing Y N 144 
HIS CD2 HD2  sing N N 145 
HIS CE1 NE2  sing Y N 146 
HIS CE1 HE1  sing N N 147 
HIS NE2 HE2  sing N N 148 
HIS OXT HXT  sing N N 149 
HOH O   H1   sing N N 150 
HOH O   H2   sing N N 151 
ILE N   CA   sing N N 152 
ILE N   H    sing N N 153 
ILE N   H2   sing N N 154 
ILE CA  C    sing N N 155 
ILE CA  CB   sing N N 156 
ILE CA  HA   sing N N 157 
ILE C   O    doub N N 158 
ILE C   OXT  sing N N 159 
ILE CB  CG1  sing N N 160 
ILE CB  CG2  sing N N 161 
ILE CB  HB   sing N N 162 
ILE CG1 CD1  sing N N 163 
ILE CG1 HG12 sing N N 164 
ILE CG1 HG13 sing N N 165 
ILE CG2 HG21 sing N N 166 
ILE CG2 HG22 sing N N 167 
ILE CG2 HG23 sing N N 168 
ILE CD1 HD11 sing N N 169 
ILE CD1 HD12 sing N N 170 
ILE CD1 HD13 sing N N 171 
ILE OXT HXT  sing N N 172 
LEU N   CA   sing N N 173 
LEU N   H    sing N N 174 
LEU N   H2   sing N N 175 
LEU CA  C    sing N N 176 
LEU CA  CB   sing N N 177 
LEU CA  HA   sing N N 178 
LEU C   O    doub N N 179 
LEU C   OXT  sing N N 180 
LEU CB  CG   sing N N 181 
LEU CB  HB2  sing N N 182 
LEU CB  HB3  sing N N 183 
LEU CG  CD1  sing N N 184 
LEU CG  CD2  sing N N 185 
LEU CG  HG   sing N N 186 
LEU CD1 HD11 sing N N 187 
LEU CD1 HD12 sing N N 188 
LEU CD1 HD13 sing N N 189 
LEU CD2 HD21 sing N N 190 
LEU CD2 HD22 sing N N 191 
LEU CD2 HD23 sing N N 192 
LEU OXT HXT  sing N N 193 
LYS N   CA   sing N N 194 
LYS N   H    sing N N 195 
LYS N   H2   sing N N 196 
LYS CA  C    sing N N 197 
LYS CA  CB   sing N N 198 
LYS CA  HA   sing N N 199 
LYS C   O    doub N N 200 
LYS C   OXT  sing N N 201 
LYS CB  CG   sing N N 202 
LYS CB  HB2  sing N N 203 
LYS CB  HB3  sing N N 204 
LYS CG  CD   sing N N 205 
LYS CG  HG2  sing N N 206 
LYS CG  HG3  sing N N 207 
LYS CD  CE   sing N N 208 
LYS CD  HD2  sing N N 209 
LYS CD  HD3  sing N N 210 
LYS CE  NZ   sing N N 211 
LYS CE  HE2  sing N N 212 
LYS CE  HE3  sing N N 213 
LYS NZ  HZ1  sing N N 214 
LYS NZ  HZ2  sing N N 215 
LYS NZ  HZ3  sing N N 216 
LYS OXT HXT  sing N N 217 
MET N   CA   sing N N 218 
MET N   H    sing N N 219 
MET N   H2   sing N N 220 
MET CA  C    sing N N 221 
MET CA  CB   sing N N 222 
MET CA  HA   sing N N 223 
MET C   O    doub N N 224 
MET C   OXT  sing N N 225 
MET CB  CG   sing N N 226 
MET CB  HB2  sing N N 227 
MET CB  HB3  sing N N 228 
MET CG  SD   sing N N 229 
MET CG  HG2  sing N N 230 
MET CG  HG3  sing N N 231 
MET SD  CE   sing N N 232 
MET CE  HE1  sing N N 233 
MET CE  HE2  sing N N 234 
MET CE  HE3  sing N N 235 
MET OXT HXT  sing N N 236 
NO3 N   O1   doub N N 237 
NO3 N   O2   sing N N 238 
NO3 N   O3   sing N N 239 
PHE N   CA   sing N N 240 
PHE N   H    sing N N 241 
PHE N   H2   sing N N 242 
PHE CA  C    sing N N 243 
PHE CA  CB   sing N N 244 
PHE CA  HA   sing N N 245 
PHE C   O    doub N N 246 
PHE C   OXT  sing N N 247 
PHE CB  CG   sing N N 248 
PHE CB  HB2  sing N N 249 
PHE CB  HB3  sing N N 250 
PHE CG  CD1  doub Y N 251 
PHE CG  CD2  sing Y N 252 
PHE CD1 CE1  sing Y N 253 
PHE CD1 HD1  sing N N 254 
PHE CD2 CE2  doub Y N 255 
PHE CD2 HD2  sing N N 256 
PHE CE1 CZ   doub Y N 257 
PHE CE1 HE1  sing N N 258 
PHE CE2 CZ   sing Y N 259 
PHE CE2 HE2  sing N N 260 
PHE CZ  HZ   sing N N 261 
PHE OXT HXT  sing N N 262 
PRO N   CA   sing N N 263 
PRO N   CD   sing N N 264 
PRO N   H    sing N N 265 
PRO CA  C    sing N N 266 
PRO CA  CB   sing N N 267 
PRO CA  HA   sing N N 268 
PRO C   O    doub N N 269 
PRO C   OXT  sing N N 270 
PRO CB  CG   sing N N 271 
PRO CB  HB2  sing N N 272 
PRO CB  HB3  sing N N 273 
PRO CG  CD   sing N N 274 
PRO CG  HG2  sing N N 275 
PRO CG  HG3  sing N N 276 
PRO CD  HD2  sing N N 277 
PRO CD  HD3  sing N N 278 
PRO OXT HXT  sing N N 279 
SER N   CA   sing N N 280 
SER N   H    sing N N 281 
SER N   H2   sing N N 282 
SER CA  C    sing N N 283 
SER CA  CB   sing N N 284 
SER CA  HA   sing N N 285 
SER C   O    doub N N 286 
SER C   OXT  sing N N 287 
SER CB  OG   sing N N 288 
SER CB  HB2  sing N N 289 
SER CB  HB3  sing N N 290 
SER OG  HG   sing N N 291 
SER OXT HXT  sing N N 292 
THR N   CA   sing N N 293 
THR N   H    sing N N 294 
THR N   H2   sing N N 295 
THR CA  C    sing N N 296 
THR CA  CB   sing N N 297 
THR CA  HA   sing N N 298 
THR C   O    doub N N 299 
THR C   OXT  sing N N 300 
THR CB  OG1  sing N N 301 
THR CB  CG2  sing N N 302 
THR CB  HB   sing N N 303 
THR OG1 HG1  sing N N 304 
THR CG2 HG21 sing N N 305 
THR CG2 HG22 sing N N 306 
THR CG2 HG23 sing N N 307 
THR OXT HXT  sing N N 308 
TYR N   CA   sing N N 309 
TYR N   H    sing N N 310 
TYR N   H2   sing N N 311 
TYR CA  C    sing N N 312 
TYR CA  CB   sing N N 313 
TYR CA  HA   sing N N 314 
TYR C   O    doub N N 315 
TYR C   OXT  sing N N 316 
TYR CB  CG   sing N N 317 
TYR CB  HB2  sing N N 318 
TYR CB  HB3  sing N N 319 
TYR CG  CD1  doub Y N 320 
TYR CG  CD2  sing Y N 321 
TYR CD1 CE1  sing Y N 322 
TYR CD1 HD1  sing N N 323 
TYR CD2 CE2  doub Y N 324 
TYR CD2 HD2  sing N N 325 
TYR CE1 CZ   doub Y N 326 
TYR CE1 HE1  sing N N 327 
TYR CE2 CZ   sing Y N 328 
TYR CE2 HE2  sing N N 329 
TYR CZ  OH   sing N N 330 
TYR OH  HH   sing N N 331 
TYR OXT HXT  sing N N 332 
VAL N   CA   sing N N 333 
VAL N   H    sing N N 334 
VAL N   H2   sing N N 335 
VAL CA  C    sing N N 336 
VAL CA  CB   sing N N 337 
VAL CA  HA   sing N N 338 
VAL C   O    doub N N 339 
VAL C   OXT  sing N N 340 
VAL CB  CG1  sing N N 341 
VAL CB  CG2  sing N N 342 
VAL CB  HB   sing N N 343 
VAL CG1 HG11 sing N N 344 
VAL CG1 HG12 sing N N 345 
VAL CG1 HG13 sing N N 346 
VAL CG2 HG21 sing N N 347 
VAL CG2 HG22 sing N N 348 
VAL CG2 HG23 sing N N 349 
VAL OXT HXT  sing N N 350 
# 
loop_
_pdbx_entity_nonpoly.entity_id 
_pdbx_entity_nonpoly.name 
_pdbx_entity_nonpoly.comp_id 
2 'NITRATE ION' NO3 
3 water         HOH 
# 
_pdbx_initial_refinement_model.id               1 
_pdbx_initial_refinement_model.entity_id_list   ? 
_pdbx_initial_refinement_model.type             'experimental model' 
_pdbx_initial_refinement_model.source_name      PDB 
_pdbx_initial_refinement_model.accession_code   1QSD 
_pdbx_initial_refinement_model.details          'PDB ENTRY 1QSD' 
# 
